data_1PLC
# 
_entry.id   1PLC 
# 
_audit_conform.dict_name       mmcif_pdbx.dic 
_audit_conform.dict_version    5.386 
_audit_conform.dict_location   http://mmcif.pdb.org/dictionaries/ascii/mmcif_pdbx.dic 
# 
loop_
_database_2.database_id 
_database_2.database_code 
_database_2.pdbx_database_accession 
_database_2.pdbx_DOI 
PDB   1PLC         pdb_00001plc 10.2210/pdb1plc/pdb 
WWPDB D_1000175720 ?            ?                   
# 
loop_
_pdbx_audit_revision_history.ordinal 
_pdbx_audit_revision_history.data_content_type 
_pdbx_audit_revision_history.major_revision 
_pdbx_audit_revision_history.minor_revision 
_pdbx_audit_revision_history.revision_date 
1 'Structure model' 1 0 1993-10-31 
2 'Structure model' 1 1 2008-03-07 
3 'Structure model' 1 2 2011-07-13 
4 'Structure model' 1 3 2017-11-29 
5 'Structure model' 1 4 2024-02-14 
# 
_pdbx_audit_revision_details.ordinal             1 
_pdbx_audit_revision_details.revision_ordinal    1 
_pdbx_audit_revision_details.data_content_type   'Structure model' 
_pdbx_audit_revision_details.provider            repository 
_pdbx_audit_revision_details.type                'Initial release' 
_pdbx_audit_revision_details.description         ? 
_pdbx_audit_revision_details.details             ? 
# 
loop_
_pdbx_audit_revision_group.ordinal 
_pdbx_audit_revision_group.revision_ordinal 
_pdbx_audit_revision_group.data_content_type 
_pdbx_audit_revision_group.group 
1 2 'Structure model' 'Version format compliance' 
2 3 'Structure model' 'Version format compliance' 
3 4 'Structure model' 'Derived calculations'      
4 4 'Structure model' Other                       
5 5 'Structure model' 'Data collection'           
6 5 'Structure model' 'Database references'       
7 5 'Structure model' 'Derived calculations'      
# 
loop_
_pdbx_audit_revision_category.ordinal 
_pdbx_audit_revision_category.revision_ordinal 
_pdbx_audit_revision_category.data_content_type 
_pdbx_audit_revision_category.category 
1 4 'Structure model' pdbx_database_status   
2 4 'Structure model' struct_conf            
3 4 'Structure model' struct_conf_type       
4 5 'Structure model' chem_comp_atom         
5 5 'Structure model' chem_comp_bond         
6 5 'Structure model' database_2             
7 5 'Structure model' pdbx_struct_conn_angle 
8 5 'Structure model' struct_conn            
9 5 'Structure model' struct_site            
# 
loop_
_pdbx_audit_revision_item.ordinal 
_pdbx_audit_revision_item.revision_ordinal 
_pdbx_audit_revision_item.data_content_type 
_pdbx_audit_revision_item.item 
1  4 'Structure model' '_pdbx_database_status.process_site'          
2  5 'Structure model' '_database_2.pdbx_DOI'                        
3  5 'Structure model' '_database_2.pdbx_database_accession'         
4  5 'Structure model' '_pdbx_struct_conn_angle.ptnr1_auth_comp_id'  
5  5 'Structure model' '_pdbx_struct_conn_angle.ptnr1_auth_seq_id'   
6  5 'Structure model' '_pdbx_struct_conn_angle.ptnr1_label_atom_id' 
7  5 'Structure model' '_pdbx_struct_conn_angle.ptnr1_label_comp_id' 
8  5 'Structure model' '_pdbx_struct_conn_angle.ptnr1_label_seq_id'  
9  5 'Structure model' '_pdbx_struct_conn_angle.ptnr3_auth_comp_id'  
10 5 'Structure model' '_pdbx_struct_conn_angle.ptnr3_auth_seq_id'   
11 5 'Structure model' '_pdbx_struct_conn_angle.ptnr3_label_atom_id' 
12 5 'Structure model' '_pdbx_struct_conn_angle.ptnr3_label_comp_id' 
13 5 'Structure model' '_pdbx_struct_conn_angle.ptnr3_label_seq_id'  
14 5 'Structure model' '_pdbx_struct_conn_angle.value'               
15 5 'Structure model' '_struct_conn.pdbx_dist_value'                
16 5 'Structure model' '_struct_conn.ptnr1_auth_comp_id'             
17 5 'Structure model' '_struct_conn.ptnr1_auth_seq_id'              
18 5 'Structure model' '_struct_conn.ptnr1_label_asym_id'            
19 5 'Structure model' '_struct_conn.ptnr1_label_atom_id'            
20 5 'Structure model' '_struct_conn.ptnr1_label_comp_id'            
21 5 'Structure model' '_struct_conn.ptnr1_label_seq_id'             
22 5 'Structure model' '_struct_conn.ptnr2_auth_comp_id'             
23 5 'Structure model' '_struct_conn.ptnr2_auth_seq_id'              
24 5 'Structure model' '_struct_conn.ptnr2_label_asym_id'            
25 5 'Structure model' '_struct_conn.ptnr2_label_atom_id'            
26 5 'Structure model' '_struct_conn.ptnr2_label_comp_id'            
27 5 'Structure model' '_struct_conn.ptnr2_label_seq_id'             
28 5 'Structure model' '_struct_site.pdbx_auth_asym_id'              
29 5 'Structure model' '_struct_site.pdbx_auth_comp_id'              
30 5 'Structure model' '_struct_site.pdbx_auth_seq_id'               
# 
_pdbx_database_PDB_obs_spr.id               SPRSDE 
_pdbx_database_PDB_obs_spr.date             1993-10-15 
_pdbx_database_PDB_obs_spr.pdb_id           1PLC 
_pdbx_database_PDB_obs_spr.replace_pdb_id   1PCY 
_pdbx_database_PDB_obs_spr.details          ? 
# 
_pdbx_database_status.status_code                     REL 
_pdbx_database_status.entry_id                        1PLC 
_pdbx_database_status.recvd_initial_deposition_date   1992-03-11 
_pdbx_database_status.deposit_site                    ? 
_pdbx_database_status.process_site                    BNL 
_pdbx_database_status.status_code_sf                  REL 
_pdbx_database_status.status_code_mr                  ? 
_pdbx_database_status.SG_entry                        ? 
_pdbx_database_status.pdb_format_compatible           Y 
_pdbx_database_status.status_code_cs                  ? 
_pdbx_database_status.methods_development_category    ? 
_pdbx_database_status.status_code_nmr_data            ? 
# 
loop_
_audit_author.name 
_audit_author.pdbx_ordinal 
'Guss, J.M.'    1 
'Freeman, H.C.' 2 
# 
loop_
_citation.id 
_citation.title 
_citation.journal_abbrev 
_citation.journal_volume 
_citation.page_first 
_citation.page_last 
_citation.year 
_citation.journal_id_ASTM 
_citation.country 
_citation.journal_id_ISSN 
_citation.journal_id_CSD 
_citation.book_publisher 
_citation.pdbx_database_id_PubMed 
_citation.pdbx_database_id_DOI 
primary 
;Accuracy and precision in protein structure analysis: restrained least-squares refinement of the structure of poplar plastocyanin at 1.33 A resolution.
;
'Acta Crystallogr.,Sect.B' 48  790 811 1992 ASBSDK DK 0108-7681 0622 ? 1492962 10.1107/S0108768192004270 
1       'Structure of Oxidized Poplar Plastocyanin at 1.6 Angstroms Resolution' J.Mol.Biol.                169 521 ?   1983 JMOBAK 
UK 0022-2836 0070 ? ?       ?                         
2       'X-Ray Crystal Structure Analysis of Plastocyanin at 2.7 Angstroms Resolution' Nature                     272 319 ?   1978 
NATUAS UK 0028-0836 0006 ? ?       ?                         
3       'Preliminary Crystallographic Data for a Copper Containing Protein, Plastocyanin' J.Mol.Biol.                110 187 ?   
1977 JMOBAK UK 0022-2836 0070 ? ?       ?                         
# 
loop_
_citation_author.citation_id 
_citation_author.name 
_citation_author.ordinal 
_citation_author.identifier_ORCID 
primary 'Guss, J.M.'       1  ? 
primary 'Bartunik, H.D.'   2  ? 
primary 'Freeman, H.C.'    3  ? 
1       'Guss, J.M.'       4  ? 
1       'Freeman, H.C.'    5  ? 
2       'Colman, P.M.'     6  ? 
2       'Freeman, H.C.'    7  ? 
2       'Guss, J.M.'       8  ? 
2       'Murata, M.'       9  ? 
2       'Norris, V.A.'     10 ? 
2       'Ramshaw, J.A.M.'  11 ? 
2       'Venkatappa, M.P.' 12 ? 
3       'Chapman, G.V.'    13 ? 
3       'Colman, P.M.'     14 ? 
3       'Freeman, H.C.'    15 ? 
3       'Guss, J.M.'       16 ? 
3       'Murata, M.'       17 ? 
3       'Norris, V.A.'     18 ? 
3       'Ramshaw, J.A.M.'  19 ? 
3       'Venkatappa, M.P.' 20 ? 
# 
loop_
_entity.id 
_entity.type 
_entity.src_method 
_entity.pdbx_description 
_entity.formula_weight 
_entity.pdbx_number_of_molecules 
_entity.pdbx_ec 
_entity.pdbx_mutation 
_entity.pdbx_fragment 
_entity.details 
1 polymer     man PLASTOCYANIN      10493.607 1   ? ? ? ? 
2 non-polymer syn 'COPPER (II) ION' 63.546    1   ? ? ? ? 
3 water       nat water             18.015    110 ? ? ? ? 
# 
_entity_poly.entity_id                      1 
_entity_poly.type                           'polypeptide(L)' 
_entity_poly.nstd_linkage                   no 
_entity_poly.nstd_monomer                   no 
_entity_poly.pdbx_seq_one_letter_code       
;IDVLLGADDGSLAFVPSEFSISPGEKIVFKNNAGFPHNIVFDEDSIPSGVDASKISMSEEDLLNAKGETFEVALSNKGEY
SFYCSPHQGAGMVGKVTVN
;
_entity_poly.pdbx_seq_one_letter_code_can   
;IDVLLGADDGSLAFVPSEFSISPGEKIVFKNNAGFPHNIVFDEDSIPSGVDASKISMSEEDLLNAKGETFEVALSNKGEY
SFYCSPHQGAGMVGKVTVN
;
_entity_poly.pdbx_strand_id                 A 
_entity_poly.pdbx_target_identifier         ? 
# 
loop_
_pdbx_entity_nonpoly.entity_id 
_pdbx_entity_nonpoly.name 
_pdbx_entity_nonpoly.comp_id 
2 'COPPER (II) ION' CU  
3 water             HOH 
# 
loop_
_entity_poly_seq.entity_id 
_entity_poly_seq.num 
_entity_poly_seq.mon_id 
_entity_poly_seq.hetero 
1 1  ILE n 
1 2  ASP n 
1 3  VAL n 
1 4  LEU n 
1 5  LEU n 
1 6  GLY n 
1 7  ALA n 
1 8  ASP n 
1 9  ASP n 
1 10 GLY n 
1 11 SER n 
1 12 LEU n 
1 13 ALA n 
1 14 PHE n 
1 15 VAL n 
1 16 PRO n 
1 17 SER n 
1 18 GLU n 
1 19 PHE n 
1 20 SER n 
1 21 ILE n 
1 22 SER n 
1 23 PRO n 
1 24 GLY n 
1 25 GLU n 
1 26 LYS n 
1 27 ILE n 
1 28 VAL n 
1 29 PHE n 
1 30 LYS n 
1 31 ASN n 
1 32 ASN n 
1 33 ALA n 
1 34 GLY n 
1 35 PHE n 
1 36 PRO n 
1 37 HIS n 
1 38 ASN n 
1 39 ILE n 
1 40 VAL n 
1 41 PHE n 
1 42 ASP n 
1 43 GLU n 
1 44 ASP n 
1 45 SER n 
1 46 ILE n 
1 47 PRO n 
1 48 SER n 
1 49 GLY n 
1 50 VAL n 
1 51 ASP n 
1 52 ALA n 
1 53 SER n 
1 54 LYS n 
1 55 ILE n 
1 56 SER n 
1 57 MET n 
1 58 SER n 
1 59 GLU n 
1 60 GLU n 
1 61 ASP n 
1 62 LEU n 
1 63 LEU n 
1 64 ASN n 
1 65 ALA n 
1 66 LYS n 
1 67 GLY n 
1 68 GLU n 
1 69 THR n 
1 70 PHE n 
1 71 GLU n 
1 72 VAL n 
1 73 ALA n 
1 74 LEU n 
1 75 SER n 
1 76 ASN n 
1 77 LYS n 
1 78 GLY n 
1 79 GLU n 
1 80 TYR n 
1 81 SER n 
1 82 PHE n 
1 83 TYR n 
1 84 CYS n 
1 85 SER n 
1 86 PRO n 
1 87 HIS n 
1 88 GLN n 
1 89 GLY n 
1 90 ALA n 
1 91 GLY n 
1 92 MET n 
1 93 VAL n 
1 94 GLY n 
1 95 LYS n 
1 96 VAL n 
1 97 THR n 
1 98 VAL n 
1 99 ASN n 
# 
_entity_src_gen.entity_id                          1 
_entity_src_gen.pdbx_src_id                        1 
_entity_src_gen.pdbx_alt_source_flag               sample 
_entity_src_gen.pdbx_seq_type                      ? 
_entity_src_gen.pdbx_beg_seq_num                   ? 
_entity_src_gen.pdbx_end_seq_num                   ? 
_entity_src_gen.gene_src_common_name               ? 
_entity_src_gen.gene_src_genus                     Populus 
_entity_src_gen.pdbx_gene_src_gene                 ? 
_entity_src_gen.gene_src_species                   ? 
_entity_src_gen.gene_src_strain                    ? 
_entity_src_gen.gene_src_tissue                    ? 
_entity_src_gen.gene_src_tissue_fraction           ? 
_entity_src_gen.gene_src_details                   ? 
_entity_src_gen.pdbx_gene_src_fragment             ? 
_entity_src_gen.pdbx_gene_src_scientific_name      'Populus nigra' 
_entity_src_gen.pdbx_gene_src_ncbi_taxonomy_id     3691 
_entity_src_gen.pdbx_gene_src_variant              ? 
_entity_src_gen.pdbx_gene_src_cell_line            ? 
_entity_src_gen.pdbx_gene_src_atcc                 ? 
_entity_src_gen.pdbx_gene_src_organ                ? 
_entity_src_gen.pdbx_gene_src_organelle            ? 
_entity_src_gen.pdbx_gene_src_cell                 ? 
_entity_src_gen.pdbx_gene_src_cellular_location    ? 
_entity_src_gen.host_org_common_name               ? 
_entity_src_gen.pdbx_host_org_scientific_name      ? 
_entity_src_gen.pdbx_host_org_ncbi_taxonomy_id     ? 
_entity_src_gen.host_org_genus                     ? 
_entity_src_gen.pdbx_host_org_gene                 ? 
_entity_src_gen.pdbx_host_org_organ                ? 
_entity_src_gen.host_org_species                   ? 
_entity_src_gen.pdbx_host_org_tissue               ? 
_entity_src_gen.pdbx_host_org_tissue_fraction      ? 
_entity_src_gen.pdbx_host_org_strain               ? 
_entity_src_gen.pdbx_host_org_variant              ? 
_entity_src_gen.pdbx_host_org_cell_line            ? 
_entity_src_gen.pdbx_host_org_atcc                 ? 
_entity_src_gen.pdbx_host_org_culture_collection   ? 
_entity_src_gen.pdbx_host_org_cell                 ? 
_entity_src_gen.pdbx_host_org_organelle            ? 
_entity_src_gen.pdbx_host_org_cellular_location    ? 
_entity_src_gen.pdbx_host_org_vector_type          ? 
_entity_src_gen.pdbx_host_org_vector               ? 
_entity_src_gen.host_org_details                   ? 
_entity_src_gen.expression_system_id               ? 
_entity_src_gen.plasmid_name                       ? 
_entity_src_gen.plasmid_details                    ? 
_entity_src_gen.pdbx_description                   ? 
# 
loop_
_chem_comp.id 
_chem_comp.type 
_chem_comp.mon_nstd_flag 
_chem_comp.name 
_chem_comp.pdbx_synonyms 
_chem_comp.formula 
_chem_comp.formula_weight 
ALA 'L-peptide linking' y ALANINE           ? 'C3 H7 N O2'     89.093  
ASN 'L-peptide linking' y ASPARAGINE        ? 'C4 H8 N2 O3'    132.118 
ASP 'L-peptide linking' y 'ASPARTIC ACID'   ? 'C4 H7 N O4'     133.103 
CU  non-polymer         . 'COPPER (II) ION' ? 'Cu 2'           63.546  
CYS 'L-peptide linking' y CYSTEINE          ? 'C3 H7 N O2 S'   121.158 
GLN 'L-peptide linking' y GLUTAMINE         ? 'C5 H10 N2 O3'   146.144 
GLU 'L-peptide linking' y 'GLUTAMIC ACID'   ? 'C5 H9 N O4'     147.129 
GLY 'peptide linking'   y GLYCINE           ? 'C2 H5 N O2'     75.067  
HIS 'L-peptide linking' y HISTIDINE         ? 'C6 H10 N3 O2 1' 156.162 
HOH non-polymer         . WATER             ? 'H2 O'           18.015  
ILE 'L-peptide linking' y ISOLEUCINE        ? 'C6 H13 N O2'    131.173 
LEU 'L-peptide linking' y LEUCINE           ? 'C6 H13 N O2'    131.173 
LYS 'L-peptide linking' y LYSINE            ? 'C6 H15 N2 O2 1' 147.195 
MET 'L-peptide linking' y METHIONINE        ? 'C5 H11 N O2 S'  149.211 
PHE 'L-peptide linking' y PHENYLALANINE     ? 'C9 H11 N O2'    165.189 
PRO 'L-peptide linking' y PROLINE           ? 'C5 H9 N O2'     115.130 
SER 'L-peptide linking' y SERINE            ? 'C3 H7 N O3'     105.093 
THR 'L-peptide linking' y THREONINE         ? 'C4 H9 N O3'     119.119 
TYR 'L-peptide linking' y TYROSINE          ? 'C9 H11 N O3'    181.189 
VAL 'L-peptide linking' y VALINE            ? 'C5 H11 N O2'    117.146 
# 
loop_
_pdbx_poly_seq_scheme.asym_id 
_pdbx_poly_seq_scheme.entity_id 
_pdbx_poly_seq_scheme.seq_id 
_pdbx_poly_seq_scheme.mon_id 
_pdbx_poly_seq_scheme.ndb_seq_num 
_pdbx_poly_seq_scheme.pdb_seq_num 
_pdbx_poly_seq_scheme.auth_seq_num 
_pdbx_poly_seq_scheme.pdb_mon_id 
_pdbx_poly_seq_scheme.auth_mon_id 
_pdbx_poly_seq_scheme.pdb_strand_id 
_pdbx_poly_seq_scheme.pdb_ins_code 
_pdbx_poly_seq_scheme.hetero 
A 1 1  ILE 1  1  1  ILE ILE A . n 
A 1 2  ASP 2  2  2  ASP ASP A . n 
A 1 3  VAL 3  3  3  VAL VAL A . n 
A 1 4  LEU 4  4  4  LEU LEU A . n 
A 1 5  LEU 5  5  5  LEU LEU A . n 
A 1 6  GLY 6  6  6  GLY GLY A . n 
A 1 7  ALA 7  7  7  ALA ALA A . n 
A 1 8  ASP 8  8  8  ASP ASP A . n 
A 1 9  ASP 9  9  9  ASP ASP A . n 
A 1 10 GLY 10 10 10 GLY GLY A . n 
A 1 11 SER 11 11 11 SER SER A . n 
A 1 12 LEU 12 12 12 LEU LEU A . n 
A 1 13 ALA 13 13 13 ALA ALA A . n 
A 1 14 PHE 14 14 14 PHE PHE A . n 
A 1 15 VAL 15 15 15 VAL VAL A . n 
A 1 16 PRO 16 16 16 PRO PRO A . n 
A 1 17 SER 17 17 17 SER SER A . n 
A 1 18 GLU 18 18 18 GLU GLU A . n 
A 1 19 PHE 19 19 19 PHE PHE A . n 
A 1 20 SER 20 20 20 SER SER A . n 
A 1 21 ILE 21 21 21 ILE ILE A . n 
A 1 22 SER 22 22 22 SER SER A . n 
A 1 23 PRO 23 23 23 PRO PRO A . n 
A 1 24 GLY 24 24 24 GLY GLY A . n 
A 1 25 GLU 25 25 25 GLU GLU A . n 
A 1 26 LYS 26 26 26 LYS LYS A . n 
A 1 27 ILE 27 27 27 ILE ILE A . n 
A 1 28 VAL 28 28 28 VAL VAL A . n 
A 1 29 PHE 29 29 29 PHE PHE A . n 
A 1 30 LYS 30 30 30 LYS LYS A . n 
A 1 31 ASN 31 31 31 ASN ASN A . n 
A 1 32 ASN 32 32 32 ASN ASN A . n 
A 1 33 ALA 33 33 33 ALA ALA A . n 
A 1 34 GLY 34 34 34 GLY GLY A . n 
A 1 35 PHE 35 35 35 PHE PHE A . n 
A 1 36 PRO 36 36 36 PRO PRO A . n 
A 1 37 HIS 37 37 37 HIS HIS A . n 
A 1 38 ASN 38 38 38 ASN ASN A . n 
A 1 39 ILE 39 39 39 ILE ILE A . n 
A 1 40 VAL 40 40 40 VAL VAL A . n 
A 1 41 PHE 41 41 41 PHE PHE A . n 
A 1 42 ASP 42 42 42 ASP ASP A . n 
A 1 43 GLU 43 43 43 GLU GLU A . n 
A 1 44 ASP 44 44 44 ASP ASP A . n 
A 1 45 SER 45 45 45 SER SER A . n 
A 1 46 ILE 46 46 46 ILE ILE A . n 
A 1 47 PRO 47 47 47 PRO PRO A . n 
A 1 48 SER 48 48 48 SER SER A . n 
A 1 49 GLY 49 49 49 GLY GLY A . n 
A 1 50 VAL 50 50 50 VAL VAL A . n 
A 1 51 ASP 51 51 51 ASP ASP A . n 
A 1 52 ALA 52 52 52 ALA ALA A . n 
A 1 53 SER 53 53 53 SER SER A . n 
A 1 54 LYS 54 54 54 LYS LYS A . n 
A 1 55 ILE 55 55 55 ILE ILE A . n 
A 1 56 SER 56 56 56 SER SER A . n 
A 1 57 MET 57 57 57 MET MET A . n 
A 1 58 SER 58 58 58 SER SER A . n 
A 1 59 GLU 59 59 59 GLU GLU A . n 
A 1 60 GLU 60 60 60 GLU GLU A . n 
A 1 61 ASP 61 61 61 ASP ASP A . n 
A 1 62 LEU 62 62 62 LEU LEU A . n 
A 1 63 LEU 63 63 63 LEU LEU A . n 
A 1 64 ASN 64 64 64 ASN ASN A . n 
A 1 65 ALA 65 65 65 ALA ALA A . n 
A 1 66 LYS 66 66 66 LYS LYS A . n 
A 1 67 GLY 67 67 67 GLY GLY A . n 
A 1 68 GLU 68 68 68 GLU GLU A . n 
A 1 69 THR 69 69 69 THR THR A . n 
A 1 70 PHE 70 70 70 PHE PHE A . n 
A 1 71 GLU 71 71 71 GLU GLU A . n 
A 1 72 VAL 72 72 72 VAL VAL A . n 
A 1 73 ALA 73 73 73 ALA ALA A . n 
A 1 74 LEU 74 74 74 LEU LEU A . n 
A 1 75 SER 75 75 75 SER SER A . n 
A 1 76 ASN 76 76 76 ASN ASN A . n 
A 1 77 LYS 77 77 77 LYS LYS A . n 
A 1 78 GLY 78 78 78 GLY GLY A . n 
A 1 79 GLU 79 79 79 GLU GLU A . n 
A 1 80 TYR 80 80 80 TYR TYR A . n 
A 1 81 SER 81 81 81 SER SER A . n 
A 1 82 PHE 82 82 82 PHE PHE A . n 
A 1 83 TYR 83 83 83 TYR TYR A . n 
A 1 84 CYS 84 84 84 CYS CYS A . n 
A 1 85 SER 85 85 85 SER SER A . n 
A 1 86 PRO 86 86 86 PRO PRO A . n 
A 1 87 HIS 87 87 87 HIS HIS A . n 
A 1 88 GLN 88 88 88 GLN GLN A . n 
A 1 89 GLY 89 89 89 GLY GLY A . n 
A 1 90 ALA 90 90 90 ALA ALA A . n 
A 1 91 GLY 91 91 91 GLY GLY A . n 
A 1 92 MET 92 92 92 MET MET A . n 
A 1 93 VAL 93 93 93 VAL VAL A . n 
A 1 94 GLY 94 94 94 GLY GLY A . n 
A 1 95 LYS 95 95 95 LYS LYS A . n 
A 1 96 VAL 96 96 96 VAL VAL A . n 
A 1 97 THR 97 97 97 THR THR A . n 
A 1 98 VAL 98 98 98 VAL VAL A . n 
A 1 99 ASN 99 99 99 ASN ASN A . n 
# 
loop_
_pdbx_nonpoly_scheme.asym_id 
_pdbx_nonpoly_scheme.entity_id 
_pdbx_nonpoly_scheme.mon_id 
_pdbx_nonpoly_scheme.ndb_seq_num 
_pdbx_nonpoly_scheme.pdb_seq_num 
_pdbx_nonpoly_scheme.auth_seq_num 
_pdbx_nonpoly_scheme.pdb_mon_id 
_pdbx_nonpoly_scheme.auth_mon_id 
_pdbx_nonpoly_scheme.pdb_strand_id 
_pdbx_nonpoly_scheme.pdb_ins_code 
B 2 CU  1   100 100 CU  CU  A . 
C 3 HOH 1   101 101 HOH HOH A . 
C 3 HOH 2   102 102 HOH HOH A . 
C 3 HOH 3   103 103 HOH HOH A . 
C 3 HOH 4   104 104 HOH HOH A . 
C 3 HOH 5   105 105 HOH HOH A . 
C 3 HOH 6   106 106 HOH HOH A . 
C 3 HOH 7   107 107 HOH HOH A . 
C 3 HOH 8   108 108 HOH HOH A . 
C 3 HOH 9   109 109 HOH HOH A . 
C 3 HOH 10  110 110 HOH HOH A . 
C 3 HOH 11  111 111 HOH HOH A . 
C 3 HOH 12  112 112 HOH HOH A . 
C 3 HOH 13  113 113 HOH HOH A . 
C 3 HOH 14  114 114 HOH HOH A . 
C 3 HOH 15  115 115 HOH HOH A . 
C 3 HOH 16  116 116 HOH HOH A . 
C 3 HOH 17  117 117 HOH HOH A . 
C 3 HOH 18  118 118 HOH HOH A . 
C 3 HOH 19  119 119 HOH HOH A . 
C 3 HOH 20  120 120 HOH HOH A . 
C 3 HOH 21  121 121 HOH HOH A . 
C 3 HOH 22  122 122 HOH HOH A . 
C 3 HOH 23  123 123 HOH HOH A . 
C 3 HOH 24  124 124 HOH HOH A . 
C 3 HOH 25  125 125 HOH HOH A . 
C 3 HOH 26  126 126 HOH HOH A . 
C 3 HOH 27  127 127 HOH HOH A . 
C 3 HOH 28  128 128 HOH HOH A . 
C 3 HOH 29  129 129 HOH HOH A . 
C 3 HOH 30  130 130 HOH HOH A . 
C 3 HOH 31  131 131 HOH HOH A . 
C 3 HOH 32  132 132 HOH HOH A . 
C 3 HOH 33  133 133 HOH HOH A . 
C 3 HOH 34  134 134 HOH HOH A . 
C 3 HOH 35  135 135 HOH HOH A . 
C 3 HOH 36  136 136 HOH HOH A . 
C 3 HOH 37  137 137 HOH HOH A . 
C 3 HOH 38  138 138 HOH HOH A . 
C 3 HOH 39  139 139 HOH HOH A . 
C 3 HOH 40  140 140 HOH HOH A . 
C 3 HOH 41  141 141 HOH HOH A . 
C 3 HOH 42  142 142 HOH HOH A . 
C 3 HOH 43  143 143 HOH HOH A . 
C 3 HOH 44  144 144 HOH HOH A . 
C 3 HOH 45  145 145 HOH HOH A . 
C 3 HOH 46  146 146 HOH HOH A . 
C 3 HOH 47  147 147 HOH HOH A . 
C 3 HOH 48  148 148 HOH HOH A . 
C 3 HOH 49  149 149 HOH HOH A . 
C 3 HOH 50  150 150 HOH HOH A . 
C 3 HOH 51  151 151 HOH HOH A . 
C 3 HOH 52  152 152 HOH HOH A . 
C 3 HOH 53  153 153 HOH HOH A . 
C 3 HOH 54  154 154 HOH HOH A . 
C 3 HOH 55  155 155 HOH HOH A . 
C 3 HOH 56  156 156 HOH HOH A . 
C 3 HOH 57  157 157 HOH HOH A . 
C 3 HOH 58  158 158 HOH HOH A . 
C 3 HOH 59  159 159 HOH HOH A . 
C 3 HOH 60  160 160 HOH HOH A . 
C 3 HOH 61  161 161 HOH HOH A . 
C 3 HOH 62  162 162 HOH HOH A . 
C 3 HOH 63  163 163 HOH HOH A . 
C 3 HOH 64  164 164 HOH HOH A . 
C 3 HOH 65  165 165 HOH HOH A . 
C 3 HOH 66  166 166 HOH HOH A . 
C 3 HOH 67  167 167 HOH HOH A . 
C 3 HOH 68  168 168 HOH HOH A . 
C 3 HOH 69  169 169 HOH HOH A . 
C 3 HOH 70  170 170 HOH HOH A . 
C 3 HOH 71  171 171 HOH HOH A . 
C 3 HOH 72  172 172 HOH HOH A . 
C 3 HOH 73  173 173 HOH HOH A . 
C 3 HOH 74  174 174 HOH HOH A . 
C 3 HOH 75  175 175 HOH HOH A . 
C 3 HOH 76  176 176 HOH HOH A . 
C 3 HOH 77  177 177 HOH HOH A . 
C 3 HOH 78  178 178 HOH HOH A . 
C 3 HOH 79  179 179 HOH HOH A . 
C 3 HOH 80  180 180 HOH HOH A . 
C 3 HOH 81  181 181 HOH HOH A . 
C 3 HOH 82  182 182 HOH HOH A . 
C 3 HOH 83  183 183 HOH HOH A . 
C 3 HOH 84  184 184 HOH HOH A . 
C 3 HOH 85  185 185 HOH HOH A . 
C 3 HOH 86  186 186 HOH HOH A . 
C 3 HOH 87  187 187 HOH HOH A . 
C 3 HOH 88  188 188 HOH HOH A . 
C 3 HOH 89  189 189 HOH HOH A . 
C 3 HOH 90  190 190 HOH HOH A . 
C 3 HOH 91  191 191 HOH HOH A . 
C 3 HOH 92  192 192 HOH HOH A . 
C 3 HOH 93  193 193 HOH HOH A . 
C 3 HOH 94  194 194 HOH HOH A . 
C 3 HOH 95  195 195 HOH HOH A . 
C 3 HOH 96  196 196 HOH HOH A . 
C 3 HOH 97  197 197 HOH HOH A . 
C 3 HOH 98  198 198 HOH HOH A . 
C 3 HOH 99  199 199 HOH HOH A . 
C 3 HOH 100 200 200 HOH HOH A . 
C 3 HOH 101 201 201 HOH HOH A . 
C 3 HOH 102 202 202 HOH HOH A . 
C 3 HOH 103 203 203 HOH HOH A . 
C 3 HOH 104 204 204 HOH HOH A . 
C 3 HOH 105 205 205 HOH HOH A . 
C 3 HOH 106 206 206 HOH HOH A . 
C 3 HOH 107 207 207 HOH HOH A . 
C 3 HOH 108 208 208 HOH HOH A . 
C 3 HOH 109 209 209 HOH HOH A . 
C 3 HOH 110 210 210 HOH HOH A . 
# 
_software.name             PROLSQ 
_software.classification   refinement 
_software.version          . 
_software.citation_id      ? 
_software.pdbx_ordinal     1 
# 
_cell.entry_id           1PLC 
_cell.length_a           29.600 
_cell.length_b           46.860 
_cell.length_c           57.600 
_cell.angle_alpha        90.00 
_cell.angle_beta         90.00 
_cell.angle_gamma        90.00 
_cell.Z_PDB              4 
_cell.pdbx_unique_axis   ? 
# 
_symmetry.entry_id                         1PLC 
_symmetry.space_group_name_H-M             'P 21 21 21' 
_symmetry.pdbx_full_space_group_name_H-M   ? 
_symmetry.cell_setting                     ? 
_symmetry.Int_Tables_number                19 
# 
_exptl.entry_id          1PLC 
_exptl.method            'X-RAY DIFFRACTION' 
_exptl.crystals_number   ? 
# 
_exptl_crystal.id                    1 
_exptl_crystal.density_meas          ? 
_exptl_crystal.density_Matthews      1.90 
_exptl_crystal.density_percent_sol   35.35 
_exptl_crystal.description           ? 
# 
_diffrn.id                     1 
_diffrn.ambient_temp           ? 
_diffrn.ambient_temp_details   ? 
_diffrn.crystal_id             1 
# 
_diffrn_radiation.diffrn_id                        1 
_diffrn_radiation.wavelength_id                    1 
_diffrn_radiation.pdbx_monochromatic_or_laue_m_l   ? 
_diffrn_radiation.monochromator                    ? 
_diffrn_radiation.pdbx_diffrn_protocol             ? 
_diffrn_radiation.pdbx_scattering_type             x-ray 
# 
_diffrn_radiation_wavelength.id           1 
_diffrn_radiation_wavelength.wavelength   . 
_diffrn_radiation_wavelength.wt           1.0 
# 
_refine.entry_id                                 1PLC 
_refine.ls_number_reflns_obs                     14303 
_refine.ls_number_reflns_all                     ? 
_refine.pdbx_ls_sigma_I                          ? 
_refine.pdbx_ls_sigma_F                          ? 
_refine.pdbx_data_cutoff_high_absF               ? 
_refine.pdbx_data_cutoff_low_absF                ? 
_refine.pdbx_data_cutoff_high_rms_absF           ? 
_refine.ls_d_res_low                             8. 
_refine.ls_d_res_high                            1.33 
_refine.ls_percent_reflns_obs                    ? 
_refine.ls_R_factor_obs                          0.1500000 
_refine.ls_R_factor_all                          ? 
_refine.ls_R_factor_R_work                       ? 
_refine.ls_R_factor_R_free                       ? 
_refine.ls_R_factor_R_free_error                 ? 
_refine.ls_R_factor_R_free_error_details         ? 
_refine.ls_percent_reflns_R_free                 ? 
_refine.ls_number_reflns_R_free                  ? 
_refine.ls_number_parameters                     ? 
_refine.ls_number_restraints                     ? 
_refine.occupancy_min                            ? 
_refine.occupancy_max                            ? 
_refine.B_iso_mean                               ? 
_refine.aniso_B[1][1]                            ? 
_refine.aniso_B[2][2]                            ? 
_refine.aniso_B[3][3]                            ? 
_refine.aniso_B[1][2]                            ? 
_refine.aniso_B[1][3]                            ? 
_refine.aniso_B[2][3]                            ? 
_refine.solvent_model_details                    ? 
_refine.solvent_model_param_ksol                 ? 
_refine.solvent_model_param_bsol                 ? 
_refine.pdbx_ls_cross_valid_method               ? 
_refine.details                                  ? 
_refine.pdbx_starting_model                      ? 
_refine.pdbx_method_to_determine_struct          ? 
_refine.pdbx_isotropic_thermal_model             ? 
_refine.pdbx_stereochemistry_target_values       ? 
_refine.pdbx_stereochem_target_val_spec_case     ? 
_refine.pdbx_R_Free_selection_details            ? 
_refine.pdbx_overall_ESU_R                       ? 
_refine.pdbx_overall_ESU_R_Free                  ? 
_refine.overall_SU_ML                            ? 
_refine.overall_SU_B                             ? 
_refine.pdbx_refine_id                           'X-RAY DIFFRACTION' 
_refine.pdbx_diffrn_id                           1 
_refine.pdbx_TLS_residual_ADP_flag               ? 
_refine.correlation_coeff_Fo_to_Fc               ? 
_refine.correlation_coeff_Fo_to_Fc_free          ? 
_refine.pdbx_solvent_vdw_probe_radii             ? 
_refine.pdbx_solvent_ion_probe_radii             ? 
_refine.pdbx_solvent_shrinkage_radii             ? 
_refine.pdbx_overall_phase_error                 ? 
_refine.overall_SU_R_Cruickshank_DPI             ? 
_refine.pdbx_overall_SU_R_free_Cruickshank_DPI   ? 
_refine.pdbx_overall_SU_R_Blow_DPI               ? 
_refine.pdbx_overall_SU_R_free_Blow_DPI          ? 
# 
_refine_hist.pdbx_refine_id                   'X-RAY DIFFRACTION' 
_refine_hist.cycle_id                         LAST 
_refine_hist.pdbx_number_atoms_protein        1546 
_refine_hist.pdbx_number_atoms_nucleic_acid   0 
_refine_hist.pdbx_number_atoms_ligand         1 
_refine_hist.number_atoms_solvent             110 
_refine_hist.number_atoms_total               1657 
_refine_hist.d_res_high                       1.33 
_refine_hist.d_res_low                        8. 
# 
loop_
_refine_ls_restr.type 
_refine_ls_restr.dev_ideal 
_refine_ls_restr.dev_ideal_target 
_refine_ls_restr.weight 
_refine_ls_restr.number 
_refine_ls_restr.pdbx_refine_id 
_refine_ls_restr.pdbx_restraint_function 
p_bond_d            0.016 0.030 ? ? 'X-RAY DIFFRACTION' ? 
p_angle_d           0.032 0.040 ? ? 'X-RAY DIFFRACTION' ? 
p_angle_deg         ?     ?     ? ? 'X-RAY DIFFRACTION' ? 
p_planar_d          0.036 0.050 ? ? 'X-RAY DIFFRACTION' ? 
p_hb_or_metal_coord ?     ?     ? ? 'X-RAY DIFFRACTION' ? 
p_mcbond_it         2.2   5.0   ? ? 'X-RAY DIFFRACTION' ? 
p_mcangle_it        3.0   3.0   ? ? 'X-RAY DIFFRACTION' ? 
p_scbond_it         3.9   10.0  ? ? 'X-RAY DIFFRACTION' ? 
p_scangle_it        6.0   15.0  ? ? 'X-RAY DIFFRACTION' ? 
p_plane_restr       0.011 0.020 ? ? 'X-RAY DIFFRACTION' ? 
p_chiral_restr      0.118 0.150 ? ? 'X-RAY DIFFRACTION' ? 
p_singtor_nbd       0.143 0.500 ? ? 'X-RAY DIFFRACTION' ? 
p_multtor_nbd       0.199 0.500 ? ? 'X-RAY DIFFRACTION' ? 
p_xhyhbond_nbd      ?     ?     ? ? 'X-RAY DIFFRACTION' ? 
p_xyhbond_nbd       ?     ?     ? ? 'X-RAY DIFFRACTION' ? 
p_planar_tor        2.6   5.0   ? ? 'X-RAY DIFFRACTION' ? 
p_staggered_tor     ?     ?     ? ? 'X-RAY DIFFRACTION' ? 
p_orthonormal_tor   ?     ?     ? ? 'X-RAY DIFFRACTION' ? 
p_transverse_tor    ?     ?     ? ? 'X-RAY DIFFRACTION' ? 
p_special_tor       ?     ?     ? ? 'X-RAY DIFFRACTION' ? 
# 
_struct.entry_id                  1PLC 
_struct.title                     
;ACCURACY AND PRECISION IN PROTEIN CRYSTAL STRUCTURE ANALYSIS: RESTRAINED LEAST-SQUARES REFINEMENT OF THE CRYSTAL STRUCTURE OF POPLAR PLASTOCYANIN AT 1.33 ANGSTROMS RESOLUTION
;
_struct.pdbx_model_details        ? 
_struct.pdbx_CASP_flag            ? 
_struct.pdbx_model_type_details   ? 
# 
_struct_keywords.entry_id        1PLC 
_struct_keywords.pdbx_keywords   'ELECTRON TRANSPORT' 
_struct_keywords.text            'ELECTRON TRANSPORT' 
# 
loop_
_struct_asym.id 
_struct_asym.pdbx_blank_PDB_chainid_flag 
_struct_asym.pdbx_modified 
_struct_asym.entity_id 
_struct_asym.details 
A N N 1 ? 
B N N 2 ? 
C N N 3 ? 
# 
_struct_ref.id                         1 
_struct_ref.db_name                    UNP 
_struct_ref.db_code                    PLAS1_POPNI 
_struct_ref.entity_id                  1 
_struct_ref.pdbx_db_accession          P00299 
_struct_ref.pdbx_align_begin           1 
_struct_ref.pdbx_seq_one_letter_code   
;MATVTSAAVSIPSFTGLKAGSASNAKVSASAKVSASPLPRLSIKASMKDVGAAVVATAASAMIASNAMAIDVLLGADDGS
LAFVPSEFSISPGEKIVFKNNAGFPHNIVFDEDSIPSGVDASKISMSEEDLLNAKGETFEVALSNKGEYSFYCSPHQGAG
MVGKVTVN
;
_struct_ref.pdbx_db_isoform            ? 
# 
_struct_ref_seq.align_id                      1 
_struct_ref_seq.ref_id                        1 
_struct_ref_seq.pdbx_PDB_id_code              1PLC 
_struct_ref_seq.pdbx_strand_id                A 
_struct_ref_seq.seq_align_beg                 1 
_struct_ref_seq.pdbx_seq_align_beg_ins_code   ? 
_struct_ref_seq.seq_align_end                 99 
_struct_ref_seq.pdbx_seq_align_end_ins_code   ? 
_struct_ref_seq.pdbx_db_accession             P00299 
_struct_ref_seq.db_align_beg                  70 
_struct_ref_seq.pdbx_db_align_beg_ins_code    ? 
_struct_ref_seq.db_align_end                  168 
_struct_ref_seq.pdbx_db_align_end_ins_code    ? 
_struct_ref_seq.pdbx_auth_seq_align_beg       1 
_struct_ref_seq.pdbx_auth_seq_align_end       99 
# 
_pdbx_struct_assembly.id                   1 
_pdbx_struct_assembly.details              author_defined_assembly 
_pdbx_struct_assembly.method_details       ? 
_pdbx_struct_assembly.oligomeric_details   monomeric 
_pdbx_struct_assembly.oligomeric_count     1 
# 
_pdbx_struct_assembly_gen.assembly_id       1 
_pdbx_struct_assembly_gen.oper_expression   1 
_pdbx_struct_assembly_gen.asym_id_list      A,B,C 
# 
_pdbx_struct_oper_list.id                   1 
_pdbx_struct_oper_list.type                 'identity operation' 
_pdbx_struct_oper_list.name                 1_555 
_pdbx_struct_oper_list.symmetry_operation   x,y,z 
_pdbx_struct_oper_list.matrix[1][1]         1.0000000000 
_pdbx_struct_oper_list.matrix[1][2]         0.0000000000 
_pdbx_struct_oper_list.matrix[1][3]         0.0000000000 
_pdbx_struct_oper_list.vector[1]            0.0000000000 
_pdbx_struct_oper_list.matrix[2][1]         0.0000000000 
_pdbx_struct_oper_list.matrix[2][2]         1.0000000000 
_pdbx_struct_oper_list.matrix[2][3]         0.0000000000 
_pdbx_struct_oper_list.vector[2]            0.0000000000 
_pdbx_struct_oper_list.matrix[3][1]         0.0000000000 
_pdbx_struct_oper_list.matrix[3][2]         0.0000000000 
_pdbx_struct_oper_list.matrix[3][3]         1.0000000000 
_pdbx_struct_oper_list.vector[3]            0.0000000000 
# 
_struct_biol.id   1 
# 
_struct_conf.conf_type_id            HELX_P 
_struct_conf.id                      HELX_P1 
_struct_conf.pdbx_PDB_helix_id       H1 
_struct_conf.beg_label_comp_id       ALA 
_struct_conf.beg_label_asym_id       A 
_struct_conf.beg_label_seq_id        52 
_struct_conf.pdbx_beg_PDB_ins_code   ? 
_struct_conf.end_label_comp_id       ILE 
_struct_conf.end_label_asym_id       A 
_struct_conf.end_label_seq_id        55 
_struct_conf.pdbx_end_PDB_ins_code   ? 
_struct_conf.beg_auth_comp_id        ALA 
_struct_conf.beg_auth_asym_id        A 
_struct_conf.beg_auth_seq_id         52 
_struct_conf.end_auth_comp_id        ILE 
_struct_conf.end_auth_asym_id        A 
_struct_conf.end_auth_seq_id         55 
_struct_conf.pdbx_PDB_helix_class    1 
_struct_conf.details                 'THE ONLY TURN OF HELIX' 
_struct_conf.pdbx_PDB_helix_length   4 
# 
_struct_conf_type.id          HELX_P 
_struct_conf_type.criteria    ? 
_struct_conf_type.reference   ? 
# 
loop_
_struct_conn.id 
_struct_conn.conn_type_id 
_struct_conn.pdbx_leaving_atom_flag 
_struct_conn.pdbx_PDB_id 
_struct_conn.ptnr1_label_asym_id 
_struct_conn.ptnr1_label_comp_id 
_struct_conn.ptnr1_label_seq_id 
_struct_conn.ptnr1_label_atom_id 
_struct_conn.pdbx_ptnr1_label_alt_id 
_struct_conn.pdbx_ptnr1_PDB_ins_code 
_struct_conn.pdbx_ptnr1_standard_comp_id 
_struct_conn.ptnr1_symmetry 
_struct_conn.ptnr2_label_asym_id 
_struct_conn.ptnr2_label_comp_id 
_struct_conn.ptnr2_label_seq_id 
_struct_conn.ptnr2_label_atom_id 
_struct_conn.pdbx_ptnr2_label_alt_id 
_struct_conn.pdbx_ptnr2_PDB_ins_code 
_struct_conn.ptnr1_auth_asym_id 
_struct_conn.ptnr1_auth_comp_id 
_struct_conn.ptnr1_auth_seq_id 
_struct_conn.ptnr2_auth_asym_id 
_struct_conn.ptnr2_auth_comp_id 
_struct_conn.ptnr2_auth_seq_id 
_struct_conn.ptnr2_symmetry 
_struct_conn.pdbx_ptnr3_label_atom_id 
_struct_conn.pdbx_ptnr3_label_seq_id 
_struct_conn.pdbx_ptnr3_label_comp_id 
_struct_conn.pdbx_ptnr3_label_asym_id 
_struct_conn.pdbx_ptnr3_label_alt_id 
_struct_conn.pdbx_ptnr3_PDB_ins_code 
_struct_conn.details 
_struct_conn.pdbx_dist_value 
_struct_conn.pdbx_value_order 
_struct_conn.pdbx_role 
metalc1 metalc ? ? A HIS 37 ND1 ? ? ? 1_555 B CU . CU ? ? A HIS 37 A CU 100 1_555 ? ? ? ? ? ? ? 1.906 ? ? 
metalc2 metalc ? ? A CYS 84 SG  ? ? ? 1_555 B CU . CU ? ? A CYS 84 A CU 100 1_555 ? ? ? ? ? ? ? 2.067 ? ? 
metalc3 metalc ? ? A HIS 87 ND1 ? ? ? 1_555 B CU . CU ? ? A HIS 87 A CU 100 1_555 ? ? ? ? ? ? ? 2.059 ? ? 
# 
_struct_conn_type.id          metalc 
_struct_conn_type.criteria    ? 
_struct_conn_type.reference   ? 
# 
loop_
_pdbx_struct_conn_angle.id 
_pdbx_struct_conn_angle.ptnr1_label_atom_id 
_pdbx_struct_conn_angle.ptnr1_label_alt_id 
_pdbx_struct_conn_angle.ptnr1_label_asym_id 
_pdbx_struct_conn_angle.ptnr1_label_comp_id 
_pdbx_struct_conn_angle.ptnr1_label_seq_id 
_pdbx_struct_conn_angle.ptnr1_auth_atom_id 
_pdbx_struct_conn_angle.ptnr1_auth_asym_id 
_pdbx_struct_conn_angle.ptnr1_auth_comp_id 
_pdbx_struct_conn_angle.ptnr1_auth_seq_id 
_pdbx_struct_conn_angle.ptnr1_PDB_ins_code 
_pdbx_struct_conn_angle.ptnr1_symmetry 
_pdbx_struct_conn_angle.ptnr2_label_atom_id 
_pdbx_struct_conn_angle.ptnr2_label_alt_id 
_pdbx_struct_conn_angle.ptnr2_label_asym_id 
_pdbx_struct_conn_angle.ptnr2_label_comp_id 
_pdbx_struct_conn_angle.ptnr2_label_seq_id 
_pdbx_struct_conn_angle.ptnr2_auth_atom_id 
_pdbx_struct_conn_angle.ptnr2_auth_asym_id 
_pdbx_struct_conn_angle.ptnr2_auth_comp_id 
_pdbx_struct_conn_angle.ptnr2_auth_seq_id 
_pdbx_struct_conn_angle.ptnr2_PDB_ins_code 
_pdbx_struct_conn_angle.ptnr2_symmetry 
_pdbx_struct_conn_angle.ptnr3_label_atom_id 
_pdbx_struct_conn_angle.ptnr3_label_alt_id 
_pdbx_struct_conn_angle.ptnr3_label_asym_id 
_pdbx_struct_conn_angle.ptnr3_label_comp_id 
_pdbx_struct_conn_angle.ptnr3_label_seq_id 
_pdbx_struct_conn_angle.ptnr3_auth_atom_id 
_pdbx_struct_conn_angle.ptnr3_auth_asym_id 
_pdbx_struct_conn_angle.ptnr3_auth_comp_id 
_pdbx_struct_conn_angle.ptnr3_auth_seq_id 
_pdbx_struct_conn_angle.ptnr3_PDB_ins_code 
_pdbx_struct_conn_angle.ptnr3_symmetry 
_pdbx_struct_conn_angle.value 
_pdbx_struct_conn_angle.value_esd 
1 ND1 ? A HIS 37 ? A HIS 37 ? 1_555 CU ? B CU . ? A CU 100 ? 1_555 SG  ? A CYS 84 ? A CYS 84 ? 1_555 131.7 ? 
2 ND1 ? A HIS 37 ? A HIS 37 ? 1_555 CU ? B CU . ? A CU 100 ? 1_555 ND1 ? A HIS 87 ? A HIS 87 ? 1_555 97.2  ? 
3 SG  ? A CYS 84 ? A CYS 84 ? 1_555 CU ? B CU . ? A CU 100 ? 1_555 ND1 ? A HIS 87 ? A HIS 87 ? 1_555 121.0 ? 
# 
loop_
_struct_mon_prot_cis.pdbx_id 
_struct_mon_prot_cis.label_comp_id 
_struct_mon_prot_cis.label_seq_id 
_struct_mon_prot_cis.label_asym_id 
_struct_mon_prot_cis.label_alt_id 
_struct_mon_prot_cis.pdbx_PDB_ins_code 
_struct_mon_prot_cis.auth_comp_id 
_struct_mon_prot_cis.auth_seq_id 
_struct_mon_prot_cis.auth_asym_id 
_struct_mon_prot_cis.pdbx_label_comp_id_2 
_struct_mon_prot_cis.pdbx_label_seq_id_2 
_struct_mon_prot_cis.pdbx_label_asym_id_2 
_struct_mon_prot_cis.pdbx_PDB_ins_code_2 
_struct_mon_prot_cis.pdbx_auth_comp_id_2 
_struct_mon_prot_cis.pdbx_auth_seq_id_2 
_struct_mon_prot_cis.pdbx_auth_asym_id_2 
_struct_mon_prot_cis.pdbx_PDB_model_num 
_struct_mon_prot_cis.pdbx_omega_angle 
1 VAL 15 A . ? VAL 15 A PRO 16 A ? PRO 16 A 1 -2.85 
2 PHE 35 A . ? PHE 35 A PRO 36 A ? PRO 36 A 1 2.66  
# 
loop_
_struct_sheet.id 
_struct_sheet.type 
_struct_sheet.number_strands 
_struct_sheet.details 
A ? 4 ? 
B ? 4 ? 
# 
loop_
_struct_sheet_order.sheet_id 
_struct_sheet_order.range_id_1 
_struct_sheet_order.range_id_2 
_struct_sheet_order.offset 
_struct_sheet_order.sense 
A 1 2 ? anti-parallel 
A 2 3 ? parallel      
A 3 4 ? anti-parallel 
B 1 2 ? parallel      
B 2 3 ? anti-parallel 
B 3 4 ? anti-parallel 
# 
loop_
_struct_sheet_range.sheet_id 
_struct_sheet_range.id 
_struct_sheet_range.beg_label_comp_id 
_struct_sheet_range.beg_label_asym_id 
_struct_sheet_range.beg_label_seq_id 
_struct_sheet_range.pdbx_beg_PDB_ins_code 
_struct_sheet_range.end_label_comp_id 
_struct_sheet_range.end_label_asym_id 
_struct_sheet_range.end_label_seq_id 
_struct_sheet_range.pdbx_end_PDB_ins_code 
_struct_sheet_range.beg_auth_comp_id 
_struct_sheet_range.beg_auth_asym_id 
_struct_sheet_range.beg_auth_seq_id 
_struct_sheet_range.end_auth_comp_id 
_struct_sheet_range.end_auth_asym_id 
_struct_sheet_range.end_auth_seq_id 
A 1 ALA A 13 ? VAL A 15 ? ALA A 13 VAL A 15 
A 2 ILE A 1  ? GLY A 6  ? ILE A 1  GLY A 6  
A 3 LYS A 26 ? ALA A 33 ? LYS A 26 ALA A 33 
A 4 GLY A 67 ? LEU A 74 ? GLY A 67 LEU A 74 
B 1 SER A 17 ? ILE A 21 ? SER A 17 ILE A 21 
B 2 MET A 92 ? ASN A 99 ? MET A 92 ASN A 99 
B 3 GLY A 78 ? CYS A 84 ? GLY A 78 CYS A 84 
B 4 VAL A 40 ? ASP A 42 ? VAL A 40 ASP A 42 
# 
loop_
_pdbx_struct_sheet_hbond.sheet_id 
_pdbx_struct_sheet_hbond.range_id_1 
_pdbx_struct_sheet_hbond.range_id_2 
_pdbx_struct_sheet_hbond.range_1_label_atom_id 
_pdbx_struct_sheet_hbond.range_1_label_comp_id 
_pdbx_struct_sheet_hbond.range_1_label_asym_id 
_pdbx_struct_sheet_hbond.range_1_label_seq_id 
_pdbx_struct_sheet_hbond.range_1_PDB_ins_code 
_pdbx_struct_sheet_hbond.range_1_auth_atom_id 
_pdbx_struct_sheet_hbond.range_1_auth_comp_id 
_pdbx_struct_sheet_hbond.range_1_auth_asym_id 
_pdbx_struct_sheet_hbond.range_1_auth_seq_id 
_pdbx_struct_sheet_hbond.range_2_label_atom_id 
_pdbx_struct_sheet_hbond.range_2_label_comp_id 
_pdbx_struct_sheet_hbond.range_2_label_asym_id 
_pdbx_struct_sheet_hbond.range_2_label_seq_id 
_pdbx_struct_sheet_hbond.range_2_PDB_ins_code 
_pdbx_struct_sheet_hbond.range_2_auth_atom_id 
_pdbx_struct_sheet_hbond.range_2_auth_comp_id 
_pdbx_struct_sheet_hbond.range_2_auth_asym_id 
_pdbx_struct_sheet_hbond.range_2_auth_seq_id 
A 1 2 O VAL A 15 ? O VAL A 15 N LEU A 4  ? N LEU A 4  
A 2 3 O LYS A 26 ? O LYS A 26 N ILE A 1  ? N ILE A 1  
A 3 4 O ASN A 31 ? O ASN A 31 N GLY A 67 ? N GLY A 67 
B 1 2 O SER A 17 ? O SER A 17 N LYS A 95 ? N LYS A 95 
B 2 3 O VAL A 98 ? O VAL A 98 N GLY A 78 ? N GLY A 78 
B 3 4 O TYR A 83 ? O TYR A 83 N VAL A 40 ? N VAL A 40 
# 
_struct_site.id                   AC1 
_struct_site.pdbx_evidence_code   Software 
_struct_site.pdbx_auth_asym_id    A 
_struct_site.pdbx_auth_comp_id    CU 
_struct_site.pdbx_auth_seq_id     100 
_struct_site.pdbx_auth_ins_code   ? 
_struct_site.pdbx_num_residues    4 
_struct_site.details              'BINDING SITE FOR RESIDUE CU A 100' 
# 
loop_
_struct_site_gen.id 
_struct_site_gen.site_id 
_struct_site_gen.pdbx_num_res 
_struct_site_gen.label_comp_id 
_struct_site_gen.label_asym_id 
_struct_site_gen.label_seq_id 
_struct_site_gen.pdbx_auth_ins_code 
_struct_site_gen.auth_comp_id 
_struct_site_gen.auth_asym_id 
_struct_site_gen.auth_seq_id 
_struct_site_gen.label_atom_id 
_struct_site_gen.label_alt_id 
_struct_site_gen.symmetry 
_struct_site_gen.details 
1 AC1 4 HIS A 37 ? HIS A 37 . ? 1_555 ? 
2 AC1 4 CYS A 84 ? CYS A 84 . ? 1_555 ? 
3 AC1 4 HIS A 87 ? HIS A 87 . ? 1_555 ? 
4 AC1 4 MET A 92 ? MET A 92 . ? 1_555 ? 
# 
_pdbx_validate_close_contact.id               1 
_pdbx_validate_close_contact.PDB_model_num    1 
_pdbx_validate_close_contact.auth_atom_id_1   OD2 
_pdbx_validate_close_contact.auth_asym_id_1   A 
_pdbx_validate_close_contact.auth_comp_id_1   ASP 
_pdbx_validate_close_contact.auth_seq_id_1    51 
_pdbx_validate_close_contact.PDB_ins_code_1   ? 
_pdbx_validate_close_contact.label_alt_id_1   ? 
_pdbx_validate_close_contact.auth_atom_id_2   NZ 
_pdbx_validate_close_contact.auth_asym_id_2   A 
_pdbx_validate_close_contact.auth_comp_id_2   LYS 
_pdbx_validate_close_contact.auth_seq_id_2    54 
_pdbx_validate_close_contact.PDB_ins_code_2   ? 
_pdbx_validate_close_contact.label_alt_id_2   B 
_pdbx_validate_close_contact.dist             2.17 
# 
_pdbx_validate_symm_contact.id                1 
_pdbx_validate_symm_contact.PDB_model_num     1 
_pdbx_validate_symm_contact.auth_atom_id_1    OE2 
_pdbx_validate_symm_contact.auth_asym_id_1    A 
_pdbx_validate_symm_contact.auth_comp_id_1    GLU 
_pdbx_validate_symm_contact.auth_seq_id_1     18 
_pdbx_validate_symm_contact.PDB_ins_code_1    ? 
_pdbx_validate_symm_contact.label_alt_id_1    ? 
_pdbx_validate_symm_contact.site_symmetry_1   1_555 
_pdbx_validate_symm_contact.auth_atom_id_2    O 
_pdbx_validate_symm_contact.auth_asym_id_2    A 
_pdbx_validate_symm_contact.auth_comp_id_2    HOH 
_pdbx_validate_symm_contact.auth_seq_id_2     147 
_pdbx_validate_symm_contact.PDB_ins_code_2    ? 
_pdbx_validate_symm_contact.label_alt_id_2    ? 
_pdbx_validate_symm_contact.site_symmetry_2   4_566 
_pdbx_validate_symm_contact.dist              2.11 
# 
loop_
_pdbx_validate_rmsd_bond.id 
_pdbx_validate_rmsd_bond.PDB_model_num 
_pdbx_validate_rmsd_bond.auth_atom_id_1 
_pdbx_validate_rmsd_bond.auth_asym_id_1 
_pdbx_validate_rmsd_bond.auth_comp_id_1 
_pdbx_validate_rmsd_bond.auth_seq_id_1 
_pdbx_validate_rmsd_bond.PDB_ins_code_1 
_pdbx_validate_rmsd_bond.label_alt_id_1 
_pdbx_validate_rmsd_bond.auth_atom_id_2 
_pdbx_validate_rmsd_bond.auth_asym_id_2 
_pdbx_validate_rmsd_bond.auth_comp_id_2 
_pdbx_validate_rmsd_bond.auth_seq_id_2 
_pdbx_validate_rmsd_bond.PDB_ins_code_2 
_pdbx_validate_rmsd_bond.label_alt_id_2 
_pdbx_validate_rmsd_bond.bond_value 
_pdbx_validate_rmsd_bond.bond_target_value 
_pdbx_validate_rmsd_bond.bond_deviation 
_pdbx_validate_rmsd_bond.bond_standard_deviation 
_pdbx_validate_rmsd_bond.linker_flag 
1 1 CD A GLU 43 ? ? OE1 A GLU 43 ? ? 1.322 1.252 0.070 0.011 N 
2 1 CD A GLU 79 ? ? OE2 A GLU 79 ? ? 1.325 1.252 0.073 0.011 N 
# 
loop_
_pdbx_validate_rmsd_angle.id 
_pdbx_validate_rmsd_angle.PDB_model_num 
_pdbx_validate_rmsd_angle.auth_atom_id_1 
_pdbx_validate_rmsd_angle.auth_asym_id_1 
_pdbx_validate_rmsd_angle.auth_comp_id_1 
_pdbx_validate_rmsd_angle.auth_seq_id_1 
_pdbx_validate_rmsd_angle.PDB_ins_code_1 
_pdbx_validate_rmsd_angle.label_alt_id_1 
_pdbx_validate_rmsd_angle.auth_atom_id_2 
_pdbx_validate_rmsd_angle.auth_asym_id_2 
_pdbx_validate_rmsd_angle.auth_comp_id_2 
_pdbx_validate_rmsd_angle.auth_seq_id_2 
_pdbx_validate_rmsd_angle.PDB_ins_code_2 
_pdbx_validate_rmsd_angle.label_alt_id_2 
_pdbx_validate_rmsd_angle.auth_atom_id_3 
_pdbx_validate_rmsd_angle.auth_asym_id_3 
_pdbx_validate_rmsd_angle.auth_comp_id_3 
_pdbx_validate_rmsd_angle.auth_seq_id_3 
_pdbx_validate_rmsd_angle.PDB_ins_code_3 
_pdbx_validate_rmsd_angle.label_alt_id_3 
_pdbx_validate_rmsd_angle.angle_value 
_pdbx_validate_rmsd_angle.angle_target_value 
_pdbx_validate_rmsd_angle.angle_deviation 
_pdbx_validate_rmsd_angle.angle_standard_deviation 
_pdbx_validate_rmsd_angle.linker_flag 
1 1 CB A ASP 8  ? ? CG A ASP 8  ? ? OD1 A ASP 8  ? ? 124.32 118.30 6.02  0.90 N 
2 1 CB A ASP 9  ? ? CG A ASP 9  ? ? OD1 A ASP 9  ? ? 123.75 118.30 5.45  0.90 N 
3 1 CB A ASP 44 ? ? CG A ASP 44 ? ? OD1 A ASP 44 ? ? 110.67 118.30 -7.63 0.90 N 
4 1 N  A SER 56 ? ? CA A SER 56 ? ? CB  A SER 56 ? B 101.26 110.50 -9.24 1.50 N 
5 1 CB A ASP 61 ? B CG A ASP 61 ? B OD1 A ASP 61 ? B 128.20 118.30 9.90  0.90 N 
6 1 CB A ASP 61 ? B CG A ASP 61 ? B OD2 A ASP 61 ? B 112.84 118.30 -5.46 0.90 N 
# 
_pdbx_validate_torsion.id              1 
_pdbx_validate_torsion.PDB_model_num   1 
_pdbx_validate_torsion.auth_comp_id    ASN 
_pdbx_validate_torsion.auth_asym_id    A 
_pdbx_validate_torsion.auth_seq_id     32 
_pdbx_validate_torsion.PDB_ins_code    ? 
_pdbx_validate_torsion.label_alt_id    ? 
_pdbx_validate_torsion.phi             -121.60 
_pdbx_validate_torsion.psi             -52.38 
# 
loop_
_chem_comp_atom.comp_id 
_chem_comp_atom.atom_id 
_chem_comp_atom.type_symbol 
_chem_comp_atom.pdbx_aromatic_flag 
_chem_comp_atom.pdbx_stereo_config 
_chem_comp_atom.pdbx_ordinal 
ALA N    N  N N 1   
ALA CA   C  N S 2   
ALA C    C  N N 3   
ALA O    O  N N 4   
ALA CB   C  N N 5   
ALA OXT  O  N N 6   
ALA H    H  N N 7   
ALA H2   H  N N 8   
ALA HA   H  N N 9   
ALA HB1  H  N N 10  
ALA HB2  H  N N 11  
ALA HB3  H  N N 12  
ALA HXT  H  N N 13  
ASN N    N  N N 14  
ASN CA   C  N S 15  
ASN C    C  N N 16  
ASN O    O  N N 17  
ASN CB   C  N N 18  
ASN CG   C  N N 19  
ASN OD1  O  N N 20  
ASN ND2  N  N N 21  
ASN OXT  O  N N 22  
ASN H    H  N N 23  
ASN H2   H  N N 24  
ASN HA   H  N N 25  
ASN HB2  H  N N 26  
ASN HB3  H  N N 27  
ASN HD21 H  N N 28  
ASN HD22 H  N N 29  
ASN HXT  H  N N 30  
ASP N    N  N N 31  
ASP CA   C  N S 32  
ASP C    C  N N 33  
ASP O    O  N N 34  
ASP CB   C  N N 35  
ASP CG   C  N N 36  
ASP OD1  O  N N 37  
ASP OD2  O  N N 38  
ASP OXT  O  N N 39  
ASP H    H  N N 40  
ASP H2   H  N N 41  
ASP HA   H  N N 42  
ASP HB2  H  N N 43  
ASP HB3  H  N N 44  
ASP HD2  H  N N 45  
ASP HXT  H  N N 46  
CU  CU   CU N N 47  
CYS N    N  N N 48  
CYS CA   C  N R 49  
CYS C    C  N N 50  
CYS O    O  N N 51  
CYS CB   C  N N 52  
CYS SG   S  N N 53  
CYS OXT  O  N N 54  
CYS H    H  N N 55  
CYS H2   H  N N 56  
CYS HA   H  N N 57  
CYS HB2  H  N N 58  
CYS HB3  H  N N 59  
CYS HG   H  N N 60  
CYS HXT  H  N N 61  
GLN N    N  N N 62  
GLN CA   C  N S 63  
GLN C    C  N N 64  
GLN O    O  N N 65  
GLN CB   C  N N 66  
GLN CG   C  N N 67  
GLN CD   C  N N 68  
GLN OE1  O  N N 69  
GLN NE2  N  N N 70  
GLN OXT  O  N N 71  
GLN H    H  N N 72  
GLN H2   H  N N 73  
GLN HA   H  N N 74  
GLN HB2  H  N N 75  
GLN HB3  H  N N 76  
GLN HG2  H  N N 77  
GLN HG3  H  N N 78  
GLN HE21 H  N N 79  
GLN HE22 H  N N 80  
GLN HXT  H  N N 81  
GLU N    N  N N 82  
GLU CA   C  N S 83  
GLU C    C  N N 84  
GLU O    O  N N 85  
GLU CB   C  N N 86  
GLU CG   C  N N 87  
GLU CD   C  N N 88  
GLU OE1  O  N N 89  
GLU OE2  O  N N 90  
GLU OXT  O  N N 91  
GLU H    H  N N 92  
GLU H2   H  N N 93  
GLU HA   H  N N 94  
GLU HB2  H  N N 95  
GLU HB3  H  N N 96  
GLU HG2  H  N N 97  
GLU HG3  H  N N 98  
GLU HE2  H  N N 99  
GLU HXT  H  N N 100 
GLY N    N  N N 101 
GLY CA   C  N N 102 
GLY C    C  N N 103 
GLY O    O  N N 104 
GLY OXT  O  N N 105 
GLY H    H  N N 106 
GLY H2   H  N N 107 
GLY HA2  H  N N 108 
GLY HA3  H  N N 109 
GLY HXT  H  N N 110 
HIS N    N  N N 111 
HIS CA   C  N S 112 
HIS C    C  N N 113 
HIS O    O  N N 114 
HIS CB   C  N N 115 
HIS CG   C  Y N 116 
HIS ND1  N  Y N 117 
HIS CD2  C  Y N 118 
HIS CE1  C  Y N 119 
HIS NE2  N  Y N 120 
HIS OXT  O  N N 121 
HIS H    H  N N 122 
HIS H2   H  N N 123 
HIS HA   H  N N 124 
HIS HB2  H  N N 125 
HIS HB3  H  N N 126 
HIS HD1  H  N N 127 
HIS HD2  H  N N 128 
HIS HE1  H  N N 129 
HIS HE2  H  N N 130 
HIS HXT  H  N N 131 
HOH O    O  N N 132 
HOH H1   H  N N 133 
HOH H2   H  N N 134 
ILE N    N  N N 135 
ILE CA   C  N S 136 
ILE C    C  N N 137 
ILE O    O  N N 138 
ILE CB   C  N S 139 
ILE CG1  C  N N 140 
ILE CG2  C  N N 141 
ILE CD1  C  N N 142 
ILE OXT  O  N N 143 
ILE H    H  N N 144 
ILE H2   H  N N 145 
ILE HA   H  N N 146 
ILE HB   H  N N 147 
ILE HG12 H  N N 148 
ILE HG13 H  N N 149 
ILE HG21 H  N N 150 
ILE HG22 H  N N 151 
ILE HG23 H  N N 152 
ILE HD11 H  N N 153 
ILE HD12 H  N N 154 
ILE HD13 H  N N 155 
ILE HXT  H  N N 156 
LEU N    N  N N 157 
LEU CA   C  N S 158 
LEU C    C  N N 159 
LEU O    O  N N 160 
LEU CB   C  N N 161 
LEU CG   C  N N 162 
LEU CD1  C  N N 163 
LEU CD2  C  N N 164 
LEU OXT  O  N N 165 
LEU H    H  N N 166 
LEU H2   H  N N 167 
LEU HA   H  N N 168 
LEU HB2  H  N N 169 
LEU HB3  H  N N 170 
LEU HG   H  N N 171 
LEU HD11 H  N N 172 
LEU HD12 H  N N 173 
LEU HD13 H  N N 174 
LEU HD21 H  N N 175 
LEU HD22 H  N N 176 
LEU HD23 H  N N 177 
LEU HXT  H  N N 178 
LYS N    N  N N 179 
LYS CA   C  N S 180 
LYS C    C  N N 181 
LYS O    O  N N 182 
LYS CB   C  N N 183 
LYS CG   C  N N 184 
LYS CD   C  N N 185 
LYS CE   C  N N 186 
LYS NZ   N  N N 187 
LYS OXT  O  N N 188 
LYS H    H  N N 189 
LYS H2   H  N N 190 
LYS HA   H  N N 191 
LYS HB2  H  N N 192 
LYS HB3  H  N N 193 
LYS HG2  H  N N 194 
LYS HG3  H  N N 195 
LYS HD2  H  N N 196 
LYS HD3  H  N N 197 
LYS HE2  H  N N 198 
LYS HE3  H  N N 199 
LYS HZ1  H  N N 200 
LYS HZ2  H  N N 201 
LYS HZ3  H  N N 202 
LYS HXT  H  N N 203 
MET N    N  N N 204 
MET CA   C  N S 205 
MET C    C  N N 206 
MET O    O  N N 207 
MET CB   C  N N 208 
MET CG   C  N N 209 
MET SD   S  N N 210 
MET CE   C  N N 211 
MET OXT  O  N N 212 
MET H    H  N N 213 
MET H2   H  N N 214 
MET HA   H  N N 215 
MET HB2  H  N N 216 
MET HB3  H  N N 217 
MET HG2  H  N N 218 
MET HG3  H  N N 219 
MET HE1  H  N N 220 
MET HE2  H  N N 221 
MET HE3  H  N N 222 
MET HXT  H  N N 223 
PHE N    N  N N 224 
PHE CA   C  N S 225 
PHE C    C  N N 226 
PHE O    O  N N 227 
PHE CB   C  N N 228 
PHE CG   C  Y N 229 
PHE CD1  C  Y N 230 
PHE CD2  C  Y N 231 
PHE CE1  C  Y N 232 
PHE CE2  C  Y N 233 
PHE CZ   C  Y N 234 
PHE OXT  O  N N 235 
PHE H    H  N N 236 
PHE H2   H  N N 237 
PHE HA   H  N N 238 
PHE HB2  H  N N 239 
PHE HB3  H  N N 240 
PHE HD1  H  N N 241 
PHE HD2  H  N N 242 
PHE HE1  H  N N 243 
PHE HE2  H  N N 244 
PHE HZ   H  N N 245 
PHE HXT  H  N N 246 
PRO N    N  N N 247 
PRO CA   C  N S 248 
PRO C    C  N N 249 
PRO O    O  N N 250 
PRO CB   C  N N 251 
PRO CG   C  N N 252 
PRO CD   C  N N 253 
PRO OXT  O  N N 254 
PRO H    H  N N 255 
PRO HA   H  N N 256 
PRO HB2  H  N N 257 
PRO HB3  H  N N 258 
PRO HG2  H  N N 259 
PRO HG3  H  N N 260 
PRO HD2  H  N N 261 
PRO HD3  H  N N 262 
PRO HXT  H  N N 263 
SER N    N  N N 264 
SER CA   C  N S 265 
SER C    C  N N 266 
SER O    O  N N 267 
SER CB   C  N N 268 
SER OG   O  N N 269 
SER OXT  O  N N 270 
SER H    H  N N 271 
SER H2   H  N N 272 
SER HA   H  N N 273 
SER HB2  H  N N 274 
SER HB3  H  N N 275 
SER HG   H  N N 276 
SER HXT  H  N N 277 
THR N    N  N N 278 
THR CA   C  N S 279 
THR C    C  N N 280 
THR O    O  N N 281 
THR CB   C  N R 282 
THR OG1  O  N N 283 
THR CG2  C  N N 284 
THR OXT  O  N N 285 
THR H    H  N N 286 
THR H2   H  N N 287 
THR HA   H  N N 288 
THR HB   H  N N 289 
THR HG1  H  N N 290 
THR HG21 H  N N 291 
THR HG22 H  N N 292 
THR HG23 H  N N 293 
THR HXT  H  N N 294 
TYR N    N  N N 295 
TYR CA   C  N S 296 
TYR C    C  N N 297 
TYR O    O  N N 298 
TYR CB   C  N N 299 
TYR CG   C  Y N 300 
TYR CD1  C  Y N 301 
TYR CD2  C  Y N 302 
TYR CE1  C  Y N 303 
TYR CE2  C  Y N 304 
TYR CZ   C  Y N 305 
TYR OH   O  N N 306 
TYR OXT  O  N N 307 
TYR H    H  N N 308 
TYR H2   H  N N 309 
TYR HA   H  N N 310 
TYR HB2  H  N N 311 
TYR HB3  H  N N 312 
TYR HD1  H  N N 313 
TYR HD2  H  N N 314 
TYR HE1  H  N N 315 
TYR HE2  H  N N 316 
TYR HH   H  N N 317 
TYR HXT  H  N N 318 
VAL N    N  N N 319 
VAL CA   C  N S 320 
VAL C    C  N N 321 
VAL O    O  N N 322 
VAL CB   C  N N 323 
VAL CG1  C  N N 324 
VAL CG2  C  N N 325 
VAL OXT  O  N N 326 
VAL H    H  N N 327 
VAL H2   H  N N 328 
VAL HA   H  N N 329 
VAL HB   H  N N 330 
VAL HG11 H  N N 331 
VAL HG12 H  N N 332 
VAL HG13 H  N N 333 
VAL HG21 H  N N 334 
VAL HG22 H  N N 335 
VAL HG23 H  N N 336 
VAL HXT  H  N N 337 
# 
loop_
_chem_comp_bond.comp_id 
_chem_comp_bond.atom_id_1 
_chem_comp_bond.atom_id_2 
_chem_comp_bond.value_order 
_chem_comp_bond.pdbx_aromatic_flag 
_chem_comp_bond.pdbx_stereo_config 
_chem_comp_bond.pdbx_ordinal 
ALA N   CA   sing N N 1   
ALA N   H    sing N N 2   
ALA N   H2   sing N N 3   
ALA CA  C    sing N N 4   
ALA CA  CB   sing N N 5   
ALA CA  HA   sing N N 6   
ALA C   O    doub N N 7   
ALA C   OXT  sing N N 8   
ALA CB  HB1  sing N N 9   
ALA CB  HB2  sing N N 10  
ALA CB  HB3  sing N N 11  
ALA OXT HXT  sing N N 12  
ASN N   CA   sing N N 13  
ASN N   H    sing N N 14  
ASN N   H2   sing N N 15  
ASN CA  C    sing N N 16  
ASN CA  CB   sing N N 17  
ASN CA  HA   sing N N 18  
ASN C   O    doub N N 19  
ASN C   OXT  sing N N 20  
ASN CB  CG   sing N N 21  
ASN CB  HB2  sing N N 22  
ASN CB  HB3  sing N N 23  
ASN CG  OD1  doub N N 24  
ASN CG  ND2  sing N N 25  
ASN ND2 HD21 sing N N 26  
ASN ND2 HD22 sing N N 27  
ASN OXT HXT  sing N N 28  
ASP N   CA   sing N N 29  
ASP N   H    sing N N 30  
ASP N   H2   sing N N 31  
ASP CA  C    sing N N 32  
ASP CA  CB   sing N N 33  
ASP CA  HA   sing N N 34  
ASP C   O    doub N N 35  
ASP C   OXT  sing N N 36  
ASP CB  CG   sing N N 37  
ASP CB  HB2  sing N N 38  
ASP CB  HB3  sing N N 39  
ASP CG  OD1  doub N N 40  
ASP CG  OD2  sing N N 41  
ASP OD2 HD2  sing N N 42  
ASP OXT HXT  sing N N 43  
CYS N   CA   sing N N 44  
CYS N   H    sing N N 45  
CYS N   H2   sing N N 46  
CYS CA  C    sing N N 47  
CYS CA  CB   sing N N 48  
CYS CA  HA   sing N N 49  
CYS C   O    doub N N 50  
CYS C   OXT  sing N N 51  
CYS CB  SG   sing N N 52  
CYS CB  HB2  sing N N 53  
CYS CB  HB3  sing N N 54  
CYS SG  HG   sing N N 55  
CYS OXT HXT  sing N N 56  
GLN N   CA   sing N N 57  
GLN N   H    sing N N 58  
GLN N   H2   sing N N 59  
GLN CA  C    sing N N 60  
GLN CA  CB   sing N N 61  
GLN CA  HA   sing N N 62  
GLN C   O    doub N N 63  
GLN C   OXT  sing N N 64  
GLN CB  CG   sing N N 65  
GLN CB  HB2  sing N N 66  
GLN CB  HB3  sing N N 67  
GLN CG  CD   sing N N 68  
GLN CG  HG2  sing N N 69  
GLN CG  HG3  sing N N 70  
GLN CD  OE1  doub N N 71  
GLN CD  NE2  sing N N 72  
GLN NE2 HE21 sing N N 73  
GLN NE2 HE22 sing N N 74  
GLN OXT HXT  sing N N 75  
GLU N   CA   sing N N 76  
GLU N   H    sing N N 77  
GLU N   H2   sing N N 78  
GLU CA  C    sing N N 79  
GLU CA  CB   sing N N 80  
GLU CA  HA   sing N N 81  
GLU C   O    doub N N 82  
GLU C   OXT  sing N N 83  
GLU CB  CG   sing N N 84  
GLU CB  HB2  sing N N 85  
GLU CB  HB3  sing N N 86  
GLU CG  CD   sing N N 87  
GLU CG  HG2  sing N N 88  
GLU CG  HG3  sing N N 89  
GLU CD  OE1  doub N N 90  
GLU CD  OE2  sing N N 91  
GLU OE2 HE2  sing N N 92  
GLU OXT HXT  sing N N 93  
GLY N   CA   sing N N 94  
GLY N   H    sing N N 95  
GLY N   H2   sing N N 96  
GLY CA  C    sing N N 97  
GLY CA  HA2  sing N N 98  
GLY CA  HA3  sing N N 99  
GLY C   O    doub N N 100 
GLY C   OXT  sing N N 101 
GLY OXT HXT  sing N N 102 
HIS N   CA   sing N N 103 
HIS N   H    sing N N 104 
HIS N   H2   sing N N 105 
HIS CA  C    sing N N 106 
HIS CA  CB   sing N N 107 
HIS CA  HA   sing N N 108 
HIS C   O    doub N N 109 
HIS C   OXT  sing N N 110 
HIS CB  CG   sing N N 111 
HIS CB  HB2  sing N N 112 
HIS CB  HB3  sing N N 113 
HIS CG  ND1  sing Y N 114 
HIS CG  CD2  doub Y N 115 
HIS ND1 CE1  doub Y N 116 
HIS ND1 HD1  sing N N 117 
HIS CD2 NE2  sing Y N 118 
HIS CD2 HD2  sing N N 119 
HIS CE1 NE2  sing Y N 120 
HIS CE1 HE1  sing N N 121 
HIS NE2 HE2  sing N N 122 
HIS OXT HXT  sing N N 123 
HOH O   H1   sing N N 124 
HOH O   H2   sing N N 125 
ILE N   CA   sing N N 126 
ILE N   H    sing N N 127 
ILE N   H2   sing N N 128 
ILE CA  C    sing N N 129 
ILE CA  CB   sing N N 130 
ILE CA  HA   sing N N 131 
ILE C   O    doub N N 132 
ILE C   OXT  sing N N 133 
ILE CB  CG1  sing N N 134 
ILE CB  CG2  sing N N 135 
ILE CB  HB   sing N N 136 
ILE CG1 CD1  sing N N 137 
ILE CG1 HG12 sing N N 138 
ILE CG1 HG13 sing N N 139 
ILE CG2 HG21 sing N N 140 
ILE CG2 HG22 sing N N 141 
ILE CG2 HG23 sing N N 142 
ILE CD1 HD11 sing N N 143 
ILE CD1 HD12 sing N N 144 
ILE CD1 HD13 sing N N 145 
ILE OXT HXT  sing N N 146 
LEU N   CA   sing N N 147 
LEU N   H    sing N N 148 
LEU N   H2   sing N N 149 
LEU CA  C    sing N N 150 
LEU CA  CB   sing N N 151 
LEU CA  HA   sing N N 152 
LEU C   O    doub N N 153 
LEU C   OXT  sing N N 154 
LEU CB  CG   sing N N 155 
LEU CB  HB2  sing N N 156 
LEU CB  HB3  sing N N 157 
LEU CG  CD1  sing N N 158 
LEU CG  CD2  sing N N 159 
LEU CG  HG   sing N N 160 
LEU CD1 HD11 sing N N 161 
LEU CD1 HD12 sing N N 162 
LEU CD1 HD13 sing N N 163 
LEU CD2 HD21 sing N N 164 
LEU CD2 HD22 sing N N 165 
LEU CD2 HD23 sing N N 166 
LEU OXT HXT  sing N N 167 
LYS N   CA   sing N N 168 
LYS N   H    sing N N 169 
LYS N   H2   sing N N 170 
LYS CA  C    sing N N 171 
LYS CA  CB   sing N N 172 
LYS CA  HA   sing N N 173 
LYS C   O    doub N N 174 
LYS C   OXT  sing N N 175 
LYS CB  CG   sing N N 176 
LYS CB  HB2  sing N N 177 
LYS CB  HB3  sing N N 178 
LYS CG  CD   sing N N 179 
LYS CG  HG2  sing N N 180 
LYS CG  HG3  sing N N 181 
LYS CD  CE   sing N N 182 
LYS CD  HD2  sing N N 183 
LYS CD  HD3  sing N N 184 
LYS CE  NZ   sing N N 185 
LYS CE  HE2  sing N N 186 
LYS CE  HE3  sing N N 187 
LYS NZ  HZ1  sing N N 188 
LYS NZ  HZ2  sing N N 189 
LYS NZ  HZ3  sing N N 190 
LYS OXT HXT  sing N N 191 
MET N   CA   sing N N 192 
MET N   H    sing N N 193 
MET N   H2   sing N N 194 
MET CA  C    sing N N 195 
MET CA  CB   sing N N 196 
MET CA  HA   sing N N 197 
MET C   O    doub N N 198 
MET C   OXT  sing N N 199 
MET CB  CG   sing N N 200 
MET CB  HB2  sing N N 201 
MET CB  HB3  sing N N 202 
MET CG  SD   sing N N 203 
MET CG  HG2  sing N N 204 
MET CG  HG3  sing N N 205 
MET SD  CE   sing N N 206 
MET CE  HE1  sing N N 207 
MET CE  HE2  sing N N 208 
MET CE  HE3  sing N N 209 
MET OXT HXT  sing N N 210 
PHE N   CA   sing N N 211 
PHE N   H    sing N N 212 
PHE N   H2   sing N N 213 
PHE CA  C    sing N N 214 
PHE CA  CB   sing N N 215 
PHE CA  HA   sing N N 216 
PHE C   O    doub N N 217 
PHE C   OXT  sing N N 218 
PHE CB  CG   sing N N 219 
PHE CB  HB2  sing N N 220 
PHE CB  HB3  sing N N 221 
PHE CG  CD1  doub Y N 222 
PHE CG  CD2  sing Y N 223 
PHE CD1 CE1  sing Y N 224 
PHE CD1 HD1  sing N N 225 
PHE CD2 CE2  doub Y N 226 
PHE CD2 HD2  sing N N 227 
PHE CE1 CZ   doub Y N 228 
PHE CE1 HE1  sing N N 229 
PHE CE2 CZ   sing Y N 230 
PHE CE2 HE2  sing N N 231 
PHE CZ  HZ   sing N N 232 
PHE OXT HXT  sing N N 233 
PRO N   CA   sing N N 234 
PRO N   CD   sing N N 235 
PRO N   H    sing N N 236 
PRO CA  C    sing N N 237 
PRO CA  CB   sing N N 238 
PRO CA  HA   sing N N 239 
PRO C   O    doub N N 240 
PRO C   OXT  sing N N 241 
PRO CB  CG   sing N N 242 
PRO CB  HB2  sing N N 243 
PRO CB  HB3  sing N N 244 
PRO CG  CD   sing N N 245 
PRO CG  HG2  sing N N 246 
PRO CG  HG3  sing N N 247 
PRO CD  HD2  sing N N 248 
PRO CD  HD3  sing N N 249 
PRO OXT HXT  sing N N 250 
SER N   CA   sing N N 251 
SER N   H    sing N N 252 
SER N   H2   sing N N 253 
SER CA  C    sing N N 254 
SER CA  CB   sing N N 255 
SER CA  HA   sing N N 256 
SER C   O    doub N N 257 
SER C   OXT  sing N N 258 
SER CB  OG   sing N N 259 
SER CB  HB2  sing N N 260 
SER CB  HB3  sing N N 261 
SER OG  HG   sing N N 262 
SER OXT HXT  sing N N 263 
THR N   CA   sing N N 264 
THR N   H    sing N N 265 
THR N   H2   sing N N 266 
THR CA  C    sing N N 267 
THR CA  CB   sing N N 268 
THR CA  HA   sing N N 269 
THR C   O    doub N N 270 
THR C   OXT  sing N N 271 
THR CB  OG1  sing N N 272 
THR CB  CG2  sing N N 273 
THR CB  HB   sing N N 274 
THR OG1 HG1  sing N N 275 
THR CG2 HG21 sing N N 276 
THR CG2 HG22 sing N N 277 
THR CG2 HG23 sing N N 278 
THR OXT HXT  sing N N 279 
TYR N   CA   sing N N 280 
TYR N   H    sing N N 281 
TYR N   H2   sing N N 282 
TYR CA  C    sing N N 283 
TYR CA  CB   sing N N 284 
TYR CA  HA   sing N N 285 
TYR C   O    doub N N 286 
TYR C   OXT  sing N N 287 
TYR CB  CG   sing N N 288 
TYR CB  HB2  sing N N 289 
TYR CB  HB3  sing N N 290 
TYR CG  CD1  doub Y N 291 
TYR CG  CD2  sing Y N 292 
TYR CD1 CE1  sing Y N 293 
TYR CD1 HD1  sing N N 294 
TYR CD2 CE2  doub Y N 295 
TYR CD2 HD2  sing N N 296 
TYR CE1 CZ   doub Y N 297 
TYR CE1 HE1  sing N N 298 
TYR CE2 CZ   sing Y N 299 
TYR CE2 HE2  sing N N 300 
TYR CZ  OH   sing N N 301 
TYR OH  HH   sing N N 302 
TYR OXT HXT  sing N N 303 
VAL N   CA   sing N N 304 
VAL N   H    sing N N 305 
VAL N   H2   sing N N 306 
VAL CA  C    sing N N 307 
VAL CA  CB   sing N N 308 
VAL CA  HA   sing N N 309 
VAL C   O    doub N N 310 
VAL C   OXT  sing N N 311 
VAL CB  CG1  sing N N 312 
VAL CB  CG2  sing N N 313 
VAL CB  HB   sing N N 314 
VAL CG1 HG11 sing N N 315 
VAL CG1 HG12 sing N N 316 
VAL CG1 HG13 sing N N 317 
VAL CG2 HG21 sing N N 318 
VAL CG2 HG22 sing N N 319 
VAL CG2 HG23 sing N N 320 
VAL OXT HXT  sing N N 321 
# 
_atom_sites.entry_id                    1PLC 
_atom_sites.fract_transf_matrix[1][1]   -0.00011489 
_atom_sites.fract_transf_matrix[1][2]   0.01858320 
_atom_sites.fract_transf_matrix[1][3]   0.02821365 
_atom_sites.fract_transf_matrix[2][1]   -0.01053469 
_atom_sites.fract_transf_matrix[2][2]   -0.01551827 
_atom_sites.fract_transf_matrix[2][3]   0.01017837 
_atom_sites.fract_transf_matrix[3][1]   0.01509797 
_atom_sites.fract_transf_matrix[3][2]   -0.00712916 
_atom_sites.fract_transf_matrix[3][3]   0.00475717 
_atom_sites.fract_transf_vector[1]      0.241086 
_atom_sites.fract_transf_vector[2]      0.546565 
_atom_sites.fract_transf_vector[3]      0.367064 
# 
_atom_sites_footnote.id     1 
_atom_sites_footnote.text   'RESIDUES 16 AND 36 ARE CIS PROLINES.' 
# 
loop_
_atom_type.symbol 
C  
CU 
H  
N  
O  
S  
# 
loop_
_atom_site.group_PDB 
_atom_site.id 
_atom_site.type_symbol 
_atom_site.label_atom_id 
_atom_site.label_alt_id 
_atom_site.label_comp_id 
_atom_site.label_asym_id 
_atom_site.label_entity_id 
_atom_site.label_seq_id 
_atom_site.pdbx_PDB_ins_code 
_atom_site.Cartn_x 
_atom_site.Cartn_y 
_atom_site.Cartn_z 
_atom_site.occupancy 
_atom_site.B_iso_or_equiv 
_atom_site.pdbx_formal_charge 
_atom_site.auth_seq_id 
_atom_site.auth_comp_id 
_atom_site.auth_asym_id 
_atom_site.auth_atom_id 
_atom_site.pdbx_PDB_model_num 
ATOM   1    N  N    . ILE A 1 1  ? 7.983   -2.643  -8.558  1.00 13.46 ? 1   ILE A N    1 
ATOM   2    C  CA   . ILE A 1 1  ? 7.926   -3.769  -7.563  1.00 12.56 ? 1   ILE A CA   1 
ATOM   3    C  C    . ILE A 1 1  ? 6.483   -4.180  -7.373  1.00 12.21 ? 1   ILE A C    1 
ATOM   4    O  O    . ILE A 1 1  ? 5.576   -3.313  -7.331  1.00 11.05 ? 1   ILE A O    1 
ATOM   5    C  CB   . ILE A 1 1  ? 8.575   -3.349  -6.266  1.00 13.31 ? 1   ILE A CB   1 
ATOM   6    C  CG1  . ILE A 1 1  ? 8.584   -4.475  -5.257  1.00 15.73 ? 1   ILE A CG1  1 
ATOM   7    C  CG2  . ILE A 1 1  ? 7.858   -2.137  -5.657  1.00 16.66 ? 1   ILE A CG2  1 
ATOM   8    C  CD1  . ILE A 1 1  ? 9.381   -4.131  -3.979  1.00 22.36 ? 1   ILE A CD1  1 
ATOM   9    H  H1   . ILE A 1 1  ? 7.196   -2.086  -8.465  1.00 12.75 ? 1   ILE A H1   1 
ATOM   10   H  H2   . ILE A 1 1  ? 8.689   -2.085  -8.376  1.00 12.05 ? 1   ILE A H2   1 
ATOM   11   H  H3   . ILE A 1 1  ? 7.968   -3.010  -9.406  1.00 10.60 ? 1   ILE A H3   1 
ATOM   12   H  HA   . ILE A 1 1  ? 8.410   -4.536  -7.965  1.00 11.61 ? 1   ILE A HA   1 
ATOM   13   H  HB   . ILE A 1 1  ? 9.508   -3.099  -6.471  1.00 13.21 ? 1   ILE A HB   1 
ATOM   14   H  HG12 . ILE A 1 1  ? 7.612   -4.563  -4.972  1.00 17.02 ? 1   ILE A HG12 1 
ATOM   15   H  HG13 . ILE A 1 1  ? 8.894   -5.284  -5.638  1.00 15.67 ? 1   ILE A HG13 1 
ATOM   16   H  HG21 . ILE A 1 1  ? 7.795   -1.433  -6.368  1.00 13.64 ? 1   ILE A HG21 1 
ATOM   17   H  HG22 . ILE A 1 1  ? 6.991   -2.390  -5.303  1.00 10.88 ? 1   ILE A HG22 1 
ATOM   18   H  HG23 . ILE A 1 1  ? 8.454   -1.758  -4.944  1.00 14.38 ? 1   ILE A HG23 1 
ATOM   19   H  HD11 . ILE A 1 1  ? 10.164  -3.596  -4.263  1.00 18.54 ? 1   ILE A HD11 1 
ATOM   20   H  HD12 . ILE A 1 1  ? 8.762   -3.441  -3.487  1.00 21.13 ? 1   ILE A HD12 1 
ATOM   21   H  HD13 . ILE A 1 1  ? 9.509   -4.886  -3.402  1.00 19.26 ? 1   ILE A HD13 1 
ATOM   22   N  N    . ASP A 1 2  ? 6.250   -5.484  -7.279  1.00 10.41 ? 2   ASP A N    1 
ATOM   23   C  CA   . ASP A 1 2  ? 4.956   -6.080  -7.072  1.00 10.22 ? 2   ASP A CA   1 
ATOM   24   C  C    . ASP A 1 2  ? 4.811   -6.445  -5.566  1.00 11.57 ? 2   ASP A C    1 
ATOM   25   O  O    . ASP A 1 2  ? 5.733   -7.052  -4.980  1.00 10.70 ? 2   ASP A O    1 
ATOM   26   C  CB   . ASP A 1 2  ? 4.679   -7.369  -7.831  1.00 16.07 ? 2   ASP A CB   1 
ATOM   27   C  CG   . ASP A 1 2  ? 4.580   -7.207  -9.316  1.00 21.44 ? 2   ASP A CG   1 
ATOM   28   O  OD1  . ASP A 1 2  ? 4.473   -6.019  -9.805  1.00 18.98 ? 2   ASP A OD1  1 
ATOM   29   O  OD2  . ASP A 1 2  ? 4.599   -8.219  -10.010 1.00 31.59 ? 2   ASP A OD2  1 
ATOM   30   H  H    . ASP A 1 2  ? 6.948   -6.076  -7.311  1.00 11.47 ? 2   ASP A H    1 
ATOM   31   H  HA   . ASP A 1 2  ? 4.256   -5.473  -7.334  1.00 11.18 ? 2   ASP A HA   1 
ATOM   32   H  HB2  . ASP A 1 2  ? 5.343   -8.069  -7.607  1.00 14.50 ? 2   ASP A HB2  1 
ATOM   33   H  HB3  . ASP A 1 2  ? 3.823   -7.754  -7.501  1.00 14.80 ? 2   ASP A HB3  1 
ATOM   34   N  N    . VAL A 1 3  ? 3.657   -6.054  -5.060  1.00 8.21  ? 3   VAL A N    1 
ATOM   35   C  CA   . VAL A 1 3  ? 3.300   -6.314  -3.662  1.00 6.24  ? 3   VAL A CA   1 
ATOM   36   C  C    . VAL A 1 3  ? 1.950   -7.040  -3.638  1.00 6.93  ? 3   VAL A C    1 
ATOM   37   O  O    . VAL A 1 3  ? 0.974   -6.502  -4.184  1.00 9.88  ? 3   VAL A O    1 
ATOM   38   C  CB   . VAL A 1 3  ? 3.240   -5.018  -2.823  1.00 7.41  ? 3   VAL A CB   1 
ATOM   39   C  CG1  . VAL A 1 3  ? 2.815   -5.297  -1.383  1.00 9.37  ? 3   VAL A CG1  1 
ATOM   40   C  CG2  . VAL A 1 3  ? 4.564   -4.285  -2.853  1.00 11.06 ? 3   VAL A CG2  1 
ATOM   41   H  H    . VAL A 1 3  ? 3.023   -5.625  -5.538  1.00 9.41  ? 3   VAL A H    1 
ATOM   42   H  HA   . VAL A 1 3  ? 3.983   -6.854  -3.238  1.00 5.64  ? 3   VAL A HA   1 
ATOM   43   H  HB   . VAL A 1 3  ? 2.533   -4.469  -3.229  1.00 4.32  ? 3   VAL A HB   1 
ATOM   44   H  HG11 . VAL A 1 3  ? 2.580   -6.157  -1.168  1.00 8.84  ? 3   VAL A HG11 1 
ATOM   45   H  HG12 . VAL A 1 3  ? 3.461   -4.932  -0.728  1.00 7.86  ? 3   VAL A HG12 1 
ATOM   46   H  HG13 . VAL A 1 3  ? 2.022   -4.645  -1.207  1.00 8.88  ? 3   VAL A HG13 1 
ATOM   47   H  HG21 . VAL A 1 3  ? 5.102   -4.387  -3.672  1.00 10.40 ? 3   VAL A HG21 1 
ATOM   48   H  HG22 . VAL A 1 3  ? 4.492   -3.353  -2.642  1.00 13.89 ? 3   VAL A HG22 1 
ATOM   49   H  HG23 . VAL A 1 3  ? 5.169   -4.689  -2.123  1.00 11.34 ? 3   VAL A HG23 1 
ATOM   50   N  N    . LEU A 1 4  ? 1.922   -8.185  -2.978  1.00 6.15  ? 4   LEU A N    1 
ATOM   51   C  CA   . LEU A 1 4  ? 0.711   -8.971  -2.845  1.00 4.79  ? 4   LEU A CA   1 
ATOM   52   C  C    . LEU A 1 4  ? -0.128  -8.458  -1.675  1.00 7.04  ? 4   LEU A C    1 
ATOM   53   O  O    . LEU A 1 4  ? 0.448   -8.152  -0.621  1.00 7.45  ? 4   LEU A O    1 
ATOM   54   C  CB   . LEU A 1 4  ? 1.012   -10.444 -2.601  1.00 7.98  ? 4   LEU A CB   1 
ATOM   55   C  CG   . LEU A 1 4  ? 1.780   -11.153 -3.711  1.00 15.61 ? 4   LEU A CG   1 
ATOM   56   C  CD1  . LEU A 1 4  ? 2.070   -12.563 -3.245  1.00 20.68 ? 4   LEU A CD1  1 
ATOM   57   C  CD2  . LEU A 1 4  ? 1.030   -11.176 -5.004  1.00 14.59 ? 4   LEU A CD2  1 
ATOM   58   H  H    . LEU A 1 4  ? 2.672   -8.510  -2.582  1.00 9.14  ? 4   LEU A H    1 
ATOM   59   H  HA   . LEU A 1 4  ? 0.192   -8.857  -3.671  1.00 7.18  ? 4   LEU A HA   1 
ATOM   60   H  HB2  . LEU A 1 4  ? 1.605   -10.540 -1.774  1.00 4.82  ? 4   LEU A HB2  1 
ATOM   61   H  HB3  . LEU A 1 4  ? 0.202   -10.949 -2.400  1.00 5.82  ? 4   LEU A HB3  1 
ATOM   62   H  HG   . LEU A 1 4  ? 2.630   -10.657 -3.878  1.00 14.81 ? 4   LEU A HG   1 
ATOM   63   H  HD11 . LEU A 1 4  ? 2.471   -12.513 -2.331  1.00 19.53 ? 4   LEU A HD11 1 
ATOM   64   H  HD12 . LEU A 1 4  ? 1.179   -13.054 -3.187  1.00 19.26 ? 4   LEU A HD12 1 
ATOM   65   H  HD13 . LEU A 1 4  ? 2.669   -13.001 -3.861  1.00 19.04 ? 4   LEU A HD13 1 
ATOM   66   H  HD21 . LEU A 1 4  ? 0.062   -11.390 -4.895  1.00 12.42 ? 4   LEU A HD21 1 
ATOM   67   H  HD22 . LEU A 1 4  ? 1.130   -10.287 -5.448  1.00 13.56 ? 4   LEU A HD22 1 
ATOM   68   H  HD23 . LEU A 1 4  ? 1.443   -11.855 -5.624  1.00 13.87 ? 4   LEU A HD23 1 
ATOM   69   N  N    . LEU A 1 5  ? -1.433  -8.350  -1.939  1.00 7.25  ? 5   LEU A N    1 
ATOM   70   C  CA   . LEU A 1 5  ? -2.410  -7.943  -0.890  1.00 5.57  ? 5   LEU A CA   1 
ATOM   71   C  C    . LEU A 1 5  ? -3.009  -9.276  -0.425  1.00 7.41  ? 5   LEU A C    1 
ATOM   72   O  O    . LEU A 1 5  ? -3.879  -9.864  -1.100  1.00 6.33  ? 5   LEU A O    1 
ATOM   73   C  CB   . LEU A 1 5  ? -3.429  -7.012  -1.444  1.00 9.24  ? 5   LEU A CB   1 
ATOM   74   C  CG   . LEU A 1 5  ? -2.847  -5.728  -2.071  1.00 11.82 ? 5   LEU A CG   1 
ATOM   75   C  CD1  . LEU A 1 5  ? -3.843  -4.984  -2.903  1.00 15.31 ? 5   LEU A CD1  1 
ATOM   76   C  CD2  . LEU A 1 5  ? -2.327  -4.832  -0.985  1.00 13.28 ? 5   LEU A CD2  1 
ATOM   77   H  H    . LEU A 1 5  ? -1.792  -8.615  -2.720  1.00 7.01  ? 5   LEU A H    1 
ATOM   78   H  HA   . LEU A 1 5  ? -1.949  -7.553  -0.123  1.00 8.17  ? 5   LEU A HA   1 
ATOM   79   H  HB2  . LEU A 1 5  ? -3.942  -7.504  -2.136  1.00 4.62  ? 5   LEU A HB2  1 
ATOM   80   H  HB3  . LEU A 1 5  ? -4.007  -6.759  -0.642  1.00 2.01  ? 5   LEU A HB3  1 
ATOM   81   H  HG   . LEU A 1 5  ? -2.013  -5.967  -2.621  1.00 10.60 ? 5   LEU A HG   1 
ATOM   82   H  HD11 . LEU A 1 5  ? -4.263  -5.441  -3.617  1.00 9.32  ? 5   LEU A HD11 1 
ATOM   83   H  HD12 . LEU A 1 5  ? -4.269  -4.259  -2.436  1.00 4.78  ? 5   LEU A HD12 1 
ATOM   84   H  HD13 . LEU A 1 5  ? -3.083  -4.406  -3.533  1.00 10.87 ? 5   LEU A HD13 1 
ATOM   85   H  HD21 . LEU A 1 5  ? -3.027  -4.781  -0.246  1.00 9.42  ? 5   LEU A HD21 1 
ATOM   86   H  HD22 . LEU A 1 5  ? -1.461  -5.150  -0.677  1.00 10.64 ? 5   LEU A HD22 1 
ATOM   87   H  HD23 . LEU A 1 5  ? -2.227  -3.890  -1.349  1.00 13.93 ? 5   LEU A HD23 1 
ATOM   88   N  N    . GLY A 1 6  ? -2.465  -9.737  0.695   1.00 6.25  ? 6   GLY A N    1 
ATOM   89   C  CA   . GLY A 1 6  ? -2.854  -11.051 1.281   1.00 5.18  ? 6   GLY A CA   1 
ATOM   90   C  C    . GLY A 1 6  ? -1.858  -12.098 0.812   1.00 7.71  ? 6   GLY A C    1 
ATOM   91   O  O    . GLY A 1 6  ? -1.518  -12.167 -0.402  1.00 8.73  ? 6   GLY A O    1 
ATOM   92   H  H    . GLY A 1 6  ? -1.815  -9.297  1.143   1.00 6.43  ? 6   GLY A H    1 
ATOM   93   H  HA2  . GLY A 1 6  ? -2.890  -10.944 2.247   1.00 5.01  ? 6   GLY A HA2  1 
ATOM   94   H  HA3  . GLY A 1 6  ? -3.752  -11.243 0.925   1.00 4.72  ? 6   GLY A HA3  1 
ATOM   95   N  N    . ALA A 1 7  ? -1.334  -12.918 1.741   1.00 7.25  ? 7   ALA A N    1 
ATOM   96   C  CA   . ALA A 1 7  ? -0.387  -13.994 1.403   1.00 6.54  ? 7   ALA A CA   1 
ATOM   97   C  C    . ALA A 1 7  ? -1.139  -15.203 0.841   1.00 6.29  ? 7   ALA A C    1 
ATOM   98   O  O    . ALA A 1 7  ? -2.348  -15.334 0.998   1.00 7.02  ? 7   ALA A O    1 
ATOM   99   C  CB   . ALA A 1 7  ? 0.426   -14.374 2.634   1.00 9.59  ? 7   ALA A CB   1 
ATOM   100  H  H    . ALA A 1 7  ? -1.596  -12.853 2.605   1.00 8.34  ? 7   ALA A H    1 
ATOM   101  H  HA   . ALA A 1 7  ? 0.271   -13.655 0.780   1.00 6.86  ? 7   ALA A HA   1 
ATOM   102  H  HB1  . ALA A 1 7  ? 0.512   -13.543 3.194   1.00 6.73  ? 7   ALA A HB1  1 
ATOM   103  H  HB2  . ALA A 1 7  ? -0.142  -14.972 3.199   1.00 7.03  ? 7   ALA A HB2  1 
ATOM   104  H  HB3  . ALA A 1 7  ? 1.263   -14.724 2.380   1.00 4.02  ? 7   ALA A HB3  1 
ATOM   105  N  N    . ASP A 1 8  ? -0.399  -16.107 0.195   1.00 6.68  ? 8   ASP A N    1 
ATOM   106  C  CA   . ASP A 1 8  ? -0.914  -17.309 -0.431  1.00 8.79  ? 8   ASP A CA   1 
ATOM   107  C  C    . ASP A 1 8  ? -1.531  -18.298 0.548   1.00 9.14  ? 8   ASP A C    1 
ATOM   108  O  O    . ASP A 1 8  ? -2.217  -19.242 0.079   1.00 13.31 ? 8   ASP A O    1 
ATOM   109  C  CB   . ASP A 1 8  ? 0.164   -17.952 -1.310  1.00 11.97 ? 8   ASP A CB   1 
ATOM   110  C  CG   . ASP A 1 8  ? 0.328   -17.322 -2.639  1.00 14.95 ? 8   ASP A CG   1 
ATOM   111  O  OD1  . ASP A 1 8  ? -0.370  -16.413 -3.061  1.00 20.29 ? 8   ASP A OD1  1 
ATOM   112  O  OD2  . ASP A 1 8  ? 1.294   -17.814 -3.369  1.00 12.79 ? 8   ASP A OD2  1 
ATOM   113  H  H    . ASP A 1 8  ? 0.523   -15.974 0.090   1.00 4.77  ? 8   ASP A H    1 
ATOM   114  H  HA   . ASP A 1 8  ? -1.605  -17.099 -1.120  1.00 7.43  ? 8   ASP A HA   1 
ATOM   115  H  HB2  . ASP A 1 8  ? 1.057   -17.890 -0.811  1.00 12.19 ? 8   ASP A HB2  1 
ATOM   116  H  HB3  . ASP A 1 8  ? 0.018   -18.906 -1.393  1.00 12.27 ? 8   ASP A HB3  1 
ATOM   117  N  N    . ASP A 1 9  ? -1.312  -18.135 1.822   1.00 8.96  ? 9   ASP A N    1 
ATOM   118  C  CA   . ASP A 1 9  ? -1.891  -19.024 2.840   1.00 8.73  ? 9   ASP A CA   1 
ATOM   119  C  C    . ASP A 1 9  ? -3.082  -18.327 3.475   1.00 9.59  ? 9   ASP A C    1 
ATOM   120  O  O    . ASP A 1 9  ? -3.595  -18.854 4.474   1.00 12.50 ? 9   ASP A O    1 
ATOM   121  C  CB   . ASP A 1 9  ? -0.940  -19.444 3.961   1.00 10.10 ? 9   ASP A CB   1 
ATOM   122  C  CG   . ASP A 1 9  ? -0.379  -18.281 4.717   1.00 9.72  ? 9   ASP A CG   1 
ATOM   123  O  OD1  . ASP A 1 9  ? -0.683  -17.110 4.494   1.00 10.08 ? 9   ASP A OD1  1 
ATOM   124  O  OD2  . ASP A 1 9  ? 0.515   -18.561 5.597   1.00 12.13 ? 9   ASP A OD2  1 
ATOM   125  H  H    . ASP A 1 9  ? -0.814  -17.434 2.132   1.00 9.94  ? 9   ASP A H    1 
ATOM   126  H  HA   . ASP A 1 9  ? -2.170  -19.843 2.401   1.00 10.09 ? 9   ASP A HA   1 
ATOM   127  H  HB2  . ASP A 1 9  ? -1.438  -19.991 4.655   1.00 10.08 ? 9   ASP A HB2  1 
ATOM   128  H  HB3  . ASP A 1 9  ? -0.269  -20.026 3.618   1.00 8.50  ? 9   ASP A HB3  1 
ATOM   129  N  N    . GLY A 1 10 ? -3.481  -17.198 2.906   1.00 8.19  ? 10  GLY A N    1 
ATOM   130  C  CA   . GLY A 1 10 ? -4.594  -16.432 3.452   1.00 11.30 ? 10  GLY A CA   1 
ATOM   131  C  C    . GLY A 1 10 ? -4.268  -15.411 4.520   1.00 12.38 ? 10  GLY A C    1 
ATOM   132  O  O    . GLY A 1 10 ? -5.236  -14.715 5.001   1.00 16.85 ? 10  GLY A O    1 
ATOM   133  H  H    . GLY A 1 10 ? -3.039  -16.881 2.174   1.00 6.31  ? 10  GLY A H    1 
ATOM   134  H  HA2  . GLY A 1 10 ? -5.021  -15.939 2.674   1.00 9.96  ? 10  GLY A HA2  1 
ATOM   135  H  HA3  . GLY A 1 10 ? -5.311  -17.058 3.748   1.00 10.32 ? 10  GLY A HA3  1 
ATOM   136  N  N    . SER A 1 11 ? -3.038  -15.218 4.923   1.00 11.08 ? 11  SER A N    1 
ATOM   137  C  CA   . SER A 1 11 ? -2.644  -14.227 5.943   1.00 11.02 ? 11  SER A CA   1 
ATOM   138  C  C    . SER A 1 11 ? -2.936  -12.790 5.445   1.00 9.99  ? 11  SER A C    1 
ATOM   139  O  O    . SER A 1 11 ? -2.728  -12.527 4.276   1.00 9.54  ? 11  SER A O    1 
ATOM   140  C  CB   . SER A 1 11 ? -1.185  -14.240 6.351   1.00 13.67 ? 11  SER A CB   1 
ATOM   141  O  OG   . SER A 1 11 ? -0.916  -15.538 6.829   1.00 18.39 ? 11  SER A OG   1 
ATOM   142  H  H    . SER A 1 11 ? -2.386  -15.745 4.529   1.00 13.45 ? 11  SER A H    1 
ATOM   143  H  HA   . SER A 1 11 ? -3.153  -14.385 6.758   1.00 14.82 ? 11  SER A HA   1 
ATOM   144  H  HB2  . SER A 1 11 ? -0.594  -13.972 5.645   1.00 11.58 ? 11  SER A HB2  1 
ATOM   145  H  HB3  . SER A 1 11 ? -1.055  -13.543 7.107   1.00 10.49 ? 11  SER A HB3  1 
ATOM   146  H  HG   . SER A 1 11 ? -0.136  -15.759 6.377   1.00 14.79 ? 11  SER A HG   1 
ATOM   147  N  N    . LEU A 1 12 ? -3.361  -11.976 6.401   1.00 8.59  ? 12  LEU A N    1 
ATOM   148  C  CA   . LEU A 1 12 ? -3.697  -10.585 6.098   1.00 7.00  ? 12  LEU A CA   1 
ATOM   149  C  C    . LEU A 1 12 ? -2.460  -9.719  6.232   1.00 9.16  ? 12  LEU A C    1 
ATOM   150  O  O    . LEU A 1 12 ? -2.269  -9.047  7.253   1.00 11.44 ? 12  LEU A O    1 
ATOM   151  C  CB   . LEU A 1 12 ? -4.772  -10.120 7.094   1.00 10.61 ? 12  LEU A CB   1 
ATOM   152  C  CG   . LEU A 1 12 ? -6.103  -10.856 6.869   1.00 13.59 ? 12  LEU A CG   1 
ATOM   153  C  CD1  . LEU A 1 12 ? -7.036  -10.456 7.954   1.00 17.42 ? 12  LEU A CD1  1 
ATOM   154  C  CD2  . LEU A 1 12 ? -6.607  -10.568 5.467   1.00 18.50 ? 12  LEU A CD2  1 
ATOM   155  H  H    . LEU A 1 12 ? -3.488  -12.247 7.242   1.00 9.46  ? 12  LEU A H    1 
ATOM   156  H  HA   . LEU A 1 12 ? -4.087  -10.501 5.205   1.00 2.31  ? 12  LEU A HA   1 
ATOM   157  H  HB2  . LEU A 1 12 ? -4.482  -10.282 7.997   1.00 7.18  ? 12  LEU A HB2  1 
ATOM   158  H  HB3  . LEU A 1 12 ? -4.963  -9.138  6.959   1.00 3.69  ? 12  LEU A HB3  1 
ATOM   159  H  HG   . LEU A 1 12 ? -5.923  -11.826 6.947   1.00 15.18 ? 12  LEU A HG   1 
ATOM   160  H  HD11 . LEU A 1 12 ? -6.536  -10.170 8.764   1.00 14.15 ? 12  LEU A HD11 1 
ATOM   161  H  HD12 . LEU A 1 12 ? -7.668  -9.771  7.659   1.00 14.50 ? 12  LEU A HD12 1 
ATOM   162  H  HD13 . LEU A 1 12 ? -7.540  -11.317 8.214   1.00 14.86 ? 12  LEU A HD13 1 
ATOM   163  H  HD21 . LEU A 1 12 ? -6.713  -9.564  5.342   1.00 15.58 ? 12  LEU A HD21 1 
ATOM   164  H  HD22 . LEU A 1 12 ? -5.975  -10.835 4.743   1.00 14.90 ? 12  LEU A HD22 1 
ATOM   165  H  HD23 . LEU A 1 12 ? -7.470  -11.023 5.269   1.00 15.10 ? 12  LEU A HD23 1 
ATOM   166  N  N    . ALA A 1 13 ? -1.665  -9.741  5.196   1.00 5.33  ? 13  ALA A N    1 
ATOM   167  C  CA   . ALA A 1 13 ? -0.439  -9.039  5.087   1.00 6.90  ? 13  ALA A CA   1 
ATOM   168  C  C    . ALA A 1 13 ? -0.089  -8.592  3.669   1.00 4.18  ? 13  ALA A C    1 
ATOM   169  O  O    . ALA A 1 13 ? -0.527  -9.238  2.728   1.00 7.63  ? 13  ALA A O    1 
ATOM   170  C  CB   . ALA A 1 13 ? 0.684   -10.049 5.479   1.00 9.47  ? 13  ALA A CB   1 
ATOM   171  H  H    . ALA A 1 13 ? -1.867  -10.289 4.444   1.00 8.53  ? 13  ALA A H    1 
ATOM   172  H  HA   . ALA A 1 13 ? -0.340  -8.276  5.652   1.00 7.52  ? 13  ALA A HA   1 
ATOM   173  H  HB1  . ALA A 1 13 ? 0.423   -10.597 6.178   1.00 8.52  ? 13  ALA A HB1  1 
ATOM   174  H  HB2  . ALA A 1 13 ? 0.821   -10.649 4.653   1.00 7.41  ? 13  ALA A HB2  1 
ATOM   175  H  HB3  . ALA A 1 13 ? 1.539   -9.582  5.576   1.00 4.98  ? 13  ALA A HB3  1 
ATOM   176  N  N    . PHE A 1 14 ? 0.711   -7.571  3.661   1.00 3.52  ? 14  PHE A N    1 
ATOM   177  C  CA   . PHE A 1 14 ? 1.316   -7.068  2.404   1.00 5.11  ? 14  PHE A CA   1 
ATOM   178  C  C    . PHE A 1 14 ? 2.596   -7.963  2.246   1.00 8.60  ? 14  PHE A C    1 
ATOM   179  O  O    . PHE A 1 14 ? 3.331   -8.109  3.235   1.00 7.23  ? 14  PHE A O    1 
ATOM   180  C  CB   . PHE A 1 14 ? 1.739   -5.633  2.447   1.00 5.85  ? 14  PHE A CB   1 
ATOM   181  C  CG   . PHE A 1 14 ? 0.625   -4.653  2.526   1.00 5.45  ? 14  PHE A CG   1 
ATOM   182  C  CD1  . PHE A 1 14 ? 0.028   -4.214  1.348   1.00 6.53  ? 14  PHE A CD1  1 
ATOM   183  C  CD2  . PHE A 1 14 ? 0.171   -4.148  3.747   1.00 5.12  ? 14  PHE A CD2  1 
ATOM   184  C  CE1  . PHE A 1 14 ? -1.027  -3.291  1.381   1.00 7.91  ? 14  PHE A CE1  1 
ATOM   185  C  CE2  . PHE A 1 14 ? -0.888  -3.232  3.766   1.00 6.89  ? 14  PHE A CE2  1 
ATOM   186  C  CZ   . PHE A 1 14 ? -1.477  -2.791  2.590   1.00 6.03  ? 14  PHE A CZ   1 
ATOM   187  H  H    . PHE A 1 14 ? 1.056   -7.182  4.393   1.00 6.64  ? 14  PHE A H    1 
ATOM   188  H  HA   . PHE A 1 14 ? 0.777   -7.135  1.661   1.00 5.77  ? 14  PHE A HA   1 
ATOM   189  H  HB2  . PHE A 1 14 ? 2.411   -5.539  3.131   1.00 6.30  ? 14  PHE A HB2  1 
ATOM   190  H  HB3  . PHE A 1 14 ? 2.264   -5.440  1.576   1.00 2.33  ? 14  PHE A HB3  1 
ATOM   191  H  HD1  . PHE A 1 14 ? 0.347   -4.553  0.530   1.00 6.81  ? 14  PHE A HD1  1 
ATOM   192  H  HD2  . PHE A 1 14 ? 0.597   -4.468  4.542   1.00 7.14  ? 14  PHE A HD2  1 
ATOM   193  H  HE1  . PHE A 1 14 ? -1.421  -2.996  0.555   1.00 7.04  ? 14  PHE A HE1  1 
ATOM   194  H  HE2  . PHE A 1 14 ? -1.206  -2.885  4.584   1.00 9.09  ? 14  PHE A HE2  1 
ATOM   195  H  HZ   . PHE A 1 14 ? -2.203  -2.158  2.610   1.00 4.37  ? 14  PHE A HZ   1 
ATOM   196  N  N    . VAL A 1 15 ? 2.829   -8.485  1.089   1.00 7.80  ? 15  VAL A N    1 
ATOM   197  C  CA   . VAL A 1 15 ? 4.019   -9.292  0.789   1.00 5.53  ? 15  VAL A CA   1 
ATOM   198  C  C    . VAL A 1 15 ? 4.800   -8.709  -0.388  1.00 7.01  ? 15  VAL A C    1 
ATOM   199  O  O    . VAL A 1 15 ? 4.311   -8.848  -1.518  1.00 7.51  ? 15  VAL A O    1 
ATOM   200  C  CB   . VAL A 1 15 ? 3.630   -10.759 0.528   1.00 8.96  ? 15  VAL A CB   1 
ATOM   201  C  CG1  . VAL A 1 15 ? 4.893   -11.613 0.357   1.00 11.54 ? 15  VAL A CG1  1 
ATOM   202  C  CG2  . VAL A 1 15 ? 2.774   -11.338 1.632   1.00 12.05 ? 15  VAL A CG2  1 
ATOM   203  H  H    . VAL A 1 15 ? 2.247   -8.320  0.366   1.00 8.04  ? 15  VAL A H    1 
ATOM   204  H  HA   . VAL A 1 15 ? 4.589   -9.302  1.562   1.00 7.10  ? 15  VAL A HA   1 
ATOM   205  H  HB   . VAL A 1 15 ? 3.068   -10.752 -0.278  1.00 7.76  ? 15  VAL A HB   1 
ATOM   206  H  HG11 . VAL A 1 15 ? 5.474   -11.273 -0.366  1.00 10.18 ? 15  VAL A HG11 1 
ATOM   207  H  HG12 . VAL A 1 15 ? 5.385   -11.596 1.183   1.00 5.90  ? 15  VAL A HG12 1 
ATOM   208  H  HG13 . VAL A 1 15 ? 4.666   -12.514 0.140   1.00 11.33 ? 15  VAL A HG13 1 
ATOM   209  H  HG21 . VAL A 1 15 ? 1.929   -10.834 1.721   1.00 12.33 ? 15  VAL A HG21 1 
ATOM   210  H  HG22 . VAL A 1 15 ? 2.496   -12.258 1.335   1.00 10.65 ? 15  VAL A HG22 1 
ATOM   211  H  HG23 . VAL A 1 15 ? 3.226   -11.404 2.471   1.00 6.18  ? 15  VAL A HG23 1 
ATOM   212  N  N    . PRO A 1 16 ? 5.926   -8.072  -0.167  1.00 7.10  ? 16  PRO A N    1 
ATOM   213  C  CA   . PRO A 1 16 ? 6.590   -7.749  1.064   1.00 7.47  ? 16  PRO A CA   1 
ATOM   214  C  C    . PRO A 1 16 ? 5.903   -6.554  1.765   1.00 5.22  ? 16  PRO A C    1 
ATOM   215  O  O    . PRO A 1 16 ? 5.128   -5.799  1.156   1.00 7.12  ? 16  PRO A O    1 
ATOM   216  C  CB   . PRO A 1 16 ? 8.004   -7.355  0.611   1.00 8.43  ? 16  PRO A CB   1 
ATOM   217  C  CG   . PRO A 1 16 ? 7.845   -6.735  -0.752  1.00 10.20 ? 16  PRO A CG   1 
ATOM   218  C  CD   . PRO A 1 16 ? 6.676   -7.501  -1.349  1.00 10.48 ? 16  PRO A CD   1 
ATOM   219  H  HA   . PRO A 1 16 ? 6.614   -8.538  1.638   1.00 6.68  ? 16  PRO A HA   1 
ATOM   220  H  HB2  . PRO A 1 16 ? 8.309   -6.651  1.228   1.00 10.11 ? 16  PRO A HB2  1 
ATOM   221  H  HB3  . PRO A 1 16 ? 8.615   -7.970  0.667   1.00 12.14 ? 16  PRO A HB3  1 
ATOM   222  H  HG2  . PRO A 1 16 ? 7.708   -5.787  -0.814  1.00 10.15 ? 16  PRO A HG2  1 
ATOM   223  H  HG3  . PRO A 1 16 ? 8.567   -6.879  -1.202  1.00 9.90  ? 16  PRO A HG3  1 
ATOM   224  H  HD2  . PRO A 1 16 ? 6.059   -7.090  -1.958  1.00 9.42  ? 16  PRO A HD2  1 
ATOM   225  H  HD3  . PRO A 1 16 ? 7.025   -8.310  -1.872  1.00 8.04  ? 16  PRO A HD3  1 
ATOM   226  N  N    . SER A 1 17 ? 6.213   -6.395  3.039   1.00 8.20  ? 17  SER A N    1 
ATOM   227  C  CA   . SER A 1 17 ? 5.595   -5.309  3.822   1.00 9.60  ? 17  SER A CA   1 
ATOM   228  C  C    . SER A 1 17 ? 6.521   -4.144  4.059   1.00 5.32  ? 17  SER A C    1 
ATOM   229  O  O    . SER A 1 17 ? 6.046   -3.038  4.308   1.00 7.62  ? 17  SER A O    1 
ATOM   230  C  CB   . SER A 1 17 ? 5.022   -5.846  5.130   1.00 9.54  ? 17  SER A CB   1 
ATOM   231  O  OG   . SER A 1 17 ? 6.100   -6.268  5.898   1.00 10.81 ? 17  SER A OG   1 
ATOM   232  H  H    . SER A 1 17 ? 6.761   -6.945  3.472   1.00 7.66  ? 17  SER A H    1 
ATOM   233  H  HA   . SER A 1 17 ? 4.791   -5.018  3.320   1.00 8.42  ? 17  SER A HA   1 
ATOM   234  H  HB2  . SER A 1 17 ? 4.520   -5.167  5.571   1.00 12.00 ? 17  SER A HB2  1 
ATOM   235  H  HB3  . SER A 1 17 ? 4.424   -6.636  4.923   1.00 9.27  ? 17  SER A HB3  1 
ATOM   236  H  HG   . SER A 1 17 ? 6.057   -5.750  6.655   1.00 10.57 ? 17  SER A HG   1 
ATOM   237  N  N    . GLU A 1 18 ? 7.815   -4.385  3.982   1.00 6.48  ? 18  GLU A N    1 
ATOM   238  C  CA   . GLU A 1 18 ? 8.818   -3.309  4.138   1.00 6.49  ? 18  GLU A CA   1 
ATOM   239  C  C    . GLU A 1 18 ? 9.772   -3.443  2.974   1.00 8.12  ? 18  GLU A C    1 
ATOM   240  O  O    . GLU A 1 18 ? 10.327  -4.514  2.764   1.00 11.98 ? 18  GLU A O    1 
ATOM   241  C  CB   . GLU A 1 18 ? 9.542   -3.323  5.440   1.00 15.67 ? 18  GLU A CB   1 
ATOM   242  C  CG   . GLU A 1 18 ? 8.820   -3.071  6.757   1.00 23.86 ? 18  GLU A CG   1 
ATOM   243  C  CD   . GLU A 1 18 ? 9.710   -3.193  7.986   1.00 29.82 ? 18  GLU A CD   1 
ATOM   244  O  OE1  . GLU A 1 18 ? 10.463  -2.137  8.165   1.00 35.92 ? 18  GLU A OE1  1 
ATOM   245  O  OE2  . GLU A 1 18 ? 9.728   -4.179  8.714   1.00 32.74 ? 18  GLU A OE2  1 
ATOM   246  H  H    . GLU A 1 18 ? 8.115   -5.208  3.775   1.00 8.07  ? 18  GLU A H    1 
ATOM   247  H  HA   . GLU A 1 18 ? 8.301   -2.467  4.000   1.00 8.08  ? 18  GLU A HA   1 
ATOM   248  H  HB2  . GLU A 1 18 ? 9.991   -4.224  5.509   1.00 16.37 ? 18  GLU A HB2  1 
ATOM   249  H  HB3  . GLU A 1 18 ? 10.285  -2.647  5.405   1.00 14.49 ? 18  GLU A HB3  1 
ATOM   250  H  HG2  . GLU A 1 18 ? 8.355   -2.232  6.804   1.00 23.77 ? 18  GLU A HG2  1 
ATOM   251  H  HG3  . GLU A 1 18 ? 8.111   -3.773  6.848   1.00 22.90 ? 18  GLU A HG3  1 
ATOM   252  N  N    . PHE A 1 19 ? 9.924   -2.361  2.186   1.00 9.17  ? 19  PHE A N    1 
ATOM   253  C  CA   . PHE A 1 19 ? 10.787  -2.397  1.021   1.00 6.38  ? 19  PHE A CA   1 
ATOM   254  C  C    . PHE A 1 19 ? 11.243  -0.982  0.720   1.00 7.25  ? 19  PHE A C    1 
ATOM   255  O  O    . PHE A 1 19 ? 10.694  -0.035  1.268   1.00 10.01 ? 19  PHE A O    1 
ATOM   256  C  CB   . PHE A 1 19 ? 10.119  -3.029  -0.213  1.00 11.63 ? 19  PHE A CB   1 
ATOM   257  C  CG   . PHE A 1 19 ? 8.732   -2.527  -0.481  1.00 10.74 ? 19  PHE A CG   1 
ATOM   258  C  CD1  . PHE A 1 19 ? 7.652   -3.039  0.243   1.00 9.24  ? 19  PHE A CD1  1 
ATOM   259  C  CD2  . PHE A 1 19 ? 8.539   -1.535  -1.428  1.00 11.54 ? 19  PHE A CD2  1 
ATOM   260  C  CE1  . PHE A 1 19 ? 6.353   -2.541  0.009   1.00 10.00 ? 19  PHE A CE1  1 
ATOM   261  C  CE2  . PHE A 1 19 ? 7.256   -1.022  -1.655  1.00 13.19 ? 19  PHE A CE2  1 
ATOM   262  C  CZ   . PHE A 1 19 ? 6.178   -1.532  -0.945  1.00 10.78 ? 19  PHE A CZ   1 
ATOM   263  H  H    . PHE A 1 19 ? 9.482   -1.602  2.361   1.00 6.36  ? 19  PHE A H    1 
ATOM   264  H  HA   . PHE A 1 19 ? 11.525  -2.968  1.167   1.00 9.19  ? 19  PHE A HA   1 
ATOM   265  H  HB2  . PHE A 1 19 ? 10.705  -2.678  -0.984  1.00 14.12 ? 19  PHE A HB2  1 
ATOM   266  H  HB3  . PHE A 1 19 ? 10.208  -3.961  -0.246  1.00 14.37 ? 19  PHE A HB3  1 
ATOM   267  H  HD1  . PHE A 1 19 ? 7.805   -3.720  0.894   1.00 10.15 ? 19  PHE A HD1  1 
ATOM   268  H  HD2  . PHE A 1 19 ? 9.282   -1.200  -1.883  1.00 10.60 ? 19  PHE A HD2  1 
ATOM   269  H  HE1  . PHE A 1 19 ? 5.624   -2.858  0.466   1.00 11.05 ? 19  PHE A HE1  1 
ATOM   270  H  HE2  . PHE A 1 19 ? 7.126   -0.337  -2.313  1.00 12.80 ? 19  PHE A HE2  1 
ATOM   271  H  HZ   . PHE A 1 19 ? 5.307   -1.189  -1.118  1.00 14.44 ? 19  PHE A HZ   1 
ATOM   272  N  N    . SER A 1 20 ? 12.226  -0.931  -0.157  1.00 8.58  ? 20  SER A N    1 
ATOM   273  C  CA   . SER A 1 20 ? 12.784  0.385   -0.573  1.00 9.60  ? 20  SER A CA   1 
ATOM   274  C  C    . SER A 1 20 ? 12.701  0.431   -2.098  1.00 10.53 ? 20  SER A C    1 
ATOM   275  O  O    . SER A 1 20 ? 12.724  -0.613  -2.763  1.00 13.22 ? 20  SER A O    1 
ATOM   276  C  CB   . SER A 1 20 ? 14.212  0.635   -0.173  1.00 15.33 ? 20  SER A CB   1 
ATOM   277  O  OG   . SER A 1 20 ? 14.480  0.437   1.173   1.00 13.64 ? 20  SER A OG   1 
ATOM   278  H  H    . SER A 1 20 ? 12.587  -1.658  -0.534  1.00 7.03  ? 20  SER A H    1 
ATOM   279  H  HA   . SER A 1 20 ? 12.232  1.086   -0.191  1.00 3.67  ? 20  SER A HA   1 
ATOM   280  H  HB2  . SER A 1 20 ? 14.802  0.081   -0.737  1.00 12.21 ? 20  SER A HB2  1 
ATOM   281  H  HB3  . SER A 1 20 ? 14.480  1.627   -0.439  1.00 12.56 ? 20  SER A HB3  1 
ATOM   282  H  HG   . SER A 1 20 ? 14.298  -0.404  1.402   1.00 15.53 ? 20  SER A HG   1 
ATOM   283  N  N    . ILE A 1 21 ? 12.619  1.631   -2.575  1.00 10.76 ? 21  ILE A N    1 
ATOM   284  C  CA   . ILE A 1 21 ? 12.513  1.884   -4.018  1.00 12.08 ? 21  ILE A CA   1 
ATOM   285  C  C    . ILE A 1 21 ? 13.205  3.208   -4.326  1.00 11.74 ? 21  ILE A C    1 
ATOM   286  O  O    . ILE A 1 21 ? 13.537  3.989   -3.423  1.00 14.01 ? 21  ILE A O    1 
ATOM   287  C  CB   . ILE A 1 21 ? 11.091  1.959   -4.518  1.00 10.35 ? 21  ILE A CB   1 
ATOM   288  C  CG1  . ILE A 1 21 ? 10.359  3.105   -3.829  1.00 14.93 ? 21  ILE A CG1  1 
ATOM   289  C  CG2  . ILE A 1 21 ? 10.287  0.662   -4.372  1.00 14.89 ? 21  ILE A CG2  1 
ATOM   290  C  CD1  . ILE A 1 21 ? 9.055   3.537   -4.497  1.00 20.39 ? 21  ILE A CD1  1 
ATOM   291  H  H    . ILE A 1 21 ? 12.607  2.393   -2.052  1.00 11.01 ? 21  ILE A H    1 
ATOM   292  H  HA   . ILE A 1 21 ? 13.026  1.196   -4.488  1.00 12.00 ? 21  ILE A HA   1 
ATOM   293  H  HB   . ILE A 1 21 ? 11.183  2.173   -5.484  1.00 15.83 ? 21  ILE A HB   1 
ATOM   294  H  HG12 . ILE A 1 21 ? 10.148  2.838   -2.925  1.00 14.43 ? 21  ILE A HG12 1 
ATOM   295  H  HG13 . ILE A 1 21 ? 10.926  3.910   -3.885  1.00 13.81 ? 21  ILE A HG13 1 
ATOM   296  H  HG21 . ILE A 1 21 ? 10.725  -0.123  -4.803  1.00 10.51 ? 21  ILE A HG21 1 
ATOM   297  H  HG22 . ILE A 1 21 ? 10.001  0.491   -3.483  1.00 9.63  ? 21  ILE A HG22 1 
ATOM   298  H  HG23 . ILE A 1 21 ? 9.443   0.771   -4.997  1.00 10.03 ? 21  ILE A HG23 1 
ATOM   299  H  HD11 . ILE A 1 21 ? 8.563   2.709   -4.732  1.00 17.01 ? 21  ILE A HD11 1 
ATOM   300  H  HD12 . ILE A 1 21 ? 8.492   4.087   -3.862  1.00 16.83 ? 21  ILE A HD12 1 
ATOM   301  H  HD13 . ILE A 1 21 ? 9.326   4.067   -5.299  1.00 15.71 ? 21  ILE A HD13 1 
ATOM   302  N  N    . SER A 1 22 ? 13.421  3.351   -5.613  1.00 12.70 ? 22  SER A N    1 
ATOM   303  C  CA   . SER A 1 22 ? 14.042  4.567   -6.143  1.00 13.74 ? 22  SER A CA   1 
ATOM   304  C  C    . SER A 1 22 ? 12.882  5.429   -6.601  1.00 11.68 ? 22  SER A C    1 
ATOM   305  O  O    . SER A 1 22 ? 11.796  4.960   -6.979  1.00 14.49 ? 22  SER A O    1 
ATOM   306  C  CB   . SER A 1 22 ? 14.994  4.191   -7.294  1.00 15.77 ? 22  SER A CB   1 
ATOM   307  O  OG   . SER A 1 22 ? 16.027  3.375   -6.788  1.00 26.31 ? 22  SER A OG   1 
ATOM   308  H  H    . SER A 1 22 ? 13.168  2.782   -6.256  1.00 11.52 ? 22  SER A H    1 
ATOM   309  H  HA   . SER A 1 22 ? 14.578  4.963   -5.474  1.00 13.78 ? 22  SER A HA   1 
ATOM   310  H  HB2  . SER A 1 22 ? 14.488  3.671   -7.958  1.00 16.27 ? 22  SER A HB2  1 
ATOM   311  H  HB3  . SER A 1 22 ? 15.385  4.992   -7.705  1.00 17.11 ? 22  SER A HB3  1 
ATOM   312  H  HG   . SER A 1 22 ? 16.349  3.750   -6.041  1.00 20.14 ? 22  SER A HG   1 
ATOM   313  N  N    . PRO A 1 23 ? 13.090  6.726   -6.578  1.00 13.74 ? 23  PRO A N    1 
ATOM   314  C  CA   . PRO A 1 23 ? 12.102  7.680   -7.036  1.00 13.83 ? 23  PRO A CA   1 
ATOM   315  C  C    . PRO A 1 23 ? 11.652  7.331   -8.458  1.00 15.99 ? 23  PRO A C    1 
ATOM   316  O  O    . PRO A 1 23 ? 12.446  6.975   -9.370  1.00 13.50 ? 23  PRO A O    1 
ATOM   317  C  CB   . PRO A 1 23 ? 12.832  9.011   -6.998  1.00 12.81 ? 23  PRO A CB   1 
ATOM   318  C  CG   . PRO A 1 23 ? 13.850  8.854   -5.913  1.00 16.75 ? 23  PRO A CG   1 
ATOM   319  C  CD   . PRO A 1 23 ? 14.341  7.406   -6.133  1.00 15.60 ? 23  PRO A CD   1 
ATOM   320  H  HA   . PRO A 1 23 ? 11.314  7.639   -6.478  1.00 14.02 ? 23  PRO A HA   1 
ATOM   321  H  HB2  . PRO A 1 23 ? 13.328  9.149   -7.878  1.00 14.57 ? 23  PRO A HB2  1 
ATOM   322  H  HB3  . PRO A 1 23 ? 12.330  9.716   -6.999  1.00 15.97 ? 23  PRO A HB3  1 
ATOM   323  H  HG2  . PRO A 1 23 ? 14.570  9.455   -5.885  1.00 18.99 ? 23  PRO A HG2  1 
ATOM   324  H  HG3  . PRO A 1 23 ? 13.424  8.851   -5.143  1.00 19.29 ? 23  PRO A HG3  1 
ATOM   325  H  HD2  . PRO A 1 23 ? 15.087  7.153   -6.530  1.00 15.65 ? 23  PRO A HD2  1 
ATOM   326  H  HD3  . PRO A 1 23 ? 14.445  7.057   -5.116  1.00 14.99 ? 23  PRO A HD3  1 
ATOM   327  N  N    . GLY A 1 24 ? 10.340  7.469   -8.594  1.00 17.87 ? 24  GLY A N    1 
ATOM   328  C  CA   . GLY A 1 24 ? 9.654   7.217   -9.873  1.00 19.46 ? 24  GLY A CA   1 
ATOM   329  C  C    . GLY A 1 24 ? 9.390   5.760   -10.127 1.00 19.66 ? 24  GLY A C    1 
ATOM   330  O  O    . GLY A 1 24 ? 8.654   5.442   -11.087 1.00 18.65 ? 24  GLY A O    1 
ATOM   331  H  H    . GLY A 1 24 ? 9.789   7.731   -7.937  1.00 16.21 ? 24  GLY A H    1 
ATOM   332  H  HA2  . GLY A 1 24 ? 8.669   7.625   -9.669  1.00 15.49 ? 24  GLY A HA2  1 
ATOM   333  H  HA3  . GLY A 1 24 ? 9.928   7.756   -10.598 1.00 17.09 ? 24  GLY A HA3  1 
ATOM   334  N  N    . GLU A 1 25 ? 9.943   4.862   -9.332  1.00 18.75 ? 25  GLU A N    1 
ATOM   335  C  CA   . GLU A 1 25 ? 9.706   3.409   -9.470  1.00 18.21 ? 25  GLU A CA   1 
ATOM   336  C  C    . GLU A 1 25 ? 8.238   3.104   -9.137  1.00 17.91 ? 25  GLU A C    1 
ATOM   337  O  O    . GLU A 1 25 ? 7.729   3.622   -8.097  1.00 21.31 ? 25  GLU A O    1 
ATOM   338  C  CB   . GLU A 1 25 ? 10.557  2.595   -8.526  1.00 19.05 ? 25  GLU A CB   1 
ATOM   339  C  CG   . GLU A 1 25 ? 10.419  1.084   -8.561  1.00 23.08 ? 25  GLU A CG   1 
ATOM   340  C  CD   . GLU A 1 25 ? 11.551  0.275   -8.012  1.00 25.06 ? 25  GLU A CD   1 
ATOM   341  O  OE1  . GLU A 1 25 ? 12.585  0.986   -7.644  1.00 25.49 ? 25  GLU A OE1  1 
ATOM   342  O  OE2  . GLU A 1 25 ? 11.474  -0.940  -7.916  1.00 29.96 ? 25  GLU A OE2  1 
ATOM   343  H  H    . GLU A 1 25 ? 10.466  5.140   -8.632  1.00 19.82 ? 25  GLU A H    1 
ATOM   344  H  HA   . GLU A 1 25 ? 9.895   3.150   -10.391 1.00 19.35 ? 25  GLU A HA   1 
ATOM   345  H  HB2  . GLU A 1 25 ? 11.541  2.769   -8.743  1.00 21.01 ? 25  GLU A HB2  1 
ATOM   346  H  HB3  . GLU A 1 25 ? 10.406  2.928   -7.621  1.00 17.92 ? 25  GLU A HB3  1 
ATOM   347  H  HG2  . GLU A 1 25 ? 9.610   0.795   -7.981  1.00 24.07 ? 25  GLU A HG2  1 
ATOM   348  H  HG3  . GLU A 1 25 ? 10.165  0.775   -9.427  1.00 25.26 ? 25  GLU A HG3  1 
ATOM   349  N  N    . LYS A 1 26 ? 7.592   2.317   -9.979  1.00 13.00 ? 26  LYS A N    1 
ATOM   350  C  CA   . LYS A 1 26 ? 6.189   1.997   -9.717  1.00 14.65 ? 26  LYS A CA   1 
ATOM   351  C  C    . LYS A 1 26 ? 6.089   0.779   -8.795  1.00 14.09 ? 26  LYS A C    1 
ATOM   352  O  O    . LYS A 1 26 ? 6.836   -0.191  -8.852  1.00 13.89 ? 26  LYS A O    1 
ATOM   353  C  CB   . LYS A 1 26 ? 5.374   1.747   -10.984 1.00 18.52 ? 26  LYS A CB   1 
ATOM   354  C  CG   . LYS A 1 26 ? 5.419   0.289   -11.434 1.00 28.68 ? 26  LYS A CG   1 
ATOM   355  C  CD   . LYS A 1 26 ? 4.673   0.070   -12.770 1.00 37.29 ? 26  LYS A CD   1 
ATOM   356  C  CE   . LYS A 1 26 ? 4.860   -1.337  -13.310 1.00 43.83 ? 26  LYS A CE   1 
ATOM   357  N  NZ   . LYS A 1 26 ? 4.175   -1.614  -14.600 1.00 46.53 ? 26  LYS A NZ   1 
ATOM   358  H  H    . LYS A 1 26 ? 7.981   1.975   -10.701 1.00 15.75 ? 26  LYS A H    1 
ATOM   359  H  HA   . LYS A 1 26 ? 5.773   2.761   -9.271  1.00 12.53 ? 26  LYS A HA   1 
ATOM   360  H  HB2  . LYS A 1 26 ? 4.406   1.994   -10.814 1.00 17.55 ? 26  LYS A HB2  1 
ATOM   361  H  HB3  . LYS A 1 26 ? 5.697   2.371   -11.677 1.00 16.24 ? 26  LYS A HB3  1 
ATOM   362  H  HG2  . LYS A 1 26 ? 6.373   -0.025  -11.492 1.00 29.17 ? 26  LYS A HG2  1 
ATOM   363  H  HG3  . LYS A 1 26 ? 5.011   -0.294  -10.748 1.00 27.82 ? 26  LYS A HG3  1 
ATOM   364  H  HD2  . LYS A 1 26 ? 3.709   0.170   -12.579 1.00 36.18 ? 26  LYS A HD2  1 
ATOM   365  H  HD3  . LYS A 1 26 ? 4.937   0.760   -13.417 1.00 36.43 ? 26  LYS A HD3  1 
ATOM   366  H  HE2  . LYS A 1 26 ? 5.823   -1.584  -13.421 1.00 44.60 ? 26  LYS A HE2  1 
ATOM   367  H  HE3  . LYS A 1 26 ? 4.468   -1.999  -12.660 1.00 44.31 ? 26  LYS A HE3  1 
ATOM   368  H  HZ1  . LYS A 1 26 ? 3.356   -1.239  -14.667 1.00 46.50 ? 26  LYS A HZ1  1 
ATOM   369  H  HZ2  . LYS A 1 26 ? 4.734   -1.428  -15.330 1.00 46.16 ? 26  LYS A HZ2  1 
ATOM   370  H  HZ3  . LYS A 1 26 ? 4.012   -2.556  -14.706 1.00 45.37 ? 26  LYS A HZ3  1 
ATOM   371  N  N    . ILE A 1 27 ? 5.091   0.910   -7.922  1.00 9.36  ? 27  ILE A N    1 
ATOM   372  C  CA   . ILE A 1 27 ? 4.677   -0.107  -6.953  1.00 8.92  ? 27  ILE A CA   1 
ATOM   373  C  C    . ILE A 1 27 ? 3.328   -0.639  -7.501  1.00 8.36  ? 27  ILE A C    1 
ATOM   374  O  O    . ILE A 1 27 ? 2.416   0.166   -7.723  1.00 9.77  ? 27  ILE A O    1 
ATOM   375  C  CB   . ILE A 1 27 ? 4.411   0.403   -5.551  1.00 10.04 ? 27  ILE A CB   1 
ATOM   376  C  CG1  . ILE A 1 27 ? 5.593   1.140   -4.949  1.00 13.02 ? 27  ILE A CG1  1 
ATOM   377  C  CG2  . ILE A 1 27 ? 3.975   -0.730  -4.611  1.00 11.67 ? 27  ILE A CG2  1 
ATOM   378  C  CD1  . ILE A 1 27 ? 5.292   1.863   -3.640  1.00 16.21 ? 27  ILE A CD1  1 
ATOM   379  H  H    . ILE A 1 27 ? 4.531   1.631   -7.921  1.00 13.04 ? 27  ILE A H    1 
ATOM   380  H  HA   . ILE A 1 27 ? 5.294   -0.855  -6.904  1.00 8.21  ? 27  ILE A HA   1 
ATOM   381  H  HB   . ILE A 1 27 ? 3.621   1.022   -5.537  1.00 9.30  ? 27  ILE A HB   1 
ATOM   382  H  HG12 . ILE A 1 27 ? 6.297   0.475   -4.753  1.00 14.91 ? 27  ILE A HG12 1 
ATOM   383  H  HG13 . ILE A 1 27 ? 5.940   1.817   -5.578  1.00 13.40 ? 27  ILE A HG13 1 
ATOM   384  H  HG21 . ILE A 1 27 ? 4.644   -1.407  -4.556  1.00 9.37  ? 27  ILE A HG21 1 
ATOM   385  H  HG22 . ILE A 1 27 ? 3.827   -0.303  -3.701  1.00 9.74  ? 27  ILE A HG22 1 
ATOM   386  H  HG23 . ILE A 1 27 ? 3.095   -1.069  -4.922  1.00 9.97  ? 27  ILE A HG23 1 
ATOM   387  H  HD11 . ILE A 1 27 ? 4.285   1.964   -3.592  1.00 17.11 ? 27  ILE A HD11 1 
ATOM   388  H  HD12 . ILE A 1 27 ? 5.584   1.272   -2.894  1.00 16.63 ? 27  ILE A HD12 1 
ATOM   389  H  HD13 . ILE A 1 27 ? 5.731   2.758   -3.609  1.00 16.89 ? 27  ILE A HD13 1 
ATOM   390  N  N    . VAL A 1 28 ? 3.245   -1.949  -7.756  1.00 5.97  ? 28  VAL A N    1 
ATOM   391  C  CA   . VAL A 1 28 ? 1.970   -2.536  -8.203  1.00 6.49  ? 28  VAL A CA   1 
ATOM   392  C  C    . VAL A 1 28 ? 1.418   -3.418  -7.074  1.00 7.51  ? 28  VAL A C    1 
ATOM   393  O  O    . VAL A 1 28 ? 2.028   -4.448  -6.826  1.00 8.57  ? 28  VAL A O    1 
ATOM   394  C  CB   . VAL A 1 28 ? 2.131   -3.338  -9.481  1.00 8.61  ? 28  VAL A CB   1 
ATOM   395  C  CG1  . VAL A 1 28 ? 0.813   -4.013  -9.832  1.00 13.57 ? 28  VAL A CG1  1 
ATOM   396  C  CG2  . VAL A 1 28 ? 2.634   -2.469  -10.621 1.00 11.69 ? 28  VAL A CG2  1 
ATOM   397  H  H    . VAL A 1 28 ? 3.936   -2.486  -7.558  1.00 7.45  ? 28  VAL A H    1 
ATOM   398  H  HA   . VAL A 1 28 ? 1.330   -1.854  -8.384  1.00 4.12  ? 28  VAL A HA   1 
ATOM   399  H  HB   . VAL A 1 28 ? 2.811   -4.013  -9.267  1.00 6.03  ? 28  VAL A HB   1 
ATOM   400  H  HG11 . VAL A 1 28 ? 0.230   -4.176  -9.097  1.00 8.48  ? 28  VAL A HG11 1 
ATOM   401  H  HG12 . VAL A 1 28 ? 0.328   -3.467  -10.488 1.00 12.63 ? 28  VAL A HG12 1 
ATOM   402  H  HG13 . VAL A 1 28 ? 1.037   -4.862  -10.297 1.00 12.64 ? 28  VAL A HG13 1 
ATOM   403  H  HG21 . VAL A 1 28 ? 3.292   -1.845  -10.286 1.00 4.90  ? 28  VAL A HG21 1 
ATOM   404  H  HG22 . VAL A 1 28 ? 3.033   -3.019  -11.315 1.00 7.27  ? 28  VAL A HG22 1 
ATOM   405  H  HG23 . VAL A 1 28 ? 1.856   -2.000  -10.989 1.00 2.00  ? 28  VAL A HG23 1 
ATOM   406  N  N    . PHE A 1 29 ? 0.355   -2.966  -6.437  1.00 8.68  ? 29  PHE A N    1 
ATOM   407  C  CA   . PHE A 1 29 ? -0.310  -3.714  -5.336  1.00 6.03  ? 29  PHE A CA   1 
ATOM   408  C  C    . PHE A 1 29 ? -1.303  -4.663  -6.020  1.00 9.04  ? 29  PHE A C    1 
ATOM   409  O  O    . PHE A 1 29 ? -2.155  -4.156  -6.781  1.00 10.82 ? 29  PHE A O    1 
ATOM   410  C  CB   . PHE A 1 29 ? -0.984  -2.766  -4.377  1.00 7.34  ? 29  PHE A CB   1 
ATOM   411  C  CG   . PHE A 1 29 ? -0.066  -1.917  -3.560  1.00 6.43  ? 29  PHE A CG   1 
ATOM   412  C  CD1  . PHE A 1 29 ? 0.538   -2.448  -2.425  1.00 10.79 ? 29  PHE A CD1  1 
ATOM   413  C  CD2  . PHE A 1 29 ? 0.186   -0.598  -3.942  1.00 8.42  ? 29  PHE A CD2  1 
ATOM   414  C  CE1  . PHE A 1 29 ? 1.380   -1.621  -1.638  1.00 11.21 ? 29  PHE A CE1  1 
ATOM   415  C  CE2  . PHE A 1 29 ? 1.009   0.233   -3.185  1.00 9.69  ? 29  PHE A CE2  1 
ATOM   416  C  CZ   . PHE A 1 29 ? 1.594   -0.284  -2.037  1.00 8.97  ? 29  PHE A CZ   1 
ATOM   417  H  H    . PHE A 1 29 ? -0.052  -2.202  -6.669  1.00 7.08  ? 29  PHE A H    1 
ATOM   418  H  HA   . PHE A 1 29 ? 0.272   -4.229  -4.793  1.00 4.13  ? 29  PHE A HA   1 
ATOM   419  H  HB2  . PHE A 1 29 ? -1.654  -2.229  -4.806  1.00 4.31  ? 29  PHE A HB2  1 
ATOM   420  H  HB3  . PHE A 1 29 ? -1.526  -3.342  -3.724  1.00 7.23  ? 29  PHE A HB3  1 
ATOM   421  H  HD1  . PHE A 1 29 ? 0.364   -3.348  -2.156  1.00 8.34  ? 29  PHE A HD1  1 
ATOM   422  H  HD2  . PHE A 1 29 ? -0.240  -0.272  -4.714  1.00 7.94  ? 29  PHE A HD2  1 
ATOM   423  H  HE1  . PHE A 1 29 ? 1.789   -1.931  -0.876  1.00 10.50 ? 29  PHE A HE1  1 
ATOM   424  H  HE2  . PHE A 1 29 ? 1.172   1.124   -3.444  1.00 7.29  ? 29  PHE A HE2  1 
ATOM   425  H  HZ   . PHE A 1 29 ? 2.188   0.287   -1.518  1.00 10.61 ? 29  PHE A HZ   1 
ATOM   426  N  N    . LYS A 1 30 ? -1.202  -5.932  -5.756  1.00 8.07  ? 30  LYS A N    1 
ATOM   427  C  CA   . LYS A 1 30 ? -2.073  -6.918  -6.425  1.00 10.86 ? 30  LYS A CA   1 
ATOM   428  C  C    . LYS A 1 30 ? -2.924  -7.668  -5.457  1.00 9.16  ? 30  LYS A C    1 
ATOM   429  O  O    . LYS A 1 30 ? -2.379  -8.315  -4.546  1.00 7.63  ? 30  LYS A O    1 
ATOM   430  C  CB   A LYS A 1 30 ? -1.148  -7.890  -7.186  0.50 13.41 ? 30  LYS A CB   1 
ATOM   431  C  CB   B LYS A 1 30 ? -1.215  -7.912  -7.230  0.50 15.09 ? 30  LYS A CB   1 
ATOM   432  C  CG   A LYS A 1 30 ? -1.722  -9.117  -7.812  0.50 16.84 ? 30  LYS A CG   1 
ATOM   433  C  CG   B LYS A 1 30 ? -1.815  -8.348  -8.562  0.50 21.50 ? 30  LYS A CG   1 
ATOM   434  C  CD   A LYS A 1 30 ? -0.923  -9.742  -8.934  0.50 20.64 ? 30  LYS A CD   1 
ATOM   435  C  CD   B LYS A 1 30 ? -0.831  -9.129  -9.415  0.50 24.43 ? 30  LYS A CD   1 
ATOM   436  C  CE   A LYS A 1 30 ? 0.570   -9.711  -8.765  0.50 23.18 ? 30  LYS A CE   1 
ATOM   437  C  CE   B LYS A 1 30 ? 0.517   -8.528  -9.614  0.50 24.88 ? 30  LYS A CE   1 
ATOM   438  N  NZ   A LYS A 1 30 ? 1.266   -10.598 -9.732  0.50 20.02 ? 30  LYS A NZ   1 
ATOM   439  N  NZ   B LYS A 1 30 ? 0.634   -7.554  -10.717 0.50 26.52 ? 30  LYS A NZ   1 
ATOM   440  H  H    . LYS A 1 30 ? -0.552  -6.256  -5.218  1.00 8.96  ? 30  LYS A H    1 
ATOM   441  H  HA   . LYS A 1 30 ? -2.617  -6.453  -7.062  1.00 10.61 ? 30  LYS A HA   1 
ATOM   442  H  HB2  A LYS A 1 30 ? -0.478  -7.424  -7.704  0.50 14.09 ? 30  LYS A HB2  1 
ATOM   443  H  HB2  B LYS A 1 30 ? -0.327  -7.495  -7.363  0.50 15.93 ? 30  LYS A HB2  1 
ATOM   444  H  HB3  A LYS A 1 30 ? -0.576  -8.261  -6.339  0.50 13.96 ? 30  LYS A HB3  1 
ATOM   445  H  HB3  B LYS A 1 30 ? -1.106  -8.706  -6.632  0.50 15.16 ? 30  LYS A HB3  1 
ATOM   446  H  HG2  A LYS A 1 30 ? -1.888  -9.848  -7.107  0.50 18.44 ? 30  LYS A HG2  1 
ATOM   447  H  HG2  B LYS A 1 30 ? -2.634  -8.958  -8.384  0.50 20.74 ? 30  LYS A HG2  1 
ATOM   448  H  HG3  A LYS A 1 30 ? -2.662  -8.955  -8.177  0.50 17.98 ? 30  LYS A HG3  1 
ATOM   449  H  HG3  B LYS A 1 30 ? -2.214  -7.614  -9.082  0.50 20.04 ? 30  LYS A HG3  1 
ATOM   450  H  HD2  A LYS A 1 30 ? -1.183  -10.736 -8.996  0.50 21.47 ? 30  LYS A HD2  1 
ATOM   451  H  HD2  B LYS A 1 30 ? -0.723  -10.054 -9.025  0.50 24.46 ? 30  LYS A HD2  1 
ATOM   452  H  HD3  A LYS A 1 30 ? -1.200  -9.386  -9.820  0.50 21.94 ? 30  LYS A HD3  1 
ATOM   453  H  HD3  B LYS A 1 30 ? -1.271  -9.320  -10.322 0.50 24.54 ? 30  LYS A HD3  1 
ATOM   454  H  HE2  A LYS A 1 30 ? 0.938   -8.793  -8.902  0.50 22.69 ? 30  LYS A HE2  1 
ATOM   455  H  HE2  B LYS A 1 30 ? 0.934   -8.142  -8.817  0.50 25.84 ? 30  LYS A HE2  1 
ATOM   456  H  HE3  A LYS A 1 30 ? 0.849   -10.032 -7.869  0.50 23.28 ? 30  LYS A HE3  1 
ATOM   457  H  HE3  B LYS A 1 30 ? 1.172   -9.292  -9.912  0.50 25.75 ? 30  LYS A HE3  1 
ATOM   458  H  HZ1  A LYS A 1 30 ? 0.785   -11.349 -9.880  0.50 21.25 ? 30  LYS A HZ1  1 
ATOM   459  H  HZ1  B LYS A 1 30 ? 0.167   -7.801  -11.454 0.50 26.03 ? 30  LYS A HZ1  1 
ATOM   460  H  HZ2  A LYS A 1 30 ? 1.449   -10.113 -10.507 0.50 21.83 ? 30  LYS A HZ2  1 
ATOM   461  H  HZ2  B LYS A 1 30 ? 0.579   -6.697  -10.453 0.50 25.17 ? 30  LYS A HZ2  1 
ATOM   462  H  HZ3  A LYS A 1 30 ? 2.101   -10.850 -9.391  0.50 21.60 ? 30  LYS A HZ3  1 
ATOM   463  H  HZ3  B LYS A 1 30 ? 1.567   -7.606  -11.059 0.50 25.92 ? 30  LYS A HZ3  1 
ATOM   464  N  N    . ASN A 1 31 ? -4.244  -7.607  -5.699  1.00 7.42  ? 31  ASN A N    1 
ATOM   465  C  CA   . ASN A 1 31 ? -5.206  -8.325  -4.816  1.00 7.53  ? 31  ASN A CA   1 
ATOM   466  C  C    . ASN A 1 31 ? -4.956  -9.837  -4.929  1.00 9.46  ? 31  ASN A C    1 
ATOM   467  O  O    . ASN A 1 31 ? -5.058  -10.373 -6.033  1.00 11.13 ? 31  ASN A O    1 
ATOM   468  C  CB   . ASN A 1 31 ? -6.628  -7.966  -5.186  1.00 11.76 ? 31  ASN A CB   1 
ATOM   469  C  CG   . ASN A 1 31 ? -7.508  -7.667  -4.013  1.00 11.26 ? 31  ASN A CG   1 
ATOM   470  O  OD1  . ASN A 1 31 ? -7.008  -7.474  -2.900  1.00 12.70 ? 31  ASN A OD1  1 
ATOM   471  N  ND2  . ASN A 1 31 ? -8.814  -7.552  -4.279  1.00 14.62 ? 31  ASN A ND2  1 
ATOM   472  H  H    . ASN A 1 31 ? -4.565  -7.133  -6.368  1.00 6.05  ? 31  ASN A H    1 
ATOM   473  H  HA   . ASN A 1 31 ? -5.084  -8.014  -3.934  1.00 8.16  ? 31  ASN A HA   1 
ATOM   474  H  HB2  . ASN A 1 31 ? -6.651  -7.191  -5.795  1.00 13.21 ? 31  ASN A HB2  1 
ATOM   475  H  HB3  . ASN A 1 31 ? -7.044  -8.739  -5.731  1.00 12.15 ? 31  ASN A HB3  1 
ATOM   476  H  HD21 . ASN A 1 31 ? -9.416  -7.358  -3.584  1.00 12.99 ? 31  ASN A HD21 1 
ATOM   477  H  HD22 . ASN A 1 31 ? -9.145  -7.687  -5.112  1.00 14.05 ? 31  ASN A HD22 1 
ATOM   478  N  N    . ASN A 1 32 ? -4.643  -10.422 -3.774  1.00 7.02  ? 32  ASN A N    1 
ATOM   479  C  CA   . ASN A 1 32 ? -4.271  -11.852 -3.798  1.00 7.24  ? 32  ASN A CA   1 
ATOM   480  C  C    . ASN A 1 32 ? -5.095  -12.774 -2.970  1.00 10.08 ? 32  ASN A C    1 
ATOM   481  O  O    . ASN A 1 32 ? -5.536  -13.784 -3.573  1.00 13.20 ? 32  ASN A O    1 
ATOM   482  C  CB   . ASN A 1 32 ? -2.781  -11.952 -3.447  1.00 7.64  ? 32  ASN A CB   1 
ATOM   483  C  CG   . ASN A 1 32 ? -2.168  -13.283 -3.692  1.00 12.38 ? 32  ASN A CG   1 
ATOM   484  O  OD1  . ASN A 1 32 ? -2.233  -13.795 -4.816  1.00 13.95 ? 32  ASN A OD1  1 
ATOM   485  N  ND2  . ASN A 1 32 ? -1.554  -13.860 -2.670  1.00 10.31 ? 32  ASN A ND2  1 
ATOM   486  H  H    . ASN A 1 32 ? -4.547  -9.988  -3.016  1.00 7.36  ? 32  ASN A H    1 
ATOM   487  H  HA   . ASN A 1 32 ? -4.202  -12.139 -4.707  1.00 8.35  ? 32  ASN A HA   1 
ATOM   488  H  HB2  . ASN A 1 32 ? -2.269  -11.345 -4.132  1.00 6.31  ? 32  ASN A HB2  1 
ATOM   489  H  HB3  . ASN A 1 32 ? -2.574  -11.624 -2.570  1.00 6.17  ? 32  ASN A HB3  1 
ATOM   490  H  HD21 . ASN A 1 32 ? -1.146  -14.692 -2.771  1.00 14.15 ? 32  ASN A HD21 1 
ATOM   491  H  HD22 . ASN A 1 32 ? -1.516  -13.458 -1.852  1.00 13.62 ? 32  ASN A HD22 1 
ATOM   492  N  N    . ALA A 1 33 ? -5.287  -12.514 -1.724  1.00 8.64  ? 33  ALA A N    1 
ATOM   493  C  CA   . ALA A 1 33 ? -6.097  -13.406 -0.861  1.00 9.51  ? 33  ALA A CA   1 
ATOM   494  C  C    . ALA A 1 33 ? -6.624  -12.592 0.304   1.00 11.88 ? 33  ALA A C    1 
ATOM   495  O  O    . ALA A 1 33 ? -5.970  -11.609 0.712   1.00 9.93  ? 33  ALA A O    1 
ATOM   496  C  CB   . ALA A 1 33 ? -5.216  -14.535 -0.369  1.00 13.76 ? 33  ALA A CB   1 
ATOM   497  H  H    . ALA A 1 33 ? -4.949  -11.780 -1.338  1.00 10.93 ? 33  ALA A H    1 
ATOM   498  H  HA   . ALA A 1 33 ? -6.797  -13.794 -1.374  1.00 9.09  ? 33  ALA A HA   1 
ATOM   499  H  HB1  . ALA A 1 33 ? -4.660  -14.859 -1.083  1.00 10.43 ? 33  ALA A HB1  1 
ATOM   500  H  HB2  . ALA A 1 33 ? -4.686  -14.172 0.392   1.00 9.17  ? 33  ALA A HB2  1 
ATOM   501  H  HB3  . ALA A 1 33 ? -5.753  -15.305 0.027   1.00 6.33  ? 33  ALA A HB3  1 
ATOM   502  N  N    . GLY A 1 34 ? -7.777  -12.991 0.801   1.00 11.55 ? 34  GLY A N    1 
ATOM   503  C  CA   . GLY A 1 34 ? -8.372  -12.325 1.967   1.00 11.77 ? 34  GLY A CA   1 
ATOM   504  C  C    . GLY A 1 34 ? -8.941  -10.955 1.683   1.00 11.00 ? 34  GLY A C    1 
ATOM   505  O  O    . GLY A 1 34 ? -9.108  -10.139 2.609   1.00 12.71 ? 34  GLY A O    1 
ATOM   506  H  H    . GLY A 1 34 ? -8.210  -13.718 0.483   1.00 9.39  ? 34  GLY A H    1 
ATOM   507  H  HA2  . GLY A 1 34 ? -9.093  -12.927 2.311   1.00 11.73 ? 34  GLY A HA2  1 
ATOM   508  H  HA3  . GLY A 1 34 ? -7.698  -12.318 2.702   1.00 10.68 ? 34  GLY A HA3  1 
ATOM   509  N  N    . PHE A 1 35 ? -9.224  -10.730 0.396   1.00 13.52 ? 35  PHE A N    1 
ATOM   510  C  CA   . PHE A 1 35 ? -9.808  -9.457  -0.077  1.00 15.17 ? 35  PHE A CA   1 
ATOM   511  C  C    . PHE A 1 35 ? -11.264 -9.415  0.441   1.00 16.86 ? 35  PHE A C    1 
ATOM   512  O  O    . PHE A 1 35 ? -11.795 -10.442 0.875   1.00 19.38 ? 35  PHE A O    1 
ATOM   513  C  CB   . PHE A 1 35 ? -9.718  -9.237  -1.584  1.00 15.13 ? 35  PHE A CB   1 
ATOM   514  C  CG   . PHE A 1 35 ? -9.805  -10.537 -2.332  1.00 13.76 ? 35  PHE A CG   1 
ATOM   515  C  CD1  . PHE A 1 35 ? -11.057 -11.076 -2.613  1.00 18.14 ? 35  PHE A CD1  1 
ATOM   516  C  CD2  . PHE A 1 35 ? -8.642  -11.205 -2.701  1.00 16.11 ? 35  PHE A CD2  1 
ATOM   517  C  CE1  . PHE A 1 35 ? -11.152 -12.286 -3.300  1.00 21.52 ? 35  PHE A CE1  1 
ATOM   518  C  CE2  . PHE A 1 35 ? -8.703  -12.410 -3.400  1.00 15.28 ? 35  PHE A CE2  1 
ATOM   519  C  CZ   . PHE A 1 35 ? -9.980  -12.945 -3.687  1.00 19.44 ? 35  PHE A CZ   1 
ATOM   520  H  H    . PHE A 1 35 ? -9.086  -11.356 -0.236  1.00 12.99 ? 35  PHE A H    1 
ATOM   521  H  HA   . PHE A 1 35 ? -9.309  -8.711  0.266   1.00 16.15 ? 35  PHE A HA   1 
ATOM   522  H  HB2  . PHE A 1 35 ? -10.523 -8.714  -1.882  1.00 14.08 ? 35  PHE A HB2  1 
ATOM   523  H  HB3  . PHE A 1 35 ? -8.945  -8.742  -1.812  1.00 15.30 ? 35  PHE A HB3  1 
ATOM   524  H  HD1  . PHE A 1 35 ? -11.824 -10.616 -2.348  1.00 17.21 ? 35  PHE A HD1  1 
ATOM   525  H  HD2  . PHE A 1 35 ? -7.785  -10.796 -2.485  1.00 17.51 ? 35  PHE A HD2  1 
ATOM   526  H  HE1  . PHE A 1 35 ? -12.002 -12.658 -3.503  1.00 18.26 ? 35  PHE A HE1  1 
ATOM   527  H  HE2  . PHE A 1 35 ? -7.955  -12.866 -3.658  1.00 17.96 ? 35  PHE A HE2  1 
ATOM   528  H  HZ   . PHE A 1 35 ? -10.046 -13.780 -4.157  1.00 20.27 ? 35  PHE A HZ   1 
ATOM   529  N  N    . PRO A 1 36 ? -11.855 -8.252  0.412   1.00 16.08 ? 36  PRO A N    1 
ATOM   530  C  CA   . PRO A 1 36 ? -11.369 -6.980  -0.087  1.00 12.93 ? 36  PRO A CA   1 
ATOM   531  C  C    . PRO A 1 36 ? -10.255 -6.363  0.737   1.00 9.07  ? 36  PRO A C    1 
ATOM   532  O  O    . PRO A 1 36 ? -10.110 -6.556  1.946   1.00 9.71  ? 36  PRO A O    1 
ATOM   533  C  CB   . PRO A 1 36 ? -12.589 -6.041  -0.098  1.00 14.31 ? 36  PRO A CB   1 
ATOM   534  C  CG   . PRO A 1 36 ? -13.810 -6.957  0.067   1.00 20.30 ? 36  PRO A CG   1 
ATOM   535  C  CD   . PRO A 1 36 ? -13.288 -8.121  0.901   1.00 19.70 ? 36  PRO A CD   1 
ATOM   536  H  HA   . PRO A 1 36 ? -11.075 -7.046  -1.019  1.00 13.03 ? 36  PRO A HA   1 
ATOM   537  H  HB2  . PRO A 1 36 ? -12.515 -5.471  0.683   1.00 12.40 ? 36  PRO A HB2  1 
ATOM   538  H  HB3  . PRO A 1 36 ? -12.648 -5.498  -0.797  1.00 10.24 ? 36  PRO A HB3  1 
ATOM   539  H  HG2  . PRO A 1 36 ? -14.540 -6.497  0.516   1.00 19.65 ? 36  PRO A HG2  1 
ATOM   540  H  HG3  . PRO A 1 36 ? -14.047 -7.247  -0.691  1.00 19.10 ? 36  PRO A HG3  1 
ATOM   541  H  HD2  . PRO A 1 36 ? -13.256 -8.040  1.885   1.00 16.72 ? 36  PRO A HD2  1 
ATOM   542  H  HD3  . PRO A 1 36 ? -13.826 -8.929  0.745   1.00 13.73 ? 36  PRO A HD3  1 
ATOM   543  N  N    . HIS A 1 37 ? -9.479  -5.568  -0.003  1.00 9.09  ? 37  HIS A N    1 
ATOM   544  C  CA   . HIS A 1 37 ? -8.390  -4.832  0.581   1.00 7.13  ? 37  HIS A CA   1 
ATOM   545  C  C    . HIS A 1 37 ? -8.311  -3.447  -0.110  1.00 9.86  ? 37  HIS A C    1 
ATOM   546  O  O    . HIS A 1 37 ? -8.866  -3.215  -1.163  1.00 7.84  ? 37  HIS A O    1 
ATOM   547  C  CB   . HIS A 1 37 ? -7.087  -5.534  0.334   1.00 8.68  ? 37  HIS A CB   1 
ATOM   548  C  CG   . HIS A 1 37 ? -6.812  -6.860  0.930   1.00 7.40  ? 37  HIS A CG   1 
ATOM   549  N  ND1  . HIS A 1 37 ? -6.795  -7.099  2.284   1.00 7.57  ? 37  HIS A ND1  1 
ATOM   550  C  CD2  . HIS A 1 37 ? -6.515  -8.037  0.257   1.00 8.92  ? 37  HIS A CD2  1 
ATOM   551  C  CE1  . HIS A 1 37 ? -6.503  -8.389  2.429   1.00 9.97  ? 37  HIS A CE1  1 
ATOM   552  N  NE2  . HIS A 1 37 ? -6.322  -8.992  1.227   1.00 9.88  ? 37  HIS A NE2  1 
ATOM   553  H  H    . HIS A 1 37 ? -9.621  -5.424  -0.896  1.00 6.82  ? 37  HIS A H    1 
ATOM   554  H  HA   . HIS A 1 37 ? -8.585  -4.709  1.512   1.00 3.82  ? 37  HIS A HA   1 
ATOM   555  H  HB2  . HIS A 1 37 ? -7.045  -5.714  -0.682  1.00 2.00  ? 37  HIS A HB2  1 
ATOM   556  H  HB3  . HIS A 1 37 ? -6.369  -4.883  0.565   1.00 2.00  ? 37  HIS A HB3  1 
ATOM   557  H  HD2  . HIS A 1 37 ? -6.442  -8.229  -0.681  1.00 9.89  ? 37  HIS A HD2  1 
ATOM   558  H  HE1  . HIS A 1 37 ? -6.429  -8.820  3.278   1.00 6.73  ? 37  HIS A HE1  1 
ATOM   559  H  HE2  . HIS A 1 37 ? -6.114  -9.891  1.094   1.00 8.98  ? 37  HIS A HE2  1 
ATOM   560  N  N    . ASN A 1 38 ? -7.524  -2.585  0.549   1.00 5.70  ? 38  ASN A N    1 
ATOM   561  C  CA   . ASN A 1 38 ? -7.205  -1.259  -0.022  1.00 6.81  ? 38  ASN A CA   1 
ATOM   562  C  C    . ASN A 1 38 ? -5.782  -0.892  0.479   1.00 6.62  ? 38  ASN A C    1 
ATOM   563  O  O    . ASN A 1 38 ? -5.203  -1.605  1.320   1.00 7.05  ? 38  ASN A O    1 
ATOM   564  C  CB   . ASN A 1 38 ? -8.244  -0.210  0.200   1.00 6.69  ? 38  ASN A CB   1 
ATOM   565  C  CG   . ASN A 1 38 ? -8.422  0.201   1.619   1.00 8.61  ? 38  ASN A CG   1 
ATOM   566  O  OD1  . ASN A 1 38 ? -7.578  -0.077  2.488   1.00 6.89  ? 38  ASN A OD1  1 
ATOM   567  N  ND2  . ASN A 1 38 ? -9.541  0.929   1.858   1.00 11.77 ? 38  ASN A ND2  1 
ATOM   568  H  H    . ASN A 1 38 ? -7.087  -2.821  1.293   1.00 8.32  ? 38  ASN A H    1 
ATOM   569  H  HA   . ASN A 1 38 ? -7.217  -1.408  -0.998  1.00 5.58  ? 38  ASN A HA   1 
ATOM   570  H  HB2  . ASN A 1 38 ? -7.956  0.667   -0.309  1.00 5.74  ? 38  ASN A HB2  1 
ATOM   571  H  HB3  . ASN A 1 38 ? -9.098  -0.433  -0.208  1.00 9.74  ? 38  ASN A HB3  1 
ATOM   572  H  HD21 . ASN A 1 38 ? -9.664  1.206   2.776   1.00 8.32  ? 38  ASN A HD21 1 
ATOM   573  H  HD22 . ASN A 1 38 ? -10.120 1.128   1.255   1.00 6.48  ? 38  ASN A HD22 1 
ATOM   574  N  N    . ILE A 1 39 ? -5.286  0.214   -0.065  1.00 4.80  ? 39  ILE A N    1 
ATOM   575  C  CA   . ILE A 1 39 ? -3.984  0.739   0.281   1.00 5.19  ? 39  ILE A CA   1 
ATOM   576  C  C    . ILE A 1 39 ? -4.174  2.229   0.585   1.00 7.04  ? 39  ILE A C    1 
ATOM   577  O  O    . ILE A 1 39 ? -4.557  2.977   -0.309  1.00 6.76  ? 39  ILE A O    1 
ATOM   578  C  CB   . ILE A 1 39 ? -2.929  0.665   -0.789  1.00 9.38  ? 39  ILE A CB   1 
ATOM   579  C  CG1  . ILE A 1 39 ? -2.747  -0.736  -1.297  1.00 10.75 ? 39  ILE A CG1  1 
ATOM   580  C  CG2  . ILE A 1 39 ? -1.607  1.273   -0.303  1.00 11.88 ? 39  ILE A CG2  1 
ATOM   581  C  CD1  . ILE A 1 39 ? -3.778  -1.228  -2.286  1.00 16.33 ? 39  ILE A CD1  1 
ATOM   582  H  H    . ILE A 1 39 ? -5.736  0.702   -0.658  1.00 4.71  ? 39  ILE A H    1 
ATOM   583  H  HA   . ILE A 1 39 ? -3.690  0.324   1.092   1.00 7.92  ? 39  ILE A HA   1 
ATOM   584  H  HB   . ILE A 1 39 ? -3.250  1.243   -1.540  1.00 13.18 ? 39  ILE A HB   1 
ATOM   585  H  HG12 . ILE A 1 39 ? -1.872  -0.845  -1.678  1.00 12.36 ? 39  ILE A HG12 1 
ATOM   586  H  HG13 . ILE A 1 39 ? -2.789  -1.363  -0.481  1.00 11.50 ? 39  ILE A HG13 1 
ATOM   587  H  HG21 . ILE A 1 39 ? -1.808  2.025   0.340   1.00 9.17  ? 39  ILE A HG21 1 
ATOM   588  H  HG22 . ILE A 1 39 ? -1.192  0.528   0.225   1.00 2.70  ? 39  ILE A HG22 1 
ATOM   589  H  HG23 . ILE A 1 39 ? -1.112  1.674   -1.019  1.00 2.00  ? 39  ILE A HG23 1 
ATOM   590  H  HD11 . ILE A 1 39 ? -4.165  -0.438  -2.771  1.00 14.48 ? 39  ILE A HD11 1 
ATOM   591  H  HD12 . ILE A 1 39 ? -3.326  -1.867  -2.922  1.00 14.33 ? 39  ILE A HD12 1 
ATOM   592  H  HD13 . ILE A 1 39 ? -4.506  -1.666  -1.756  1.00 13.59 ? 39  ILE A HD13 1 
ATOM   593  N  N    . VAL A 1 40 ? -3.913  2.564   1.824   1.00 5.77  ? 40  VAL A N    1 
ATOM   594  C  CA   . VAL A 1 40 ? -4.036  3.923   2.342   1.00 8.95  ? 40  VAL A CA   1 
ATOM   595  C  C    . VAL A 1 40 ? -2.734  4.357   2.974   1.00 8.54  ? 40  VAL A C    1 
ATOM   596  O  O    . VAL A 1 40 ? -2.178  3.666   3.810   1.00 6.05  ? 40  VAL A O    1 
ATOM   597  C  CB   . VAL A 1 40 ? -5.226  3.951   3.368   1.00 10.00 ? 40  VAL A CB   1 
ATOM   598  C  CG1  . VAL A 1 40 ? -5.348  5.349   3.944   1.00 12.98 ? 40  VAL A CG1  1 
ATOM   599  C  CG2  . VAL A 1 40 ? -6.503  3.409   2.768   1.00 10.03 ? 40  VAL A CG2  1 
ATOM   600  H  H    . VAL A 1 40 ? -3.633  1.939   2.445   1.00 5.69  ? 40  VAL A H    1 
ATOM   601  H  HA   . VAL A 1 40 ? -4.322  4.523   1.657   1.00 7.91  ? 40  VAL A HA   1 
ATOM   602  H  HB   . VAL A 1 40 ? -4.959  3.349   4.109   1.00 8.47  ? 40  VAL A HB   1 
ATOM   603  H  HG11 . VAL A 1 40 ? -4.505  5.736   4.291   1.00 5.62  ? 40  VAL A HG11 1 
ATOM   604  H  HG12 . VAL A 1 40 ? -5.816  5.909   3.375   1.00 9.65  ? 40  VAL A HG12 1 
ATOM   605  H  HG13 . VAL A 1 40 ? -5.919  5.276   4.795   1.00 11.90 ? 40  VAL A HG13 1 
ATOM   606  H  HG21 . VAL A 1 40 ? -6.563  2.898   2.017   1.00 3.10  ? 40  VAL A HG21 1 
ATOM   607  H  HG22 . VAL A 1 40 ? -6.868  2.756   3.526   1.00 8.51  ? 40  VAL A HG22 1 
ATOM   608  H  HG23 . VAL A 1 40 ? -7.247  4.085   2.828   1.00 7.01  ? 40  VAL A HG23 1 
ATOM   609  N  N    . PHE A 1 41 ? -2.269  5.545   2.551   1.00 7.92  ? 41  PHE A N    1 
ATOM   610  C  CA   . PHE A 1 41 ? -1.040  6.129   3.081   1.00 8.56  ? 41  PHE A CA   1 
ATOM   611  C  C    . PHE A 1 41 ? -1.459  6.988   4.288   1.00 10.78 ? 41  PHE A C    1 
ATOM   612  O  O    . PHE A 1 41 ? -2.383  7.776   4.139   1.00 10.62 ? 41  PHE A O    1 
ATOM   613  C  CB   . PHE A 1 41 ? -0.225  6.905   2.069   1.00 7.77  ? 41  PHE A CB   1 
ATOM   614  C  CG   . PHE A 1 41 ? 0.576   6.009   1.181   1.00 11.64 ? 41  PHE A CG   1 
ATOM   615  C  CD1  . PHE A 1 41 ? 0.006   5.533   -0.002  1.00 13.98 ? 41  PHE A CD1  1 
ATOM   616  C  CD2  . PHE A 1 41 ? 1.869   5.616   1.535   1.00 10.87 ? 41  PHE A CD2  1 
ATOM   617  C  CE1  . PHE A 1 41 ? 0.760   4.689   -0.845  1.00 13.49 ? 41  PHE A CE1  1 
ATOM   618  C  CE2  . PHE A 1 41 ? 2.605   4.788   0.718   1.00 9.11  ? 41  PHE A CE2  1 
ATOM   619  C  CZ   . PHE A 1 41 ? 2.044   4.307   -0.472  1.00 10.89 ? 41  PHE A CZ   1 
ATOM   620  H  H    . PHE A 1 41 ? -2.732  6.034   1.932   1.00 9.89  ? 41  PHE A H    1 
ATOM   621  H  HA   . PHE A 1 41 ? -0.436  5.453   3.361   1.00 9.50  ? 41  PHE A HA   1 
ATOM   622  H  HB2  . PHE A 1 41 ? -0.782  7.508   1.565   1.00 9.35  ? 41  PHE A HB2  1 
ATOM   623  H  HB3  . PHE A 1 41 ? 0.386   7.518   2.583   1.00 9.37  ? 41  PHE A HB3  1 
ATOM   624  H  HD1  . PHE A 1 41 ? -0.892  5.806   -0.237  1.00 11.68 ? 41  PHE A HD1  1 
ATOM   625  H  HD2  . PHE A 1 41 ? 2.234   5.939   2.339   1.00 11.13 ? 41  PHE A HD2  1 
ATOM   626  H  HE1  . PHE A 1 41 ? 0.408   4.353   -1.639  1.00 14.71 ? 41  PHE A HE1  1 
ATOM   627  H  HE2  . PHE A 1 41 ? 3.484   4.535   0.975   1.00 12.08 ? 41  PHE A HE2  1 
ATOM   628  H  HZ   . PHE A 1 41 ? 2.568   3.727   -1.040  1.00 12.90 ? 41  PHE A HZ   1 
ATOM   629  N  N    . ASP A 1 42 ? -0.757  6.789   5.373   1.00 8.74  ? 42  ASP A N    1 
ATOM   630  C  CA   . ASP A 1 42 ? -1.040  7.567   6.613   1.00 14.17 ? 42  ASP A CA   1 
ATOM   631  C  C    . ASP A 1 42 ? -0.557  9.013   6.400   1.00 12.42 ? 42  ASP A C    1 
ATOM   632  O  O    . ASP A 1 42 ? 0.674   9.202   6.231   1.00 11.15 ? 42  ASP A O    1 
ATOM   633  C  CB   . ASP A 1 42 ? -0.326  6.868   7.775   1.00 18.50 ? 42  ASP A CB   1 
ATOM   634  C  CG   . ASP A 1 42 ? -0.564  7.558   9.100   1.00 25.69 ? 42  ASP A CG   1 
ATOM   635  O  OD1  . ASP A 1 42 ? -0.989  8.690   9.161   1.00 22.65 ? 42  ASP A OD1  1 
ATOM   636  O  OD2  . ASP A 1 42 ? -0.286  6.810   10.152  1.00 30.18 ? 42  ASP A OD2  1 
ATOM   637  H  H    . ASP A 1 42 ? -0.072  6.190   5.409   1.00 7.89  ? 42  ASP A H    1 
ATOM   638  H  HA   . ASP A 1 42 ? -1.977  7.595   6.763   1.00 12.85 ? 42  ASP A HA   1 
ATOM   639  H  HB2  . ASP A 1 42 ? -0.555  5.897   7.844   1.00 17.87 ? 42  ASP A HB2  1 
ATOM   640  H  HB3  . ASP A 1 42 ? 0.653   6.841   7.615   1.00 17.92 ? 42  ASP A HB3  1 
ATOM   641  N  N    . GLU A 1 43 ? -1.464  9.950   6.438   1.00 11.85 ? 43  GLU A N    1 
ATOM   642  C  CA   . GLU A 1 43 ? -1.138  11.358  6.206   1.00 14.53 ? 43  GLU A CA   1 
ATOM   643  C  C    . GLU A 1 43 ? -0.160  11.975  7.162   1.00 13.97 ? 43  GLU A C    1 
ATOM   644  O  O    . GLU A 1 43 ? 0.565   12.931  6.793   1.00 17.06 ? 43  GLU A O    1 
ATOM   645  C  CB   . GLU A 1 43 ? -2.373  12.244  6.107   1.00 24.13 ? 43  GLU A CB   1 
ATOM   646  C  CG   . GLU A 1 43 ? -3.283  12.302  7.321   1.00 35.55 ? 43  GLU A CG   1 
ATOM   647  C  CD   . GLU A 1 43 ? -4.401  13.309  7.300   1.00 45.58 ? 43  GLU A CD   1 
ATOM   648  O  OE1  . GLU A 1 43 ? -4.682  13.752  6.086   1.00 47.44 ? 43  GLU A OE1  1 
ATOM   649  O  OE2  . GLU A 1 43 ? -4.997  13.691  8.323   1.00 51.88 ? 43  GLU A OE2  1 
ATOM   650  H  H    . GLU A 1 43 ? -2.337  9.716   6.558   1.00 13.29 ? 43  GLU A H    1 
ATOM   651  H  HA   . GLU A 1 43 ? -0.694  11.387  5.285   1.00 17.11 ? 43  GLU A HA   1 
ATOM   652  H  HB2  . GLU A 1 43 ? -1.978  13.193  6.026   1.00 21.93 ? 43  GLU A HB2  1 
ATOM   653  H  HB3  . GLU A 1 43 ? -2.836  12.038  5.298   1.00 20.58 ? 43  GLU A HB3  1 
ATOM   654  H  HG2  . GLU A 1 43 ? -3.675  11.411  7.530   1.00 35.37 ? 43  GLU A HG2  1 
ATOM   655  H  HG3  . GLU A 1 43 ? -2.701  12.513  8.101   1.00 35.44 ? 43  GLU A HG3  1 
ATOM   656  N  N    . ASP A 1 44 ? -0.061  11.438  8.356   1.00 10.22 ? 44  ASP A N    1 
ATOM   657  C  CA   . ASP A 1 44 ? 0.857   11.888  9.419   1.00 12.17 ? 44  ASP A CA   1 
ATOM   658  C  C    . ASP A 1 44 ? 2.153   11.100  9.412   1.00 14.63 ? 44  ASP A C    1 
ATOM   659  O  O    . ASP A 1 44 ? 3.007   11.307  10.296  1.00 16.18 ? 44  ASP A O    1 
ATOM   660  C  CB   . ASP A 1 44 ? 0.257   11.579  10.816  1.00 14.93 ? 44  ASP A CB   1 
ATOM   661  C  CG   . ASP A 1 44 ? -1.009  12.337  11.059  1.00 23.97 ? 44  ASP A CG   1 
ATOM   662  O  OD1  . ASP A 1 44 ? -0.827  13.615  10.858  1.00 27.75 ? 44  ASP A OD1  1 
ATOM   663  O  OD2  . ASP A 1 44 ? -2.058  11.805  11.390  1.00 24.92 ? 44  ASP A OD2  1 
ATOM   664  H  H    . ASP A 1 44 ? -0.603  10.730  8.575   1.00 14.05 ? 44  ASP A H    1 
ATOM   665  H  HA   . ASP A 1 44 ? 1.010   12.798  9.428   1.00 11.76 ? 44  ASP A HA   1 
ATOM   666  H  HB2  . ASP A 1 44 ? 0.195   10.634  11.007  1.00 15.78 ? 44  ASP A HB2  1 
ATOM   667  H  HB3  . ASP A 1 44 ? 0.936   11.910  11.458  1.00 16.69 ? 44  ASP A HB3  1 
ATOM   668  N  N    A SER A 1 45 ? 2.293   10.203  8.426   0.50 10.74 ? 45  SER A N    1 
ATOM   669  N  N    B SER A 1 45 ? 2.241   10.189  8.454   0.50 11.75 ? 45  SER A N    1 
ATOM   670  C  CA   A SER A 1 45 ? 3.507   9.381   8.371   0.50 11.38 ? 45  SER A CA   1 
ATOM   671  C  CA   B SER A 1 45 ? 3.378   9.288   8.320   0.50 13.02 ? 45  SER A CA   1 
ATOM   672  C  C    A SER A 1 45 ? 4.069   9.163   6.978   0.50 9.43  ? 45  SER A C    1 
ATOM   673  C  C    B SER A 1 45 ? 3.909   9.135   6.910   0.50 9.84  ? 45  SER A C    1 
ATOM   674  O  O    A SER A 1 45 ? 4.524   8.060   6.592   0.50 7.02  ? 45  SER A O    1 
ATOM   675  O  O    B SER A 1 45 ? 4.188   8.010   6.437   0.50 10.89 ? 45  SER A O    1 
ATOM   676  C  CB   A SER A 1 45 ? 3.299   8.059   9.118   0.50 15.10 ? 45  SER A CB   1 
ATOM   677  C  CB   B SER A 1 45 ? 2.958   7.906   8.886   0.50 17.19 ? 45  SER A CB   1 
ATOM   678  O  OG   A SER A 1 45 ? 4.511   7.693   9.754   0.50 19.08 ? 45  SER A OG   1 
ATOM   679  O  OG   B SER A 1 45 ? 2.420   8.035   10.199  0.50 21.40 ? 45  SER A OG   1 
ATOM   680  H  H    A SER A 1 45 ? 1.657   10.078  7.823   0.50 13.05 ? 45  SER A H    1 
ATOM   681  H  H    B SER A 1 45 ? 1.571   10.062  7.856   0.50 13.71 ? 45  SER A H    1 
ATOM   682  H  HA   A SER A 1 45 ? 4.199   9.845   8.921   0.50 12.23 ? 45  SER A HA   1 
ATOM   683  H  HA   B SER A 1 45 ? 4.089   9.577   8.924   0.50 13.19 ? 45  SER A HA   1 
ATOM   684  H  HB2  A SER A 1 45 ? 2.646   8.263   9.874   0.50 17.19 ? 45  SER A HB2  1 
ATOM   685  H  HB2  B SER A 1 45 ? 2.206   7.571   8.314   0.50 16.18 ? 45  SER A HB2  1 
ATOM   686  H  HB3  A SER A 1 45 ? 2.902   7.378   8.561   0.50 16.09 ? 45  SER A HB3  1 
ATOM   687  H  HB3  B SER A 1 45 ? 3.698   7.285   8.856   0.50 17.72 ? 45  SER A HB3  1 
ATOM   688  H  HG   A SER A 1 45 ? 5.028   7.295   9.181   0.50 19.37 ? 45  SER A HG   1 
ATOM   689  H  HG   B SER A 1 45 ? 3.048   8.237   10.751  0.50 19.19 ? 45  SER A HG   1 
ATOM   690  N  N    . ILE A 1 46 ? 4.095   10.254  6.252   1.00 7.95  ? 46  ILE A N    1 
ATOM   691  C  CA   . ILE A 1 46 ? 4.637   10.378  4.891   1.00 8.14  ? 46  ILE A CA   1 
ATOM   692  C  C    . ILE A 1 46 ? 5.471   11.674  4.918   1.00 5.02  ? 46  ILE A C    1 
ATOM   693  O  O    . ILE A 1 46 ? 5.324   12.534  5.820   1.00 8.08  ? 46  ILE A O    1 
ATOM   694  C  CB   . ILE A 1 46 ? 3.610   10.324  3.789   1.00 7.68  ? 46  ILE A CB   1 
ATOM   695  C  CG1  . ILE A 1 46 ? 2.563   11.404  3.822   1.00 10.70 ? 46  ILE A CG1  1 
ATOM   696  C  CG2  . ILE A 1 46 ? 2.938   8.918   3.835   1.00 9.41  ? 46  ILE A CG2  1 
ATOM   697  C  CD1  . ILE A 1 46 ? 1.596   11.462  2.613   1.00 10.14 ? 46  ILE A CD1  1 
ATOM   698  H  H    . ILE A 1 46 ? 3.777   11.067  6.587   1.00 10.55 ? 46  ILE A H    1 
ATOM   699  H  HA   . ILE A 1 46 ? 5.322   9.675   4.779   1.00 5.41  ? 46  ILE A HA   1 
ATOM   700  H  HB   . ILE A 1 46 ? 4.081   10.380  2.930   1.00 11.13 ? 46  ILE A HB   1 
ATOM   701  H  HG12 . ILE A 1 46 ? 1.987   11.411  4.626   1.00 2.00  ? 46  ILE A HG12 1 
ATOM   702  H  HG13 . ILE A 1 46 ? 3.064   12.277  3.770   1.00 6.94  ? 46  ILE A HG13 1 
ATOM   703  H  HG21 . ILE A 1 46 ? 2.548   8.710   4.706   1.00 7.97  ? 46  ILE A HG21 1 
ATOM   704  H  HG22 . ILE A 1 46 ? 2.351   8.811   3.078   1.00 9.30  ? 46  ILE A HG22 1 
ATOM   705  H  HG23 . ILE A 1 46 ? 3.723   8.232   3.726   1.00 4.09  ? 46  ILE A HG23 1 
ATOM   706  H  HD11 . ILE A 1 46 ? 1.630   10.668  2.082   1.00 8.88  ? 46  ILE A HD11 1 
ATOM   707  H  HD12 . ILE A 1 46 ? 0.676   11.537  3.075   1.00 8.53  ? 46  ILE A HD12 1 
ATOM   708  H  HD13 . ILE A 1 46 ? 1.761   12.296  2.111   1.00 10.27 ? 46  ILE A HD13 1 
ATOM   709  N  N    . PRO A 1 47 ? 6.339   11.794  3.964   1.00 6.52  ? 47  PRO A N    1 
ATOM   710  C  CA   . PRO A 1 47 ? 7.230   12.970  3.892   1.00 7.87  ? 47  PRO A CA   1 
ATOM   711  C  C    . PRO A 1 47 ? 6.437   14.251  3.773   1.00 9.51  ? 47  PRO A C    1 
ATOM   712  O  O    . PRO A 1 47 ? 5.369   14.347  3.161   1.00 9.45  ? 47  PRO A O    1 
ATOM   713  C  CB   . PRO A 1 47 ? 8.144   12.727  2.722   1.00 10.71 ? 47  PRO A CB   1 
ATOM   714  C  CG   . PRO A 1 47 ? 8.095   11.212  2.466   1.00 9.92  ? 47  PRO A CG   1 
ATOM   715  C  CD   . PRO A 1 47 ? 6.661   10.867  2.867   1.00 6.09  ? 47  PRO A CD   1 
ATOM   716  H  HA   . PRO A 1 47 ? 7.741   12.941  4.746   1.00 5.03  ? 47  PRO A HA   1 
ATOM   717  H  HB2  . PRO A 1 47 ? 7.770   13.253  1.969   1.00 10.01 ? 47  PRO A HB2  1 
ATOM   718  H  HB3  . PRO A 1 47 ? 8.967   13.054  2.757   1.00 11.50 ? 47  PRO A HB3  1 
ATOM   719  H  HG2  . PRO A 1 47 ? 8.330   10.944  1.584   1.00 5.97  ? 47  PRO A HG2  1 
ATOM   720  H  HG3  . PRO A 1 47 ? 8.596   10.810  3.042   1.00 9.01  ? 47  PRO A HG3  1 
ATOM   721  H  HD2  . PRO A 1 47 ? 6.015   10.895  2.184   1.00 9.10  ? 47  PRO A HD2  1 
ATOM   722  H  HD3  . PRO A 1 47 ? 6.703   9.919   3.226   1.00 10.09 ? 47  PRO A HD3  1 
ATOM   723  N  N    . SER A 1 48 ? 7.002   15.254  4.437   1.00 11.34 ? 48  SER A N    1 
ATOM   724  C  CA   . SER A 1 48 ? 6.430   16.605  4.472   1.00 14.15 ? 48  SER A CA   1 
ATOM   725  C  C    . SER A 1 48 ? 6.195   17.144  3.075   1.00 10.02 ? 48  SER A C    1 
ATOM   726  O  O    . SER A 1 48 ? 7.033   17.047  2.178   1.00 14.03 ? 48  SER A O    1 
ATOM   727  C  CB   . SER A 1 48 ? 7.357   17.529  5.283   1.00 20.69 ? 48  SER A CB   1 
ATOM   728  O  OG   . SER A 1 48 ? 7.123   17.175  6.672   1.00 30.42 ? 48  SER A OG   1 
ATOM   729  H  H    . SER A 1 48 ? 7.783   15.180  4.883   1.00 11.92 ? 48  SER A H    1 
ATOM   730  H  HA   . SER A 1 48 ? 5.586   16.604  4.966   1.00 11.39 ? 48  SER A HA   1 
ATOM   731  H  HB2  . SER A 1 48 ? 8.271   17.367  5.017   1.00 20.52 ? 48  SER A HB2  1 
ATOM   732  H  HB3  . SER A 1 48 ? 7.135   18.485  5.099   1.00 20.98 ? 48  SER A HB3  1 
ATOM   733  H  HG   . SER A 1 48 ? 7.566   17.737  7.175   1.00 31.05 ? 48  SER A HG   1 
ATOM   734  N  N    . GLY A 1 49 ? 5.009   17.689  2.904   1.00 11.15 ? 49  GLY A N    1 
ATOM   735  C  CA   . GLY A 1 49 ? 4.555   18.298  1.655   1.00 11.00 ? 49  GLY A CA   1 
ATOM   736  C  C    . GLY A 1 49 ? 3.859   17.405  0.668   1.00 11.94 ? 49  GLY A C    1 
ATOM   737  O  O    . GLY A 1 49 ? 3.232   17.898  -0.295  1.00 12.45 ? 49  GLY A O    1 
ATOM   738  H  H    . GLY A 1 49 ? 4.394   17.751  3.603   1.00 12.57 ? 49  GLY A H    1 
ATOM   739  H  HA2  . GLY A 1 49 ? 4.005   19.078  1.882   1.00 11.62 ? 49  GLY A HA2  1 
ATOM   740  H  HA3  . GLY A 1 49 ? 5.397   18.706  1.215   1.00 11.83 ? 49  GLY A HA3  1 
ATOM   741  N  N    . VAL A 1 50 ? 3.954   16.089  0.859   1.00 9.25  ? 50  VAL A N    1 
ATOM   742  C  CA   . VAL A 1 50 ? 3.323   15.125  -0.016  1.00 5.96  ? 50  VAL A CA   1 
ATOM   743  C  C    . VAL A 1 50 ? 1.806   15.072  0.247   1.00 8.11  ? 50  VAL A C    1 
ATOM   744  O  O    . VAL A 1 50 ? 1.345   15.011  1.367   1.00 9.35  ? 50  VAL A O    1 
ATOM   745  C  CB   . VAL A 1 50 ? 3.954   13.716  0.163   1.00 7.82  ? 50  VAL A CB   1 
ATOM   746  C  CG1  . VAL A 1 50 ? 3.140   12.649  -0.593  1.00 7.99  ? 50  VAL A CG1  1 
ATOM   747  C  CG2  . VAL A 1 50 ? 5.402   13.664  -0.231  1.00 7.78  ? 50  VAL A CG2  1 
ATOM   748  H  H    . VAL A 1 50 ? 4.425   15.772  1.579   1.00 9.63  ? 50  VAL A H    1 
ATOM   749  H  HA   . VAL A 1 50 ? 3.541   15.342  -0.917  1.00 6.61  ? 50  VAL A HA   1 
ATOM   750  H  HB   . VAL A 1 50 ? 3.891   13.488  1.135   1.00 3.63  ? 50  VAL A HB   1 
ATOM   751  H  HG11 . VAL A 1 50 ? 2.234   12.664  -0.481  1.00 2.00  ? 50  VAL A HG11 1 
ATOM   752  H  HG12 . VAL A 1 50 ? 3.440   12.624  -1.512  1.00 4.17  ? 50  VAL A HG12 1 
ATOM   753  H  HG13 . VAL A 1 50 ? 3.528   11.765  -0.258  1.00 4.29  ? 50  VAL A HG13 1 
ATOM   754  H  HG21 . VAL A 1 50 ? 5.935   14.447  0.008   1.00 6.08  ? 50  VAL A HG21 1 
ATOM   755  H  HG22 . VAL A 1 50 ? 5.822   12.873  0.195   1.00 4.98  ? 50  VAL A HG22 1 
ATOM   756  H  HG23 . VAL A 1 50 ? 5.493   13.581  -1.202  1.00 7.73  ? 50  VAL A HG23 1 
ATOM   757  N  N    . ASP A 1 51 ? 1.069   15.068  -0.841  1.00 9.41  ? 51  ASP A N    1 
ATOM   758  C  CA   . ASP A 1 51 ? -0.412  14.967  -0.872  1.00 9.10  ? 51  ASP A CA   1 
ATOM   759  C  C    . ASP A 1 51 ? -0.820  13.468  -0.834  1.00 6.01  ? 51  ASP A C    1 
ATOM   760  O  O    . ASP A 1 51 ? -0.729  12.807  -1.855  1.00 9.81  ? 51  ASP A O    1 
ATOM   761  C  CB   . ASP A 1 51 ? -0.956  15.635  -2.098  1.00 10.37 ? 51  ASP A CB   1 
ATOM   762  C  CG   . ASP A 1 51 ? -2.450  15.730  -2.219  1.00 13.25 ? 51  ASP A CG   1 
ATOM   763  O  OD1  . ASP A 1 51 ? -3.157  15.139  -1.357  1.00 13.62 ? 51  ASP A OD1  1 
ATOM   764  O  OD2  . ASP A 1 51 ? -2.894  16.376  -3.161  1.00 17.11 ? 51  ASP A OD2  1 
ATOM   765  H  H    . ASP A 1 51 ? 1.458   15.091  -1.697  1.00 9.46  ? 51  ASP A H    1 
ATOM   766  H  HA   . ASP A 1 51 ? -0.845  15.368  -0.099  1.00 7.59  ? 51  ASP A HA   1 
ATOM   767  H  HB2  . ASP A 1 51 ? -0.545  16.449  -2.378  1.00 10.28 ? 51  ASP A HB2  1 
ATOM   768  H  HB3  . ASP A 1 51 ? -0.707  14.977  -2.879  1.00 9.07  ? 51  ASP A HB3  1 
ATOM   769  N  N    . ALA A 1 52 ? -1.248  13.048  0.318   1.00 10.59 ? 52  ALA A N    1 
ATOM   770  C  CA   . ALA A 1 52 ? -1.681  11.648  0.480   1.00 10.82 ? 52  ALA A CA   1 
ATOM   771  C  C    . ALA A 1 52 ? -2.714  11.283  -0.560  1.00 12.09 ? 52  ALA A C    1 
ATOM   772  O  O    . ALA A 1 52 ? -2.831  10.110  -0.975  1.00 13.41 ? 52  ALA A O    1 
ATOM   773  C  CB   . ALA A 1 52 ? -2.185  11.416  1.910   1.00 12.21 ? 52  ALA A CB   1 
ATOM   774  H  H    . ALA A 1 52 ? -1.310  13.564  1.067   1.00 9.22  ? 52  ALA A H    1 
ATOM   775  H  HA   . ALA A 1 52 ? -0.886  11.068  0.380   1.00 14.05 ? 52  ALA A HA   1 
ATOM   776  H  HB1  . ALA A 1 52 ? -1.429  11.632  2.549   1.00 11.37 ? 52  ALA A HB1  1 
ATOM   777  H  HB2  . ALA A 1 52 ? -2.925  11.956  2.175   1.00 9.20  ? 52  ALA A HB2  1 
ATOM   778  H  HB3  . ALA A 1 52 ? -2.405  10.472  2.079   1.00 9.40  ? 52  ALA A HB3  1 
ATOM   779  N  N    . SER A 1 53 ? -3.489  12.280  -1.007  1.00 12.10 ? 53  SER A N    1 
ATOM   780  C  CA   . SER A 1 53 ? -4.575  12.010  -1.973  1.00 11.50 ? 53  SER A CA   1 
ATOM   781  C  C    . SER A 1 53 ? -4.108  11.544  -3.320  1.00 13.20 ? 53  SER A C    1 
ATOM   782  O  O    . SER A 1 53 ? -4.833  10.742  -3.955  1.00 19.11 ? 53  SER A O    1 
ATOM   783  C  CB   . SER A 1 53 ? -5.510  13.248  -2.075  1.00 12.68 ? 53  SER A CB   1 
ATOM   784  O  OG   . SER A 1 53 ? -5.012  14.139  -3.033  1.00 17.12 ? 53  SER A OG   1 
ATOM   785  H  H    . SER A 1 53 ? -3.402  13.116  -0.679  1.00 10.17 ? 53  SER A H    1 
ATOM   786  H  HA   . SER A 1 53 ? -5.131  11.287  -1.573  1.00 9.99  ? 53  SER A HA   1 
ATOM   787  H  HB2  . SER A 1 53 ? -6.389  12.918  -2.427  1.00 12.49 ? 53  SER A HB2  1 
ATOM   788  H  HB3  . SER A 1 53 ? -5.677  13.655  -1.214  1.00 9.48  ? 53  SER A HB3  1 
ATOM   789  H  HG   . SER A 1 53 ? -4.190  14.056  -3.206  1.00 17.51 ? 53  SER A HG   1 
ATOM   790  N  N    . LYS A 1 54 ? -2.966  11.962  -3.771  1.00 10.98 ? 54  LYS A N    1 
ATOM   791  C  CA   . LYS A 1 54 ? -2.378  11.631  -5.035  1.00 14.26 ? 54  LYS A CA   1 
ATOM   792  C  C    . LYS A 1 54 ? -1.800  10.215  -5.073  1.00 11.99 ? 54  LYS A C    1 
ATOM   793  O  O    . LYS A 1 54 ? -1.685  9.679   -6.187  1.00 15.35 ? 54  LYS A O    1 
ATOM   794  C  CB   A LYS A 1 54 ? -1.217  12.540  -5.412  0.50 16.59 ? 54  LYS A CB   1 
ATOM   795  C  CB   B LYS A 1 54 ? -1.312  12.645  -5.439  0.50 17.56 ? 54  LYS A CB   1 
ATOM   796  C  CG   A LYS A 1 54 ? -1.450  13.994  -5.760  0.50 18.42 ? 54  LYS A CG   1 
ATOM   797  C  CG   B LYS A 1 54 ? -1.881  14.078  -5.493  0.50 20.51 ? 54  LYS A CG   1 
ATOM   798  C  CD   A LYS A 1 54 ? -0.127  14.604  -6.252  0.50 20.31 ? 54  LYS A CD   1 
ATOM   799  C  CD   B LYS A 1 54 ? -0.856  14.997  -6.155  0.50 24.33 ? 54  LYS A CD   1 
ATOM   800  C  CE   A LYS A 1 54 ? -0.239  16.002  -6.796  0.50 23.60 ? 54  LYS A CE   1 
ATOM   801  C  CE   B LYS A 1 54 ? -1.387  16.407  -6.323  0.50 27.38 ? 54  LYS A CE   1 
ATOM   802  N  NZ   A LYS A 1 54 ? 1.093   16.507  -7.259  0.50 27.44 ? 54  LYS A NZ   1 
ATOM   803  N  NZ   B LYS A 1 54 ? -1.950  16.902  -5.045  0.50 27.38 ? 54  LYS A NZ   1 
ATOM   804  H  H    . LYS A 1 54 ? -2.463  12.565  -3.246  1.00 14.54 ? 54  LYS A H    1 
ATOM   805  H  HA   . LYS A 1 54 ? -3.073  11.724  -5.727  1.00 14.60 ? 54  LYS A HA   1 
ATOM   806  H  HB2  A LYS A 1 54 ? -0.506  12.461  -4.719  0.50 17.02 ? 54  LYS A HB2  1 
ATOM   807  H  HB2  B LYS A 1 54 ? -0.560  12.612  -4.818  0.50 18.16 ? 54  LYS A HB2  1 
ATOM   808  H  HB3  A LYS A 1 54 ? -0.802  12.083  -6.247  0.50 17.11 ? 54  LYS A HB3  1 
ATOM   809  H  HB3  B LYS A 1 54 ? -1.006  12.384  -6.351  0.50 18.36 ? 54  LYS A HB3  1 
ATOM   810  H  HG2  A LYS A 1 54 ? -2.164  14.118  -6.424  0.50 18.27 ? 54  LYS A HG2  1 
ATOM   811  H  HG2  B LYS A 1 54 ? -2.742  14.099  -5.967  0.50 19.82 ? 54  LYS A HG2  1 
ATOM   812  H  HG3  A LYS A 1 54 ? -1.751  14.516  -4.954  0.50 17.82 ? 54  LYS A HG3  1 
ATOM   813  H  HG3  B LYS A 1 54 ? -2.064  14.415  -4.579  0.50 19.31 ? 54  LYS A HG3  1 
ATOM   814  H  HD2  A LYS A 1 54 ? 0.537   14.580  -5.529  0.50 20.57 ? 54  LYS A HD2  1 
ATOM   815  H  HD2  B LYS A 1 54 ? -0.028  15.013  -5.628  0.50 24.16 ? 54  LYS A HD2  1 
ATOM   816  H  HD3  A LYS A 1 54 ? 0.241   13.996  -6.975  0.50 21.18 ? 54  LYS A HD3  1 
ATOM   817  H  HD3  B LYS A 1 54 ? -0.629  14.619  -7.054  0.50 24.05 ? 54  LYS A HD3  1 
ATOM   818  H  HE2  A LYS A 1 54 ? -0.848  16.078  -7.575  0.50 23.94 ? 54  LYS A HE2  1 
ATOM   819  H  HE2  B LYS A 1 54 ? -0.712  17.037  -6.639  0.50 26.46 ? 54  LYS A HE2  1 
ATOM   820  H  HE3  A LYS A 1 54 ? -0.543  16.641  -6.095  0.50 23.86 ? 54  LYS A HE3  1 
ATOM   821  H  HE3  B LYS A 1 54 ? -2.165  16.407  -6.971  0.50 27.13 ? 54  LYS A HE3  1 
ATOM   822  H  HZ1  A LYS A 1 54 ? 1.762   15.945  -7.025  0.50 26.83 ? 54  LYS A HZ1  1 
ATOM   823  H  HZ1  B LYS A 1 54 ? -1.385  16.790  -4.356  0.50 27.43 ? 54  LYS A HZ1  1 
ATOM   824  H  HZ2  A LYS A 1 54 ? 1.054   16.661  -8.179  0.50 27.26 ? 54  LYS A HZ2  1 
ATOM   825  H  HZ2  B LYS A 1 54 ? -2.131  17.832  -5.126  0.50 28.10 ? 54  LYS A HZ2  1 
ATOM   826  H  HZ3  A LYS A 1 54 ? 1.301   17.347  -6.888  0.50 27.00 ? 54  LYS A HZ3  1 
ATOM   827  H  HZ3  B LYS A 1 54 ? -2.788  16.520  -4.922  0.50 27.77 ? 54  LYS A HZ3  1 
ATOM   828  N  N    . ILE A 1 55 ? -1.460  9.643   -3.917  1.00 9.43  ? 55  ILE A N    1 
ATOM   829  C  CA   . ILE A 1 55 ? -0.876  8.312   -3.876  1.00 11.93 ? 55  ILE A CA   1 
ATOM   830  C  C    . ILE A 1 55 ? -1.660  7.226   -3.181  1.00 10.33 ? 55  ILE A C    1 
ATOM   831  O  O    . ILE A 1 55 ? -1.194  6.050   -3.155  1.00 12.94 ? 55  ILE A O    1 
ATOM   832  C  CB   . ILE A 1 55 ? 0.513   8.386   -3.142  1.00 11.45 ? 55  ILE A CB   1 
ATOM   833  C  CG1  . ILE A 1 55 ? 0.399   8.946   -1.763  1.00 9.75  ? 55  ILE A CG1  1 
ATOM   834  C  CG2  . ILE A 1 55 ? 1.482   9.202   -3.992  1.00 13.55 ? 55  ILE A CG2  1 
ATOM   835  C  CD1  . ILE A 1 55 ? 1.627   8.918   -0.850  1.00 13.84 ? 55  ILE A CD1  1 
ATOM   836  H  H    . ILE A 1 55 ? -1.562  10.094  -3.145  1.00 12.06 ? 55  ILE A H    1 
ATOM   837  H  HA   . ILE A 1 55 ? -0.669  8.024   -4.784  1.00 9.08  ? 55  ILE A HA   1 
ATOM   838  H  HB   . ILE A 1 55 ? 0.788   7.424   -3.097  1.00 12.56 ? 55  ILE A HB   1 
ATOM   839  H  HG12 . ILE A 1 55 ? 0.081   9.866   -1.803  1.00 11.84 ? 55  ILE A HG12 1 
ATOM   840  H  HG13 . ILE A 1 55 ? -0.294  8.411   -1.216  1.00 11.74 ? 55  ILE A HG13 1 
ATOM   841  H  HG21 . ILE A 1 55 ? 1.065   10.000  -4.343  1.00 12.81 ? 55  ILE A HG21 1 
ATOM   842  H  HG22 . ILE A 1 55 ? 2.269   9.369   -3.432  1.00 6.74  ? 55  ILE A HG22 1 
ATOM   843  H  HG23 . ILE A 1 55 ? 1.714   8.621   -4.822  1.00 9.63  ? 55  ILE A HG23 1 
ATOM   844  H  HD11 . ILE A 1 55 ? 2.152   8.122   -1.120  1.00 10.07 ? 55  ILE A HD11 1 
ATOM   845  H  HD12 . ILE A 1 55 ? 2.167   9.735   -1.019  1.00 6.59  ? 55  ILE A HD12 1 
ATOM   846  H  HD13 . ILE A 1 55 ? 1.346   8.869   0.133   1.00 4.39  ? 55  ILE A HD13 1 
ATOM   847  N  N    . SER A 1 56 ? -2.765  7.542   -2.591  1.00 6.72  ? 56  SER A N    1 
ATOM   848  C  CA   . SER A 1 56 ? -3.590  6.603   -1.831  1.00 7.64  ? 56  SER A CA   1 
ATOM   849  C  C    . SER A 1 56 ? -4.964  6.339   -2.409  1.00 8.94  ? 56  SER A C    1 
ATOM   850  O  O    . SER A 1 56 ? -5.561  7.120   -3.178  1.00 9.20  ? 56  SER A O    1 
ATOM   851  C  CB   A SER A 1 56 ? -3.892  7.196   -0.438  0.50 10.01 ? 56  SER A CB   1 
ATOM   852  C  CB   B SER A 1 56 ? -3.645  7.299   -0.451  0.50 9.42  ? 56  SER A CB   1 
ATOM   853  O  OG   A SER A 1 56 ? -2.849  7.554   0.360   0.50 6.84  ? 56  SER A OG   1 
ATOM   854  O  OG   B SER A 1 56 ? -4.152  6.609   0.621   0.50 10.34 ? 56  SER A OG   1 
ATOM   855  H  H    . SER A 1 56 ? -3.068  8.401   -2.593  1.00 11.81 ? 56  SER A H    1 
ATOM   856  H  HA   . SER A 1 56 ? -3.108  5.802   -1.706  1.00 6.14  ? 56  SER A HA   1 
ATOM   857  H  HB2  A SER A 1 56 ? -4.432  8.061   -0.646  0.50 9.91  ? 56  SER A HB2  1 
ATOM   858  H  HB2  B SER A 1 56 ? -2.693  7.571   -0.263  0.50 9.25  ? 56  SER A HB2  1 
ATOM   859  H  HB3  A SER A 1 56 ? -4.581  6.627   0.020   0.50 8.56  ? 56  SER A HB3  1 
ATOM   860  H  HB3  B SER A 1 56 ? -4.124  8.188   -0.577  0.50 10.65 ? 56  SER A HB3  1 
ATOM   861  H  HG   A SER A 1 56 ? -2.566  8.363   0.138   0.50 9.52  ? 56  SER A HG   1 
ATOM   862  H  HG   B SER A 1 56 ? -4.954  6.908   0.823   0.50 5.50  ? 56  SER A HG   1 
ATOM   863  N  N    . MET A 1 57 ? -5.544  5.221   -2.009  1.00 9.54  ? 57  MET A N    1 
ATOM   864  C  CA   . MET A 1 57 ? -6.945  4.862   -2.281  1.00 9.62  ? 57  MET A CA   1 
ATOM   865  C  C    . MET A 1 57 ? -7.690  5.609   -1.131  1.00 9.91  ? 57  MET A C    1 
ATOM   866  O  O    . MET A 1 57 ? -7.099  6.034   -0.092  1.00 11.53 ? 57  MET A O    1 
ATOM   867  C  CB   . MET A 1 57 ? -7.289  3.388   -2.204  1.00 6.57  ? 57  MET A CB   1 
ATOM   868  C  CG   . MET A 1 57 ? -6.613  2.649   -3.355  1.00 7.68  ? 57  MET A CG   1 
ATOM   869  S  SD   . MET A 1 57 ? -6.878  0.856   -3.268  1.00 10.04 ? 57  MET A SD   1 
ATOM   870  C  CE   . MET A 1 57 ? -8.686  0.851   -3.445  1.00 11.77 ? 57  MET A CE   1 
ATOM   871  H  H    . MET A 1 57 ? -5.133  4.674   -1.372  1.00 11.92 ? 57  MET A H    1 
ATOM   872  H  HA   . MET A 1 57 ? -7.330  5.160   -3.102  1.00 8.40  ? 57  MET A HA   1 
ATOM   873  H  HB2  . MET A 1 57 ? -7.283  3.031   -1.339  1.00 3.45  ? 57  MET A HB2  1 
ATOM   874  H  HB3  . MET A 1 57 ? -8.317  3.357   -2.436  1.00 7.66  ? 57  MET A HB3  1 
ATOM   875  H  HG2  . MET A 1 57 ? -6.967  2.814   -4.269  1.00 5.74  ? 57  MET A HG2  1 
ATOM   876  H  HG3  . MET A 1 57 ? -5.641  2.817   -3.338  1.00 3.64  ? 57  MET A HG3  1 
ATOM   877  H  HE1  . MET A 1 57 ? -9.042  1.522   -2.869  1.00 8.57  ? 57  MET A HE1  1 
ATOM   878  H  HE2  . MET A 1 57 ? -8.845  1.052   -4.404  1.00 10.92 ? 57  MET A HE2  1 
ATOM   879  H  HE3  . MET A 1 57 ? -8.945  -0.059  -3.190  1.00 10.05 ? 57  MET A HE3  1 
ATOM   880  N  N    . SER A 1 58 ? -8.960  5.790   -1.300  1.00 16.66 ? 58  SER A N    1 
ATOM   881  C  CA   . SER A 1 58 ? -9.762  6.409   -0.218  1.00 17.90 ? 58  SER A CA   1 
ATOM   882  C  C    . SER A 1 58 ? -10.017 5.240   0.758   1.00 15.48 ? 58  SER A C    1 
ATOM   883  O  O    . SER A 1 58 ? -9.962  4.081   0.308   1.00 13.28 ? 58  SER A O    1 
ATOM   884  C  CB   . SER A 1 58 ? -11.047 6.957   -0.754  1.00 24.91 ? 58  SER A CB   1 
ATOM   885  O  OG   . SER A 1 58 ? -11.979 7.177   0.288   1.00 34.22 ? 58  SER A OG   1 
ATOM   886  H  H    . SER A 1 58 ? -9.407  5.463   -2.028  1.00 14.42 ? 58  SER A H    1 
ATOM   887  H  HA   . SER A 1 58 ? -9.221  7.057   0.176   1.00 18.63 ? 58  SER A HA   1 
ATOM   888  H  HB2  . SER A 1 58 ? -10.896 7.762   -1.265  1.00 24.71 ? 58  SER A HB2  1 
ATOM   889  H  HB3  . SER A 1 58 ? -11.460 6.262   -1.387  1.00 23.55 ? 58  SER A HB3  1 
ATOM   890  H  HG   . SER A 1 58 ? -12.777 6.979   -0.035  1.00 33.43 ? 58  SER A HG   1 
ATOM   891  N  N    . GLU A 1 59 ? -10.242 5.505   2.017   1.00 13.69 ? 59  GLU A N    1 
ATOM   892  C  CA   . GLU A 1 59 ? -10.536 4.478   2.997   1.00 17.25 ? 59  GLU A CA   1 
ATOM   893  C  C    . GLU A 1 59 ? -11.806 3.727   2.604   1.00 15.02 ? 59  GLU A C    1 
ATOM   894  O  O    . GLU A 1 59 ? -11.996 2.534   2.945   1.00 14.75 ? 59  GLU A O    1 
ATOM   895  C  CB   . GLU A 1 59 ? -10.684 5.054   4.407   1.00 25.54 ? 59  GLU A CB   1 
ATOM   896  C  CG   . GLU A 1 59 ? -9.367  5.311   5.170   1.00 33.97 ? 59  GLU A CG   1 
ATOM   897  C  CD   . GLU A 1 59 ? -9.522  5.415   6.669   1.00 41.74 ? 59  GLU A CD   1 
ATOM   898  O  OE1  . GLU A 1 59 ? -10.646 5.573   7.153   1.00 49.51 ? 59  GLU A OE1  1 
ATOM   899  O  OE2  . GLU A 1 59 ? -8.430  5.317   7.392   1.00 39.00 ? 59  GLU A OE2  1 
ATOM   900  H  H    . GLU A 1 59 ? -10.284 6.362   2.310   1.00 17.51 ? 59  GLU A H    1 
ATOM   901  H  HA   . GLU A 1 59 ? -9.766  3.861   2.985   1.00 18.41 ? 59  GLU A HA   1 
ATOM   902  H  HB2  . GLU A 1 59 ? -11.068 6.017   4.281   1.00 24.04 ? 59  GLU A HB2  1 
ATOM   903  H  HB3  . GLU A 1 59 ? -11.327 4.590   4.903   1.00 23.65 ? 59  GLU A HB3  1 
ATOM   904  H  HG2  . GLU A 1 59 ? -8.706  4.635   4.959   1.00 33.83 ? 59  GLU A HG2  1 
ATOM   905  H  HG3  . GLU A 1 59 ? -9.026  6.180   4.875   1.00 33.81 ? 59  GLU A HG3  1 
ATOM   906  N  N    . GLU A 1 60 ? -12.693 4.373   1.832   1.00 14.95 ? 60  GLU A N    1 
ATOM   907  C  CA   . GLU A 1 60 ? -13.946 3.734   1.400   1.00 12.28 ? 60  GLU A CA   1 
ATOM   908  C  C    . GLU A 1 60 ? -13.847 2.976   0.110   1.00 11.11 ? 60  GLU A C    1 
ATOM   909  O  O    . GLU A 1 60 ? -14.809 2.286   -0.253  1.00 13.08 ? 60  GLU A O    1 
ATOM   910  C  CB   . GLU A 1 60 ? -15.137 4.700   1.242   1.00 20.20 ? 60  GLU A CB   1 
ATOM   911  C  CG   . GLU A 1 60 ? -15.488 5.571   2.473   1.00 27.19 ? 60  GLU A CG   1 
ATOM   912  C  CD   . GLU A 1 60 ? -14.429 6.611   2.778   1.00 35.18 ? 60  GLU A CD   1 
ATOM   913  O  OE1  . GLU A 1 60 ? -13.845 7.127   1.717   1.00 33.94 ? 60  GLU A OE1  1 
ATOM   914  O  OE2  . GLU A 1 60 ? -14.098 6.959   3.911   1.00 45.62 ? 60  GLU A OE2  1 
ATOM   915  H  H    . GLU A 1 60 ? -12.516 5.235   1.597   1.00 13.99 ? 60  GLU A H    1 
ATOM   916  H  HA   . GLU A 1 60 ? -14.242 3.055   2.079   1.00 16.02 ? 60  GLU A HA   1 
ATOM   917  H  HB2  . GLU A 1 60 ? -14.951 5.318   0.501   1.00 17.79 ? 60  GLU A HB2  1 
ATOM   918  H  HB3  . GLU A 1 60 ? -15.893 4.128   0.999   1.00 17.01 ? 60  GLU A HB3  1 
ATOM   919  H  HG2  . GLU A 1 60 ? -16.369 5.974   2.430   1.00 25.58 ? 60  GLU A HG2  1 
ATOM   920  H  HG3  . GLU A 1 60 ? -15.567 4.943   3.250   1.00 24.57 ? 60  GLU A HG3  1 
ATOM   921  N  N    A ASP A 1 61 ? -12.741 3.126   -0.565  0.60 11.45 ? 61  ASP A N    1 
ATOM   922  N  N    B ASP A 1 61 ? -12.749 3.094   -0.570  0.40 11.83 ? 61  ASP A N    1 
ATOM   923  C  CA   A ASP A 1 61 ? -12.537 2.425   -1.852  0.60 11.90 ? 61  ASP A CA   1 
ATOM   924  C  CA   B ASP A 1 61 ? -12.417 2.457   -1.871  0.40 12.12 ? 61  ASP A CA   1 
ATOM   925  C  C    A ASP A 1 61 ? -12.035 1.025   -1.475  0.60 12.56 ? 61  ASP A C    1 
ATOM   926  C  C    B ASP A 1 61 ? -11.867 1.066   -1.580  0.40 11.65 ? 61  ASP A C    1 
ATOM   927  O  O    A ASP A 1 61 ? -11.428 0.859   -0.387  0.60 12.45 ? 61  ASP A O    1 
ATOM   928  O  O    B ASP A 1 61 ? -11.037 0.931   -0.649  0.40 7.35  ? 61  ASP A O    1 
ATOM   929  C  CB   A ASP A 1 61 ? -11.605 3.161   -2.756  0.60 11.43 ? 61  ASP A CB   1 
ATOM   930  C  CB   B ASP A 1 61 ? -11.447 3.357   -2.577  0.40 14.16 ? 61  ASP A CB   1 
ATOM   931  C  CG   A ASP A 1 61 ? -11.742 4.633   -2.949  0.60 17.05 ? 61  ASP A CG   1 
ATOM   932  C  CG   B ASP A 1 61 ? -11.042 3.244   -3.985  0.40 18.52 ? 61  ASP A CG   1 
ATOM   933  O  OD1  A ASP A 1 61 ? -12.839 5.185   -2.977  0.60 21.09 ? 61  ASP A OD1  1 
ATOM   934  O  OD1  B ASP A 1 61 ? -11.186 2.300   -4.735  0.40 20.89 ? 61  ASP A OD1  1 
ATOM   935  O  OD2  A ASP A 1 61 ? -10.624 5.331   -3.125  0.60 11.58 ? 61  ASP A OD2  1 
ATOM   936  O  OD2  B ASP A 1 61 ? -10.433 4.352   -4.443  0.40 16.16 ? 61  ASP A OD2  1 
ATOM   937  H  H    A ASP A 1 61 ? -12.056 3.646   -0.271  0.60 11.37 ? 61  ASP A H    1 
ATOM   938  H  H    B ASP A 1 61 ? -12.050 3.636   -0.254  0.40 11.68 ? 61  ASP A H    1 
ATOM   939  H  HA   A ASP A 1 61 ? -13.396 2.323   -2.275  0.60 12.01 ? 61  ASP A HA   1 
ATOM   940  H  HA   B ASP A 1 61 ? -13.215 2.390   -2.391  0.40 12.95 ? 61  ASP A HA   1 
ATOM   941  H  HB2  A ASP A 1 61 ? -10.645 2.974   -2.549  0.60 15.83 ? 61  ASP A HB2  1 
ATOM   942  H  HB2  B ASP A 1 61 ? -11.706 4.343   -2.403  0.40 15.86 ? 61  ASP A HB2  1 
ATOM   943  H  HB3  A ASP A 1 61 ? -11.718 2.738   -3.673  0.60 13.47 ? 61  ASP A HB3  1 
ATOM   944  H  HB3  B ASP A 1 61 ? -10.584 3.378   -2.006  0.40 15.45 ? 61  ASP A HB3  1 
ATOM   945  N  N    . LEU A 1 62 ? -12.292 0.076   -2.330  1.00 11.05 ? 62  LEU A N    1 
ATOM   946  C  CA   . LEU A 1 62 ? -11.850 -1.308  -2.118  1.00 10.19 ? 62  LEU A CA   1 
ATOM   947  C  C    . LEU A 1 62 ? -11.545 -2.053  -3.416  1.00 13.25 ? 62  LEU A C    1 
ATOM   948  O  O    . LEU A 1 62 ? -12.180 -1.796  -4.445  1.00 12.56 ? 62  LEU A O    1 
ATOM   949  C  CB   . LEU A 1 62 ? -12.894 -2.091  -1.341  1.00 14.04 ? 62  LEU A CB   1 
ATOM   950  C  CG   . LEU A 1 62 ? -13.158 -1.809  0.130   1.00 16.24 ? 62  LEU A CG   1 
ATOM   951  C  CD1  . LEU A 1 62 ? -14.413 -2.587  0.433   1.00 22.77 ? 62  LEU A CD1  1 
ATOM   952  C  CD2  . LEU A 1 62 ? -12.059 -2.181  1.078   1.00 11.31 ? 62  LEU A CD2  1 
ATOM   953  H  H    . LEU A 1 62 ? -12.911 0.221   -3.001  1.00 10.84 ? 62  LEU A H    1 
ATOM   954  H  HA   . LEU A 1 62 ? -11.029 -1.229  -1.560  1.00 10.17 ? 62  LEU A HA   1 
ATOM   955  H  HB2  . LEU A 1 62 ? -13.739 -2.168  -1.811  1.00 8.89  ? 62  LEU A HB2  1 
ATOM   956  H  HB3  . LEU A 1 62 ? -12.545 -3.115  -1.347  1.00 7.68  ? 62  LEU A HB3  1 
ATOM   957  H  HG   . LEU A 1 62 ? -13.362 -0.844  0.263   1.00 16.32 ? 62  LEU A HG   1 
ATOM   958  H  HD11 . LEU A 1 62 ? -14.475 -3.345  -0.212  1.00 21.79 ? 62  LEU A HD11 1 
ATOM   959  H  HD12 . LEU A 1 62 ? -14.360 -2.900  1.358   1.00 22.21 ? 62  LEU A HD12 1 
ATOM   960  H  HD13 . LEU A 1 62 ? -15.169 -1.961  0.258   1.00 22.11 ? 62  LEU A HD13 1 
ATOM   961  H  HD21 . LEU A 1 62 ? -11.830 -3.153  1.079   1.00 10.78 ? 62  LEU A HD21 1 
ATOM   962  H  HD22 . LEU A 1 62 ? -11.237 -1.673  0.938   1.00 7.09  ? 62  LEU A HD22 1 
ATOM   963  H  HD23 . LEU A 1 62 ? -12.346 -2.007  2.037   1.00 10.67 ? 62  LEU A HD23 1 
ATOM   964  N  N    . LEU A 1 63 ? -10.585 -2.950  -3.336  1.00 13.96 ? 63  LEU A N    1 
ATOM   965  C  CA   . LEU A 1 63 ? -10.167 -3.883  -4.428  1.00 13.70 ? 63  LEU A CA   1 
ATOM   966  C  C    . LEU A 1 63 ? -10.941 -5.133  -3.908  1.00 11.85 ? 63  LEU A C    1 
ATOM   967  O  O    . LEU A 1 63 ? -10.643 -5.637  -2.812  1.00 13.28 ? 63  LEU A O    1 
ATOM   968  C  CB   . LEU A 1 63 ? -8.713  -4.089  -4.601  1.00 10.24 ? 63  LEU A CB   1 
ATOM   969  C  CG   . LEU A 1 63 ? -7.805  -2.900  -4.925  1.00 9.58  ? 63  LEU A CG   1 
ATOM   970  C  CD1  . LEU A 1 63 ? -6.390  -3.333  -5.062  1.00 12.33 ? 63  LEU A CD1  1 
ATOM   971  C  CD2  . LEU A 1 63 ? -8.255  -2.187  -6.183  1.00 12.58 ? 63  LEU A CD2  1 
ATOM   972  H  H    . LEU A 1 63 ? -10.166 -3.140  -2.532  1.00 15.32 ? 63  LEU A H    1 
ATOM   973  H  HA   . LEU A 1 63 ? -10.585 -3.614  -5.258  1.00 12.75 ? 63  LEU A HA   1 
ATOM   974  H  HB2  . LEU A 1 63 ? -8.390  -4.557  -3.773  1.00 7.83  ? 63  LEU A HB2  1 
ATOM   975  H  HB3  . LEU A 1 63 ? -8.531  -4.790  -5.348  1.00 7.49  ? 63  LEU A HB3  1 
ATOM   976  H  HG   . LEU A 1 63 ? -7.857  -2.252  -4.192  1.00 8.52  ? 63  LEU A HG   1 
ATOM   977  H  HD11 . LEU A 1 63 ? -6.373  -4.042  -5.787  1.00 6.74  ? 63  LEU A HD11 1 
ATOM   978  H  HD12 . LEU A 1 63 ? -5.831  -2.565  -5.442  1.00 9.07  ? 63  LEU A HD12 1 
ATOM   979  H  HD13 . LEU A 1 63 ? -5.997  -3.598  -4.237  1.00 8.27  ? 63  LEU A HD13 1 
ATOM   980  H  HD21 . LEU A 1 63 ? -8.536  -2.773  -6.899  1.00 10.78 ? 63  LEU A HD21 1 
ATOM   981  H  HD22 . LEU A 1 63 ? -8.872  -1.455  -6.005  1.00 8.37  ? 63  LEU A HD22 1 
ATOM   982  H  HD23 . LEU A 1 63 ? -7.391  -1.741  -6.582  1.00 12.26 ? 63  LEU A HD23 1 
ATOM   983  N  N    . ASN A 1 64 ? -11.915 -5.508  -4.695  1.00 15.77 ? 64  ASN A N    1 
ATOM   984  C  CA   . ASN A 1 64 ? -12.819 -6.598  -4.312  1.00 15.83 ? 64  ASN A CA   1 
ATOM   985  C  C    . ASN A 1 64 ? -12.540 -7.967  -4.873  1.00 16.04 ? 64  ASN A C    1 
ATOM   986  O  O    . ASN A 1 64 ? -13.001 -8.952  -4.227  1.00 21.66 ? 64  ASN A O    1 
ATOM   987  C  CB   A ASN A 1 64 ? -14.258 -6.149  -4.682  0.50 19.86 ? 64  ASN A CB   1 
ATOM   988  C  CB   B ASN A 1 64 ? -14.272 -6.158  -4.676  0.50 21.16 ? 64  ASN A CB   1 
ATOM   989  C  CG   A ASN A 1 64 ? -14.911 -5.125  -3.807  0.50 22.76 ? 64  ASN A CG   1 
ATOM   990  C  CG   B ASN A 1 64 ? -14.945 -5.501  -3.487  0.50 25.60 ? 64  ASN A CG   1 
ATOM   991  O  OD1  A ASN A 1 64 ? -14.460 -4.737  -2.708  0.50 25.35 ? 64  ASN A OD1  1 
ATOM   992  O  OD1  B ASN A 1 64 ? -15.176 -6.161  -2.458  0.50 28.80 ? 64  ASN A OD1  1 
ATOM   993  N  ND2  A ASN A 1 64 ? -16.077 -4.633  -4.273  0.50 26.16 ? 64  ASN A ND2  1 
ATOM   994  N  ND2  B ASN A 1 64 ? -15.252 -4.215  -3.624  0.50 27.13 ? 64  ASN A ND2  1 
ATOM   995  H  H    . ASN A 1 64 ? -12.125 -5.082  -5.457  1.00 11.74 ? 64  ASN A H    1 
ATOM   996  H  HA   . ASN A 1 64 ? -12.882 -6.670  -3.355  1.00 16.20 ? 64  ASN A HA   1 
ATOM   997  H  HB2  A ASN A 1 64 ? -14.230 -5.810  -5.615  0.50 18.46 ? 64  ASN A HB2  1 
ATOM   998  H  HB2  B ASN A 1 64 ? -14.221 -5.528  -5.418  0.50 19.90 ? 64  ASN A HB2  1 
ATOM   999  H  HB3  A ASN A 1 64 ? -14.826 -6.963  -4.703  0.50 19.79 ? 64  ASN A HB3  1 
ATOM   1000 H  HB3  B ASN A 1 64 ? -14.776 -6.934  -4.956  0.50 21.54 ? 64  ASN A HB3  1 
ATOM   1001 H  HD21 A ASN A 1 64 ? -16.559 -3.993  -3.785  0.50 24.46 ? 64  ASN A HD21 1 
ATOM   1002 H  HD21 B ASN A 1 64 ? -15.670 -3.772  -2.908  0.50 26.25 ? 64  ASN A HD21 1 
ATOM   1003 H  HD22 A ASN A 1 64 ? -16.420 -4.914  -5.067  0.50 24.40 ? 64  ASN A HD22 1 
ATOM   1004 H  HD22 B ASN A 1 64 ? -15.068 -3.766  -4.393  0.50 25.86 ? 64  ASN A HD22 1 
ATOM   1005 N  N    . ALA A 1 65 ? -11.889 -8.050  -5.994  1.00 13.56 ? 65  ALA A N    1 
ATOM   1006 C  CA   . ALA A 1 65 ? -11.614 -9.315  -6.665  1.00 13.08 ? 65  ALA A CA   1 
ATOM   1007 C  C    . ALA A 1 65 ? -10.170 -9.637  -6.884  1.00 12.35 ? 65  ALA A C    1 
ATOM   1008 O  O    . ALA A 1 65 ? -9.297  -8.745  -6.996  1.00 11.36 ? 65  ALA A O    1 
ATOM   1009 C  CB   . ALA A 1 65 ? -12.324 -9.185  -8.060  1.00 17.95 ? 65  ALA A CB   1 
ATOM   1010 H  H    . ALA A 1 65 ? -11.606 -7.293  -6.425  1.00 16.80 ? 65  ALA A H    1 
ATOM   1011 H  HA   . ALA A 1 65 ? -12.040 -10.051 -6.199  1.00 10.22 ? 65  ALA A HA   1 
ATOM   1012 H  HB1  . ALA A 1 65 ? -12.504 -8.214  -8.213  1.00 16.43 ? 65  ALA A HB1  1 
ATOM   1013 H  HB2  . ALA A 1 65 ? -11.688 -9.483  -8.756  1.00 17.08 ? 65  ALA A HB2  1 
ATOM   1014 H  HB3  . ALA A 1 65 ? -13.154 -9.641  -8.061  1.00 17.26 ? 65  ALA A HB3  1 
ATOM   1015 N  N    . LYS A 1 66 ? -9.912  -10.925 -6.961  1.00 11.88 ? 66  LYS A N    1 
ATOM   1016 C  CA   . LYS A 1 66 ? -8.566  -11.446 -7.171  1.00 12.77 ? 66  LYS A CA   1 
ATOM   1017 C  C    . LYS A 1 66 ? -8.020  -10.887 -8.481  1.00 12.52 ? 66  LYS A C    1 
ATOM   1018 O  O    . LYS A 1 66 ? -8.731  -10.908 -9.509  1.00 15.32 ? 66  LYS A O    1 
ATOM   1019 C  CB   A LYS A 1 66 ? -8.417  -12.963 -7.227  0.50 17.73 ? 66  LYS A CB   1 
ATOM   1020 C  CB   B LYS A 1 66 ? -8.602  -12.957 -7.236  0.50 17.94 ? 66  LYS A CB   1 
ATOM   1021 C  CG   A LYS A 1 66 ? -6.913  -13.316 -7.338  0.50 19.67 ? 66  LYS A CG   1 
ATOM   1022 C  CG   B LYS A 1 66 ? -7.279  -13.667 -6.912  0.50 21.24 ? 66  LYS A CG   1 
ATOM   1023 C  CD   A LYS A 1 66 ? -6.653  -14.801 -7.368  0.50 22.47 ? 66  LYS A CD   1 
ATOM   1024 C  CD   B LYS A 1 66 ? -7.546  -15.166 -6.855  0.50 24.95 ? 66  LYS A CD   1 
ATOM   1025 C  CE   A LYS A 1 66 ? -5.175  -15.129 -7.420  0.50 24.08 ? 66  LYS A CE   1 
ATOM   1026 C  CE   B LYS A 1 66 ? -6.469  -15.983 -6.206  0.50 27.06 ? 66  LYS A CE   1 
ATOM   1027 N  NZ   A LYS A 1 66 ? -4.592  -15.172 -6.059  0.50 26.25 ? 66  LYS A NZ   1 
ATOM   1028 N  NZ   B LYS A 1 66 ? -6.926  -17.395 -6.008  0.50 29.66 ? 66  LYS A NZ   1 
ATOM   1029 H  H    . LYS A 1 66 ? -10.554 -11.564 -6.877  1.00 12.67 ? 66  LYS A H    1 
ATOM   1030 H  HA   . LYS A 1 66 ? -7.954  -11.138 -6.471  1.00 15.91 ? 66  LYS A HA   1 
ATOM   1031 H  HB2  A LYS A 1 66 ? -8.816  -13.403 -6.470  0.50 16.80 ? 66  LYS A HB2  1 
ATOM   1032 H  HB2  B LYS A 1 66 ? -9.302  -13.311 -6.623  0.50 16.24 ? 66  LYS A HB2  1 
ATOM   1033 H  HB3  A LYS A 1 66 ? -8.858  -13.252 -8.080  0.50 17.21 ? 66  LYS A HB3  1 
ATOM   1034 H  HB3  B LYS A 1 66 ? -8.863  -13.197 -8.176  0.50 17.51 ? 66  LYS A HB3  1 
ATOM   1035 H  HG2  A LYS A 1 66 ? -6.582  -12.933 -8.251  0.50 20.30 ? 66  LYS A HG2  1 
ATOM   1036 H  HG2  B LYS A 1 66 ? -6.594  -13.452 -7.597  0.50 22.00 ? 66  LYS A HG2  1 
ATOM   1037 H  HG3  A LYS A 1 66 ? -6.385  -12.845 -6.683  0.50 19.53 ? 66  LYS A HG3  1 
ATOM   1038 H  HG3  B LYS A 1 66 ? -6.937  -13.359 -6.045  0.50 22.07 ? 66  LYS A HG3  1 
ATOM   1039 H  HD2  A LYS A 1 66 ? -7.034  -15.229 -6.561  0.50 22.22 ? 66  LYS A HD2  1 
ATOM   1040 H  HD2  B LYS A 1 66 ? -8.405  -15.314 -6.361  0.50 25.61 ? 66  LYS A HD2  1 
ATOM   1041 H  HD3  A LYS A 1 66 ? -7.098  -15.212 -8.164  0.50 22.63 ? 66  LYS A HD3  1 
ATOM   1042 H  HD3  B LYS A 1 66 ? -7.693  -15.490 -7.793  0.50 25.37 ? 66  LYS A HD3  1 
ATOM   1043 H  HE2  A LYS A 1 66 ? -5.021  -16.004 -7.856  0.50 25.35 ? 66  LYS A HE2  1 
ATOM   1044 H  HE2  B LYS A 1 66 ? -5.638  -15.994 -6.717  0.50 27.92 ? 66  LYS A HE2  1 
ATOM   1045 H  HE3  A LYS A 1 66 ? -4.681  -14.422 -7.913  0.50 24.05 ? 66  LYS A HE3  1 
ATOM   1046 H  HE3  B LYS A 1 66 ? -6.286  -15.644 -5.278  0.50 27.91 ? 66  LYS A HE3  1 
ATOM   1047 H  HZ1  A LYS A 1 66 ? -5.219  -15.386 -5.430  0.50 26.01 ? 66  LYS A HZ1  1 
ATOM   1048 H  HZ1  B LYS A 1 66 ? -7.765  -17.395 -5.602  0.50 29.36 ? 66  LYS A HZ1  1 
ATOM   1049 H  HZ2  A LYS A 1 66 ? -3.921  -15.844 -6.003  0.50 26.42 ? 66  LYS A HZ2  1 
ATOM   1050 H  HZ2  B LYS A 1 66 ? -6.938  -17.851 -6.804  0.50 29.47 ? 66  LYS A HZ2  1 
ATOM   1051 H  HZ3  A LYS A 1 66 ? -4.146  -14.387 -5.877  0.50 26.94 ? 66  LYS A HZ3  1 
ATOM   1052 H  HZ3  B LYS A 1 66 ? -6.369  -17.856 -5.419  0.50 29.18 ? 66  LYS A HZ3  1 
ATOM   1053 N  N    . GLY A 1 67 ? -6.803  -10.403 -8.398  1.00 13.16 ? 67  GLY A N    1 
ATOM   1054 C  CA   . GLY A 1 67 ? -6.142  -9.846  -9.573  1.00 10.35 ? 67  GLY A CA   1 
ATOM   1055 C  C    . GLY A 1 67 ? -6.287  -8.389  -9.806  1.00 11.03 ? 67  GLY A C    1 
ATOM   1056 O  O    . GLY A 1 67 ? -5.563  -7.846  -10.694 1.00 14.16 ? 67  GLY A O    1 
ATOM   1057 H  H    . GLY A 1 67 ? -6.328  -10.424 -7.613  1.00 13.68 ? 67  GLY A H    1 
ATOM   1058 H  HA2  . GLY A 1 67 ? -5.145  -10.034 -9.416  1.00 11.54 ? 67  GLY A HA2  1 
ATOM   1059 H  HA3  . GLY A 1 67 ? -6.384  -10.397 -10.354 1.00 14.08 ? 67  GLY A HA3  1 
ATOM   1060 N  N    . GLU A 1 68 ? -7.156  -7.722  -9.104  1.00 10.90 ? 68  GLU A N    1 
ATOM   1061 C  CA   . GLU A 1 68 ? -7.328  -6.266  -9.226  1.00 12.10 ? 68  GLU A CA   1 
ATOM   1062 C  C    . GLU A 1 68 ? -6.041  -5.623  -8.655  1.00 14.05 ? 68  GLU A C    1 
ATOM   1063 O  O    . GLU A 1 68 ? -5.499  -6.118  -7.671  1.00 10.59 ? 68  GLU A O    1 
ATOM   1064 C  CB   . GLU A 1 68 ? -8.464  -5.682  -8.458  1.00 11.59 ? 68  GLU A CB   1 
ATOM   1065 C  CG   . GLU A 1 68 ? -9.913  -5.945  -8.790  1.00 20.12 ? 68  GLU A CG   1 
ATOM   1066 C  CD   . GLU A 1 68 ? -10.892 -5.003  -8.100  1.00 20.94 ? 68  GLU A CD   1 
ATOM   1067 O  OE1  . GLU A 1 68 ? -10.988 -3.797  -8.356  1.00 28.39 ? 68  GLU A OE1  1 
ATOM   1068 O  OE2  . GLU A 1 68 ? -11.583 -5.607  -7.202  1.00 23.57 ? 68  GLU A OE2  1 
ATOM   1069 H  H    . GLU A 1 68 ? -7.653  -8.154  -8.451  1.00 11.84 ? 68  GLU A H    1 
ATOM   1070 H  HA   . GLU A 1 68 ? -7.328  -6.026  -10.188 1.00 12.29 ? 68  GLU A HA   1 
ATOM   1071 H  HB2  . GLU A 1 68 ? -8.315  -5.835  -7.473  1.00 12.52 ? 68  GLU A HB2  1 
ATOM   1072 H  HB3  . GLU A 1 68 ? -8.364  -4.664  -8.599  1.00 14.43 ? 68  GLU A HB3  1 
ATOM   1073 H  HG2  . GLU A 1 68 ? -10.132 -6.128  -9.655  1.00 16.43 ? 68  GLU A HG2  1 
ATOM   1074 H  HG3  . GLU A 1 68 ? -10.092 -6.857  -8.263  1.00 16.95 ? 68  GLU A HG3  1 
ATOM   1075 N  N    . THR A 1 69 ? -5.612  -4.550  -9.333  1.00 12.66 ? 69  THR A N    1 
ATOM   1076 C  CA   . THR A 1 69 ? -4.392  -3.861  -8.901  1.00 9.59  ? 69  THR A CA   1 
ATOM   1077 C  C    . THR A 1 69 ? -4.613  -2.386  -8.612  1.00 11.70 ? 69  THR A C    1 
ATOM   1078 O  O    . THR A 1 69 ? -5.563  -1.814  -9.105  1.00 11.54 ? 69  THR A O    1 
ATOM   1079 C  CB   . THR A 1 69 ? -3.328  -4.030  -9.999  1.00 11.93 ? 69  THR A CB   1 
ATOM   1080 O  OG1  . THR A 1 69 ? -3.902  -3.439  -11.160 1.00 13.55 ? 69  THR A OG1  1 
ATOM   1081 C  CG2  . THR A 1 69 ? -2.934  -5.467  -10.244 1.00 10.49 ? 69  THR A CG2  1 
ATOM   1082 H  H    . THR A 1 69 ? -6.052  -4.245  -10.053 1.00 12.36 ? 69  THR A H    1 
ATOM   1083 H  HA   . THR A 1 69 ? -4.028  -4.279  -8.108  1.00 13.14 ? 69  THR A HA   1 
ATOM   1084 H  HB   . THR A 1 69 ? -2.505  -3.482  -9.778  1.00 13.62 ? 69  THR A HB   1 
ATOM   1085 H  HG1  . THR A 1 69 ? -3.287  -3.288  -11.764 1.00 12.34 ? 69  THR A HG1  1 
ATOM   1086 H  HG21 . THR A 1 69 ? -2.787  -5.956  -9.409  1.00 10.81 ? 69  THR A HG21 1 
ATOM   1087 H  HG22 . THR A 1 69 ? -3.665  -5.943  -10.748 1.00 13.58 ? 69  THR A HG22 1 
ATOM   1088 H  HG23 . THR A 1 69 ? -2.124  -5.499  -10.824 1.00 8.04  ? 69  THR A HG23 1 
ATOM   1089 N  N    . PHE A 1 70 ? -3.698  -1.822  -7.869  1.00 8.78  ? 70  PHE A N    1 
ATOM   1090 C  CA   . PHE A 1 70 ? -3.593  -0.410  -7.533  1.00 8.83  ? 70  PHE A CA   1 
ATOM   1091 C  C    . PHE A 1 70 ? -2.098  -0.108  -7.781  1.00 10.04 ? 70  PHE A C    1 
ATOM   1092 O  O    . PHE A 1 70 ? -1.264  -0.737  -7.121  1.00 9.40  ? 70  PHE A O    1 
ATOM   1093 C  CB   . PHE A 1 70 ? -4.010  0.018   -6.120  1.00 9.51  ? 70  PHE A CB   1 
ATOM   1094 C  CG   . PHE A 1 70 ? -3.841  1.485   -5.814  1.00 9.88  ? 70  PHE A CG   1 
ATOM   1095 C  CD1  . PHE A 1 70 ? -4.582  2.443   -6.475  1.00 12.94 ? 70  PHE A CD1  1 
ATOM   1096 C  CD2  . PHE A 1 70 ? -2.906  1.905   -4.861  1.00 16.64 ? 70  PHE A CD2  1 
ATOM   1097 C  CE1  . PHE A 1 70 ? -4.435  3.808   -6.218  1.00 14.12 ? 70  PHE A CE1  1 
ATOM   1098 C  CE2  . PHE A 1 70 ? -2.721  3.271   -4.588  1.00 17.15 ? 70  PHE A CE2  1 
ATOM   1099 C  CZ   . PHE A 1 70 ? -3.503  4.208   -5.274  1.00 13.56 ? 70  PHE A CZ   1 
ATOM   1100 H  H    . PHE A 1 70 ? -2.958  -2.313  -7.561  1.00 10.49 ? 70  PHE A H    1 
ATOM   1101 H  HA   . PHE A 1 70 ? -4.094  0.107   -8.136  1.00 9.74  ? 70  PHE A HA   1 
ATOM   1102 H  HB2  . PHE A 1 70 ? -4.867  -0.317  -5.903  1.00 8.72  ? 70  PHE A HB2  1 
ATOM   1103 H  HB3  . PHE A 1 70 ? -3.368  -0.491  -5.507  1.00 6.78  ? 70  PHE A HB3  1 
ATOM   1104 H  HD1  . PHE A 1 70 ? -5.211  2.141   -7.116  1.00 13.50 ? 70  PHE A HD1  1 
ATOM   1105 H  HD2  . PHE A 1 70 ? -2.369  1.235   -4.402  1.00 13.63 ? 70  PHE A HD2  1 
ATOM   1106 H  HE1  . PHE A 1 70 ? -4.964  4.433   -6.686  1.00 13.32 ? 70  PHE A HE1  1 
ATOM   1107 H  HE2  . PHE A 1 70 ? -2.109  3.571   -3.958  1.00 14.87 ? 70  PHE A HE2  1 
ATOM   1108 H  HZ   . PHE A 1 70 ? -3.396  5.140   -5.092  1.00 15.64 ? 70  PHE A HZ   1 
ATOM   1109 N  N    A GLU A 1 71 ? -1.830  0.806   -8.681  0.50 9.76  ? 71  GLU A N    1 
ATOM   1110 N  N    B GLU A 1 71 ? -1.837  0.808   -8.683  0.50 10.86 ? 71  GLU A N    1 
ATOM   1111 C  CA   A GLU A 1 71 ? -0.439  1.181   -9.030  0.50 14.13 ? 71  GLU A CA   1 
ATOM   1112 C  CA   B GLU A 1 71 ? -0.477  1.218   -9.011  0.50 15.82 ? 71  GLU A CA   1 
ATOM   1113 C  C    A GLU A 1 71 ? -0.147  2.618   -8.662  0.50 12.67 ? 71  GLU A C    1 
ATOM   1114 C  C    B GLU A 1 71 ? -0.223  2.635   -8.470  0.50 14.23 ? 71  GLU A C    1 
ATOM   1115 O  O    A GLU A 1 71 ? -0.957  3.520   -8.938  0.50 12.05 ? 71  GLU A O    1 
ATOM   1116 O  O    B GLU A 1 71 ? -1.132  3.479   -8.446  0.50 14.62 ? 71  GLU A O    1 
ATOM   1117 C  CB   A GLU A 1 71 ? -0.261  0.973   -10.533 0.50 16.71 ? 71  GLU A CB   1 
ATOM   1118 C  CB   B GLU A 1 71 ? -0.187  1.331   -10.497 0.50 19.23 ? 71  GLU A CB   1 
ATOM   1119 C  CG   A GLU A 1 71 ? -0.724  -0.407  -11.044 0.50 23.32 ? 71  GLU A CG   1 
ATOM   1120 C  CG   B GLU A 1 71 ? 0.683   0.345   -11.246 0.50 26.31 ? 71  GLU A CG   1 
ATOM   1121 C  CD   A GLU A 1 71 ? -1.663  -0.372  -12.214 0.50 24.63 ? 71  GLU A CD   1 
ATOM   1122 C  CD   B GLU A 1 71 ? 0.986   0.728   -12.678 0.50 27.22 ? 71  GLU A CD   1 
ATOM   1123 O  OE1  A GLU A 1 71 ? -1.543  0.389   -13.159 0.50 28.03 ? 71  GLU A OE1  1 
ATOM   1124 O  OE1  B GLU A 1 71 ? -0.019  0.475   -13.468 0.50 27.59 ? 71  GLU A OE1  1 
ATOM   1125 O  OE2  A GLU A 1 71 ? -2.629  -1.248  -12.113 0.50 24.74 ? 71  GLU A OE2  1 
ATOM   1126 O  OE2  B GLU A 1 71 ? 2.028   1.226   -13.061 0.50 32.07 ? 71  GLU A OE2  1 
ATOM   1127 H  H    A GLU A 1 71 ? -2.477  1.231   -9.139  0.50 10.12 ? 71  GLU A H    1 
ATOM   1128 H  H    B GLU A 1 71 ? -2.502  1.239   -9.127  0.50 10.79 ? 71  GLU A H    1 
ATOM   1129 H  HA   A GLU A 1 71 ? 0.162   0.569   -8.561  0.50 13.80 ? 71  GLU A HA   1 
ATOM   1130 H  HA   B GLU A 1 71 ? 0.157   0.597   -8.606  0.50 15.49 ? 71  GLU A HA   1 
ATOM   1131 H  HB2  A GLU A 1 71 ? -0.808  1.665   -10.991 0.50 17.54 ? 71  GLU A HB2  1 
ATOM   1132 H  HB2  B GLU A 1 71 ? -1.057  1.443   -10.972 0.50 20.49 ? 71  GLU A HB2  1 
ATOM   1133 H  HB3  A GLU A 1 71 ? 0.675   1.135   -10.741 0.50 17.27 ? 71  GLU A HB3  1 
ATOM   1134 H  HB3  B GLU A 1 71 ? 0.260   2.249   -10.632 0.50 20.48 ? 71  GLU A HB3  1 
ATOM   1135 H  HG2  A GLU A 1 71 ? 0.029   -0.975  -11.326 0.50 21.95 ? 71  GLU A HG2  1 
ATOM   1136 H  HG2  B GLU A 1 71 ? 1.513   0.138   -10.810 0.50 25.23 ? 71  GLU A HG2  1 
ATOM   1137 H  HG3  A GLU A 1 71 ? -1.175  -0.874  -10.313 0.50 22.10 ? 71  GLU A HG3  1 
ATOM   1138 H  HG3  B GLU A 1 71 ? 0.168   -0.517  -11.335 0.50 25.02 ? 71  GLU A HG3  1 
ATOM   1139 N  N    . VAL A 1 72 ? 1.016   2.845   -8.057  1.00 12.57 ? 72  VAL A N    1 
ATOM   1140 C  CA   . VAL A 1 72 ? 1.443   4.154   -7.580  1.00 13.05 ? 72  VAL A CA   1 
ATOM   1141 C  C    . VAL A 1 72 ? 2.952   4.314   -7.755  1.00 11.79 ? 72  VAL A C    1 
ATOM   1142 O  O    . VAL A 1 72 ? 3.685   3.372   -7.595  1.00 9.51  ? 72  VAL A O    1 
ATOM   1143 C  CB   . VAL A 1 72 ? 0.993   4.418   -6.132  1.00 14.98 ? 72  VAL A CB   1 
ATOM   1144 C  CG1  . VAL A 1 72 ? 1.605   3.499   -5.110  1.00 17.09 ? 72  VAL A CG1  1 
ATOM   1145 C  CG2  . VAL A 1 72 ? 1.276   5.858   -5.743  1.00 22.08 ? 72  VAL A CG2  1 
ATOM   1146 H  H    . VAL A 1 72 ? 1.677   2.213   -8.114  1.00 13.99 ? 72  VAL A H    1 
ATOM   1147 H  HA   . VAL A 1 72 ? 0.964   4.855   -8.088  1.00 12.73 ? 72  VAL A HA   1 
ATOM   1148 H  HB   . VAL A 1 72 ? 0.009   4.321   -6.100  1.00 17.21 ? 72  VAL A HB   1 
ATOM   1149 H  HG11 . VAL A 1 72 ? 1.639   2.568   -5.346  1.00 17.96 ? 72  VAL A HG11 1 
ATOM   1150 H  HG12 . VAL A 1 72 ? 2.392   3.834   -4.733  1.00 14.45 ? 72  VAL A HG12 1 
ATOM   1151 H  HG13 . VAL A 1 72 ? 0.902   3.490   -4.327  1.00 15.40 ? 72  VAL A HG13 1 
ATOM   1152 H  HG21 . VAL A 1 72 ? 1.019   6.476   -6.412  1.00 18.35 ? 72  VAL A HG21 1 
ATOM   1153 H  HG22 . VAL A 1 72 ? 0.864   6.055   -4.867  1.00 19.88 ? 72  VAL A HG22 1 
ATOM   1154 H  HG23 . VAL A 1 72 ? 2.271   5.928   -5.575  1.00 19.74 ? 72  VAL A HG23 1 
ATOM   1155 N  N    . ALA A 1 73 ? 3.357   5.525   -8.086  1.00 9.33  ? 73  ALA A N    1 
ATOM   1156 C  CA   . ALA A 1 73 ? 4.774   5.872   -8.216  1.00 7.58  ? 73  ALA A CA   1 
ATOM   1157 C  C    . ALA A 1 73 ? 5.003   6.969   -7.184  1.00 9.04  ? 73  ALA A C    1 
ATOM   1158 O  O    . ALA A 1 73 ? 4.188   7.927   -7.072  1.00 15.85 ? 73  ALA A O    1 
ATOM   1159 C  CB   . ALA A 1 73 ? 5.143   6.278   -9.625  1.00 10.80 ? 73  ALA A CB   1 
ATOM   1160 H  H    . ALA A 1 73 ? 2.775   6.226   -8.168  1.00 11.55 ? 73  ALA A H    1 
ATOM   1161 H  HA   . ALA A 1 73 ? 5.291   5.060   -8.022  1.00 6.27  ? 73  ALA A HA   1 
ATOM   1162 H  HB1  . ALA A 1 73 ? 4.458   6.579   -10.133 1.00 5.08  ? 73  ALA A HB1  1 
ATOM   1163 H  HB2  . ALA A 1 73 ? 5.909   6.951   -9.548  1.00 10.09 ? 73  ALA A HB2  1 
ATOM   1164 H  HB3  . ALA A 1 73 ? 5.662   5.501   -10.089 1.00 6.35  ? 73  ALA A HB3  1 
ATOM   1165 N  N    . LEU A 1 74 ? 6.051   6.865   -6.416  1.00 10.80 ? 74  LEU A N    1 
ATOM   1166 C  CA   . LEU A 1 74 ? 6.430   7.831   -5.395  1.00 9.21  ? 74  LEU A CA   1 
ATOM   1167 C  C    . LEU A 1 74 ? 7.689   8.554   -5.896  1.00 13.47 ? 74  LEU A C    1 
ATOM   1168 O  O    . LEU A 1 74 ? 8.550   7.898   -6.489  1.00 17.01 ? 74  LEU A O    1 
ATOM   1169 C  CB   . LEU A 1 74 ? 6.723   7.145   -4.058  1.00 8.40  ? 74  LEU A CB   1 
ATOM   1170 C  CG   . LEU A 1 74 ? 5.615   6.291   -3.515  1.00 7.41  ? 74  LEU A CG   1 
ATOM   1171 C  CD1  . LEU A 1 74 ? 6.067   5.675   -2.232  1.00 10.72 ? 74  LEU A CD1  1 
ATOM   1172 C  CD2  . LEU A 1 74 ? 4.360   7.105   -3.350  1.00 11.86 ? 74  LEU A CD2  1 
ATOM   1173 H  H    . LEU A 1 74 ? 6.651   6.129   -6.540  1.00 10.57 ? 74  LEU A H    1 
ATOM   1174 H  HA   . LEU A 1 74 ? 5.723   8.485   -5.289  1.00 10.79 ? 74  LEU A HA   1 
ATOM   1175 H  HB2  . LEU A 1 74 ? 7.504   6.522   -4.181  1.00 7.16  ? 74  LEU A HB2  1 
ATOM   1176 H  HB3  . LEU A 1 74 ? 6.936   7.799   -3.344  1.00 8.33  ? 74  LEU A HB3  1 
ATOM   1177 H  HG   . LEU A 1 74 ? 5.422   5.619   -4.213  1.00 9.54  ? 74  LEU A HG   1 
ATOM   1178 H  HD11 . LEU A 1 74 ? 7.019   5.481   -2.303  1.00 10.00 ? 74  LEU A HD11 1 
ATOM   1179 H  HD12 . LEU A 1 74 ? 5.934   6.358   -1.502  1.00 11.46 ? 74  LEU A HD12 1 
ATOM   1180 H  HD13 . LEU A 1 74 ? 5.514   4.874   -2.021  1.00 7.56  ? 74  LEU A HD13 1 
ATOM   1181 H  HD21 . LEU A 1 74 ? 4.572   7.978   -2.918  1.00 11.09 ? 74  LEU A HD21 1 
ATOM   1182 H  HD22 . LEU A 1 74 ? 3.936   7.227   -4.246  1.00 12.19 ? 74  LEU A HD22 1 
ATOM   1183 H  HD23 . LEU A 1 74 ? 3.681   6.626   -2.770  1.00 14.28 ? 74  LEU A HD23 1 
ATOM   1184 N  N    . SER A 1 75 ? 7.699   9.833   -5.621  1.00 13.39 ? 75  SER A N    1 
ATOM   1185 C  CA   . SER A 1 75 ? 8.845   10.672  -6.050  1.00 18.36 ? 75  SER A CA   1 
ATOM   1186 C  C    . SER A 1 75 ? 9.616   11.250  -4.888  1.00 16.87 ? 75  SER A C    1 
ATOM   1187 O  O    . SER A 1 75 ? 10.887  11.161  -4.884  1.00 21.96 ? 75  SER A O    1 
ATOM   1188 C  CB   A SER A 1 75 ? 8.331   11.746  -7.011  0.50 20.51 ? 75  SER A CB   1 
ATOM   1189 C  CB   B SER A 1 75 ? 8.347   11.770  -6.992  0.50 18.79 ? 75  SER A CB   1 
ATOM   1190 O  OG   A SER A 1 75 ? 7.116   11.333  -7.617  0.50 25.50 ? 75  SER A OG   1 
ATOM   1191 O  OG   B SER A 1 75 ? 7.378   12.567  -6.337  0.50 20.86 ? 75  SER A OG   1 
ATOM   1192 H  H    . SER A 1 75 ? 7.033   10.258  -5.190  1.00 13.95 ? 75  SER A H    1 
ATOM   1193 H  HA   . SER A 1 75 ? 9.427   10.111  -6.608  1.00 16.51 ? 75  SER A HA   1 
ATOM   1194 H  HB2  A SER A 1 75 ? 8.194   12.571  -6.511  0.50 21.97 ? 75  SER A HB2  1 
ATOM   1195 H  HB2  B SER A 1 75 ? 9.142   12.383  -7.157  0.50 19.47 ? 75  SER A HB2  1 
ATOM   1196 H  HB3  A SER A 1 75 ? 9.026   11.916  -7.713  0.50 22.63 ? 75  SER A HB3  1 
ATOM   1197 H  HB3  B SER A 1 75 ? 8.048   11.398  -7.832  0.50 19.09 ? 75  SER A HB3  1 
ATOM   1198 H  HG   A SER A 1 75 ? 7.292   10.596  -8.077  0.50 25.17 ? 75  SER A HG   1 
ATOM   1199 H  HG   B SER A 1 75 ? 7.818   13.116  -5.806  0.50 21.94 ? 75  SER A HG   1 
ATOM   1200 N  N    . ASN A 1 76 ? 8.942   11.838  -3.901  1.00 10.23 ? 76  ASN A N    1 
ATOM   1201 C  CA   . ASN A 1 76 ? 9.632   12.413  -2.750  1.00 10.74 ? 76  ASN A CA   1 
ATOM   1202 C  C    . ASN A 1 76 ? 10.351  11.329  -1.938  1.00 10.72 ? 76  ASN A C    1 
ATOM   1203 O  O    . ASN A 1 76 ? 9.750   10.296  -1.624  1.00 11.54 ? 76  ASN A O    1 
ATOM   1204 C  CB   . ASN A 1 76 ? 8.696   13.225  -1.859  1.00 14.64 ? 76  ASN A CB   1 
ATOM   1205 C  CG   . ASN A 1 76 ? 8.007   14.348  -2.605  1.00 23.01 ? 76  ASN A CG   1 
ATOM   1206 O  OD1  . ASN A 1 76 ? 7.146   14.064  -3.446  1.00 28.17 ? 76  ASN A OD1  1 
ATOM   1207 N  ND2  . ASN A 1 76 ? 8.390   15.579  -2.286  1.00 26.23 ? 76  ASN A ND2  1 
ATOM   1208 H  H    . ASN A 1 76 ? 8.039   11.880  -3.934  1.00 15.82 ? 76  ASN A H    1 
ATOM   1209 H  HA   . ASN A 1 76 ? 10.253  13.069  -3.065  1.00 14.04 ? 76  ASN A HA   1 
ATOM   1210 H  HB2  . ASN A 1 76 ? 7.949   12.597  -1.580  1.00 15.80 ? 76  ASN A HB2  1 
ATOM   1211 H  HB3  . ASN A 1 76 ? 9.096   13.557  -1.041  1.00 13.24 ? 76  ASN A HB3  1 
ATOM   1212 H  HD21 . ASN A 1 76 ? 7.994   16.304  -2.717  1.00 25.11 ? 76  ASN A HD21 1 
ATOM   1213 H  HD22 . ASN A 1 76 ? 9.035   15.719  -1.652  1.00 24.93 ? 76  ASN A HD22 1 
ATOM   1214 N  N    . LYS A 1 77 ? 11.589  11.619  -1.587  1.00 10.74 ? 77  LYS A N    1 
ATOM   1215 C  CA   . LYS A 1 77 ? 12.382  10.705  -0.761  1.00 8.71  ? 77  LYS A CA   1 
ATOM   1216 C  C    . LYS A 1 77 ? 11.912  10.776  0.689   1.00 11.50 ? 77  LYS A C    1 
ATOM   1217 O  O    . LYS A 1 77 ? 11.488  11.830  1.190   1.00 13.74 ? 77  LYS A O    1 
ATOM   1218 C  CB   . LYS A 1 77 ? 13.855  11.029  -0.796  1.00 11.09 ? 77  LYS A CB   1 
ATOM   1219 C  CG   . LYS A 1 77 ? 14.451  10.785  -2.200  1.00 18.54 ? 77  LYS A CG   1 
ATOM   1220 C  CD   . LYS A 1 77 ? 15.953  11.041  -2.143  1.00 22.59 ? 77  LYS A CD   1 
ATOM   1221 C  CE   . LYS A 1 77 ? 16.598  10.558  -3.430  1.00 28.61 ? 77  LYS A CE   1 
ATOM   1222 N  NZ   . LYS A 1 77 ? 16.456  11.665  -4.407  1.00 34.75 ? 77  LYS A NZ   1 
ATOM   1223 H  H    . LYS A 1 77 ? 11.995  12.388  -1.805  1.00 10.92 ? 77  LYS A H    1 
ATOM   1224 H  HA   . LYS A 1 77 ? 12.276  9.798   -1.145  1.00 12.50 ? 77  LYS A HA   1 
ATOM   1225 H  HB2  . LYS A 1 77 ? 14.016  11.928  -0.516  1.00 12.23 ? 77  LYS A HB2  1 
ATOM   1226 H  HB3  . LYS A 1 77 ? 14.276  10.374  -0.155  1.00 11.15 ? 77  LYS A HB3  1 
ATOM   1227 H  HG2  . LYS A 1 77 ? 14.240  9.909   -2.578  1.00 17.39 ? 77  LYS A HG2  1 
ATOM   1228 H  HG3  . LYS A 1 77 ? 14.062  11.465  -2.833  1.00 19.08 ? 77  LYS A HG3  1 
ATOM   1229 H  HD2  . LYS A 1 77 ? 16.088  12.031  -2.116  1.00 20.09 ? 77  LYS A HD2  1 
ATOM   1230 H  HD3  . LYS A 1 77 ? 16.354  10.620  -1.378  1.00 22.45 ? 77  LYS A HD3  1 
ATOM   1231 H  HE2  . LYS A 1 77 ? 17.526  10.306  -3.337  1.00 29.06 ? 77  LYS A HE2  1 
ATOM   1232 H  HE3  . LYS A 1 77 ? 16.042  9.798   -3.782  1.00 27.91 ? 77  LYS A HE3  1 
ATOM   1233 H  HZ1  . LYS A 1 77 ? 15.572  11.866  -4.516  1.00 33.69 ? 77  LYS A HZ1  1 
ATOM   1234 H  HZ2  . LYS A 1 77 ? 16.926  12.408  -4.049  1.00 34.40 ? 77  LYS A HZ2  1 
ATOM   1235 H  HZ3  . LYS A 1 77 ? 16.847  11.465  -5.211  1.00 34.91 ? 77  LYS A HZ3  1 
ATOM   1236 N  N    . GLY A 1 78 ? 12.022  9.643   1.373   1.00 8.52  ? 78  GLY A N    1 
ATOM   1237 C  CA   . GLY A 1 78 ? 11.648  9.522   2.781   1.00 9.16  ? 78  GLY A CA   1 
ATOM   1238 C  C    . GLY A 1 78 ? 10.839  8.234   2.994   1.00 7.35  ? 78  GLY A C    1 
ATOM   1239 O  O    . GLY A 1 78 ? 10.685  7.401   2.110   1.00 8.59  ? 78  GLY A O    1 
ATOM   1240 H  H    . GLY A 1 78 ? 12.350  8.887   0.971   1.00 11.24 ? 78  GLY A H    1 
ATOM   1241 H  HA2  . GLY A 1 78 ? 12.580  9.349   3.243   1.00 6.00  ? 78  GLY A HA2  1 
ATOM   1242 H  HA3  . GLY A 1 78 ? 11.313  10.269  3.215   1.00 5.24  ? 78  GLY A HA3  1 
ATOM   1243 N  N    . GLU A 1 79 ? 10.312  8.147   4.202   1.00 7.60  ? 79  GLU A N    1 
ATOM   1244 C  CA   . GLU A 1 79 ? 9.550   6.976   4.603   1.00 9.48  ? 79  GLU A CA   1 
ATOM   1245 C  C    . GLU A 1 79 ? 8.061   7.224   4.525   1.00 5.17  ? 79  GLU A C    1 
ATOM   1246 O  O    . GLU A 1 79 ? 7.605   8.313   4.864   1.00 9.89  ? 79  GLU A O    1 
ATOM   1247 C  CB   . GLU A 1 79 ? 9.872   6.530   6.027   1.00 12.58 ? 79  GLU A CB   1 
ATOM   1248 C  CG   . GLU A 1 79 ? 11.328  6.167   6.307   1.00 15.49 ? 79  GLU A CG   1 
ATOM   1249 C  CD   . GLU A 1 79 ? 11.526  5.405   7.602   1.00 24.90 ? 79  GLU A CD   1 
ATOM   1250 O  OE1  . GLU A 1 79 ? 10.999  5.692   8.640   1.00 27.45 ? 79  GLU A OE1  1 
ATOM   1251 O  OE2  . GLU A 1 79 ? 12.334  4.367   7.451   1.00 33.89 ? 79  GLU A OE2  1 
ATOM   1252 H  H    . GLU A 1 79 ? 10.442  8.760   4.851   1.00 9.64  ? 79  GLU A H    1 
ATOM   1253 H  HA   . GLU A 1 79 ? 9.783   6.240   3.956   1.00 8.89  ? 79  GLU A HA   1 
ATOM   1254 H  HB2  . GLU A 1 79 ? 9.619   7.251   6.638   1.00 11.43 ? 79  GLU A HB2  1 
ATOM   1255 H  HB3  . GLU A 1 79 ? 9.290   5.740   6.263   1.00 8.52  ? 79  GLU A HB3  1 
ATOM   1256 H  HG2  . GLU A 1 79 ? 11.697  5.649   5.583   1.00 13.90 ? 79  GLU A HG2  1 
ATOM   1257 H  HG3  . GLU A 1 79 ? 11.816  7.011   6.438   1.00 14.88 ? 79  GLU A HG3  1 
ATOM   1258 N  N    . TYR A 1 80 ? 7.413   6.229   4.031   1.00 3.82  ? 80  TYR A N    1 
ATOM   1259 C  CA   . TYR A 1 80 ? 5.955   6.238   3.890   1.00 4.47  ? 80  TYR A CA   1 
ATOM   1260 C  C    . TYR A 1 80 ? 5.313   5.008   4.571   1.00 5.84  ? 80  TYR A C    1 
ATOM   1261 O  O    . TYR A 1 80 ? 5.613   3.866   4.176   1.00 7.39  ? 80  TYR A O    1 
ATOM   1262 C  CB   . TYR A 1 80 ? 5.581   6.192   2.423   1.00 6.73  ? 80  TYR A CB   1 
ATOM   1263 C  CG   . TYR A 1 80 ? 6.043   7.280   1.482   1.00 4.79  ? 80  TYR A CG   1 
ATOM   1264 C  CD1  . TYR A 1 80 ? 7.391   7.454   1.166   1.00 6.76  ? 80  TYR A CD1  1 
ATOM   1265 C  CD2  . TYR A 1 80 ? 5.102   8.100   0.875   1.00 6.42  ? 80  TYR A CD2  1 
ATOM   1266 C  CE1  . TYR A 1 80 ? 7.780   8.451   0.261   1.00 7.20  ? 80  TYR A CE1  1 
ATOM   1267 C  CE2  . TYR A 1 80 ? 5.488   9.089   -0.033  1.00 6.39  ? 80  TYR A CE2  1 
ATOM   1268 C  CZ   . TYR A 1 80 ? 6.807   9.262   -0.335  1.00 7.01  ? 80  TYR A CZ   1 
ATOM   1269 O  OH   . TYR A 1 80 ? 7.137   10.236  -1.221  1.00 9.56  ? 80  TYR A OH   1 
ATOM   1270 H  H    . TYR A 1 80 ? 7.795   5.428   3.780   1.00 4.01  ? 80  TYR A H    1 
ATOM   1271 H  HA   . TYR A 1 80 ? 5.630   7.018   4.309   1.00 4.86  ? 80  TYR A HA   1 
ATOM   1272 H  HB2  . TYR A 1 80 ? 5.980   5.335   2.068   1.00 4.69  ? 80  TYR A HB2  1 
ATOM   1273 H  HB3  . TYR A 1 80 ? 4.585   6.029   2.355   1.00 3.60  ? 80  TYR A HB3  1 
ATOM   1274 H  HD1  . TYR A 1 80 ? 8.079   6.891   1.570   1.00 6.27  ? 80  TYR A HD1  1 
ATOM   1275 H  HD2  . TYR A 1 80 ? 4.134   7.988   1.070   1.00 7.38  ? 80  TYR A HD2  1 
ATOM   1276 H  HE1  . TYR A 1 80 ? 8.737   8.569   0.044   1.00 8.52  ? 80  TYR A HE1  1 
ATOM   1277 H  HE2  . TYR A 1 80 ? 4.799   9.668   -0.454  1.00 8.60  ? 80  TYR A HE2  1 
ATOM   1278 H  HH   . TYR A 1 80 ? 7.399   9.908   -1.997  1.00 4.90  ? 80  TYR A HH   1 
ATOM   1279 N  N    . SER A 1 81 ? 4.449   5.281   5.530   1.00 5.44  ? 81  SER A N    1 
ATOM   1280 C  CA   . SER A 1 81 ? 3.705   4.219   6.223   1.00 7.25  ? 81  SER A CA   1 
ATOM   1281 C  C    . SER A 1 81 ? 2.347   4.090   5.544   1.00 8.08  ? 81  SER A C    1 
ATOM   1282 O  O    . SER A 1 81 ? 1.709   5.116   5.237   1.00 7.66  ? 81  SER A O    1 
ATOM   1283 C  CB   . SER A 1 81 ? 3.542   4.473   7.703   1.00 12.14 ? 81  SER A CB   1 
ATOM   1284 O  OG   . SER A 1 81 ? 4.845   4.490   8.300   1.00 16.02 ? 81  SER A OG   1 
ATOM   1285 H  H    . SER A 1 81 ? 4.241   6.136   5.765   1.00 7.18  ? 81  SER A H    1 
ATOM   1286 H  HA   . SER A 1 81 ? 4.197   3.402   6.110   1.00 11.75 ? 81  SER A HA   1 
ATOM   1287 H  HB2  . SER A 1 81 ? 3.134   5.351   7.831   1.00 10.98 ? 81  SER A HB2  1 
ATOM   1288 H  HB3  . SER A 1 81 ? 2.954   3.773   8.105   1.00 11.41 ? 81  SER A HB3  1 
ATOM   1289 H  HG   . SER A 1 81 ? 5.227   3.709   8.133   1.00 13.48 ? 81  SER A HG   1 
ATOM   1290 N  N    . PHE A 1 82 ? 1.944   2.831   5.358   1.00 7.37  ? 82  PHE A N    1 
ATOM   1291 C  CA   . PHE A 1 82 ? 0.647   2.569   4.664   1.00 6.44  ? 82  PHE A CA   1 
ATOM   1292 C  C    . PHE A 1 82 ? -0.025  1.405   5.376   1.00 5.47  ? 82  PHE A C    1 
ATOM   1293 O  O    . PHE A 1 82 ? 0.590   0.666   6.117   1.00 6.56  ? 82  PHE A O    1 
ATOM   1294 C  CB   . PHE A 1 82 ? 0.797   2.332   3.164   1.00 6.09  ? 82  PHE A CB   1 
ATOM   1295 C  CG   . PHE A 1 82 ? 1.658   1.180   2.781   1.00 5.89  ? 82  PHE A CG   1 
ATOM   1296 C  CD1  . PHE A 1 82 ? 1.141   -0.095  2.741   1.00 7.87  ? 82  PHE A CD1  1 
ATOM   1297 C  CD2  . PHE A 1 82 ? 3.004   1.365   2.478   1.00 7.81  ? 82  PHE A CD2  1 
ATOM   1298 C  CE1  . PHE A 1 82 ? 1.955   -1.189  2.389   1.00 9.74  ? 82  PHE A CE1  1 
ATOM   1299 C  CE2  . PHE A 1 82 ? 3.836   0.310   2.128   1.00 8.16  ? 82  PHE A CE2  1 
ATOM   1300 C  CZ   . PHE A 1 82 ? 3.302   -0.976  2.104   1.00 7.88  ? 82  PHE A CZ   1 
ATOM   1301 H  H    . PHE A 1 82 ? 2.418   2.139   5.581   1.00 6.22  ? 82  PHE A H    1 
ATOM   1302 H  HA   . PHE A 1 82 ? 0.079   3.301   4.697   1.00 8.31  ? 82  PHE A HA   1 
ATOM   1303 H  HB2  . PHE A 1 82 ? -0.183  1.990   2.918   1.00 7.01  ? 82  PHE A HB2  1 
ATOM   1304 H  HB3  . PHE A 1 82 ? 0.890   3.086   2.647   1.00 7.83  ? 82  PHE A HB3  1 
ATOM   1305 H  HD1  . PHE A 1 82 ? 0.200   -0.233  2.960   1.00 9.27  ? 82  PHE A HD1  1 
ATOM   1306 H  HD2  . PHE A 1 82 ? 3.350   2.253   2.515   1.00 9.56  ? 82  PHE A HD2  1 
ATOM   1307 H  HE1  . PHE A 1 82 ? 1.625   -2.064  2.362   1.00 7.72  ? 82  PHE A HE1  1 
ATOM   1308 H  HE2  . PHE A 1 82 ? 4.751   0.462   1.931   1.00 9.01  ? 82  PHE A HE2  1 
ATOM   1309 H  HZ   . PHE A 1 82 ? 3.877   -1.701  1.859   1.00 8.87  ? 82  PHE A HZ   1 
ATOM   1310 N  N    . TYR A 1 83 ? -1.308  1.278   5.074   1.00 4.89  ? 83  TYR A N    1 
ATOM   1311 C  CA   . TYR A 1 83 ? -2.114  0.212   5.695   1.00 4.63  ? 83  TYR A CA   1 
ATOM   1312 C  C    . TYR A 1 83 ? -3.324  -0.105  4.846   1.00 6.90  ? 83  TYR A C    1 
ATOM   1313 O  O    . TYR A 1 83 ? -3.669  0.649   3.946   1.00 6.48  ? 83  TYR A O    1 
ATOM   1314 C  CB   . TYR A 1 83 ? -2.531  0.639   7.121   1.00 6.80  ? 83  TYR A CB   1 
ATOM   1315 C  CG   . TYR A 1 83 ? -3.332  1.915   7.198   1.00 8.77  ? 83  TYR A CG   1 
ATOM   1316 C  CD1  . TYR A 1 83 ? -2.753  3.172   7.318   1.00 11.23 ? 83  TYR A CD1  1 
ATOM   1317 C  CD2  . TYR A 1 83 ? -4.736  1.851   7.135   1.00 12.67 ? 83  TYR A CD2  1 
ATOM   1318 C  CE1  . TYR A 1 83 ? -3.533  4.332   7.381   1.00 11.61 ? 83  TYR A CE1  1 
ATOM   1319 C  CE2  . TYR A 1 83 ? -5.524  2.996   7.202   1.00 12.34 ? 83  TYR A CE2  1 
ATOM   1320 C  CZ   . TYR A 1 83 ? -4.912  4.233   7.321   1.00 14.14 ? 83  TYR A CZ   1 
ATOM   1321 O  OH   . TYR A 1 83 ? -5.671  5.373   7.366   1.00 18.49 ? 83  TYR A OH   1 
ATOM   1322 H  H    . TYR A 1 83 ? -1.759  1.827   4.533   1.00 8.67  ? 83  TYR A H    1 
ATOM   1323 H  HA   . TYR A 1 83 ? -1.512  -0.572  5.796   1.00 5.93  ? 83  TYR A HA   1 
ATOM   1324 H  HB2  . TYR A 1 83 ? -2.986  -0.069  7.553   1.00 8.51  ? 83  TYR A HB2  1 
ATOM   1325 H  HB3  . TYR A 1 83 ? -1.630  0.785   7.588   1.00 8.72  ? 83  TYR A HB3  1 
ATOM   1326 H  HD1  . TYR A 1 83 ? -1.775  3.240   7.353   1.00 10.85 ? 83  TYR A HD1  1 
ATOM   1327 H  HD2  . TYR A 1 83 ? -5.197  0.960   7.054   1.00 12.39 ? 83  TYR A HD2  1 
ATOM   1328 H  HE1  . TYR A 1 83 ? -3.111  5.215   7.455   1.00 12.37 ? 83  TYR A HE1  1 
ATOM   1329 H  HE2  . TYR A 1 83 ? -6.504  2.913   7.156   1.00 13.31 ? 83  TYR A HE2  1 
ATOM   1330 H  HH   . TYR A 1 83 ? -6.506  5.188   7.612   1.00 16.15 ? 83  TYR A HH   1 
ATOM   1331 N  N    . CYS A 1 84 ? -3.941  -1.225  5.173   1.00 6.68  ? 84  CYS A N    1 
ATOM   1332 C  CA   . CYS A 1 84 ? -5.206  -1.680  4.539   1.00 4.22  ? 84  CYS A CA   1 
ATOM   1333 C  C    . CYS A 1 84 ? -6.264  -1.309  5.603   1.00 4.56  ? 84  CYS A C    1 
ATOM   1334 O  O    . CYS A 1 84 ? -6.189  -1.850  6.725   1.00 6.65  ? 84  CYS A O    1 
ATOM   1335 C  CB   . CYS A 1 84 ? -5.174  -3.147  4.224   1.00 8.98  ? 84  CYS A CB   1 
ATOM   1336 S  SG   . CYS A 1 84 ? -6.756  -3.781  3.750   1.00 6.99  ? 84  CYS A SG   1 
ATOM   1337 H  H    . CYS A 1 84 ? -3.683  -1.759  5.877   1.00 5.69  ? 84  CYS A H    1 
ATOM   1338 H  HA   . CYS A 1 84 ? -5.343  -1.236  3.709   1.00 3.98  ? 84  CYS A HA   1 
ATOM   1339 H  HB2  . CYS A 1 84 ? -4.560  -3.387  3.507   1.00 9.49  ? 84  CYS A HB2  1 
ATOM   1340 H  HB3  . CYS A 1 84 ? -4.903  -3.635  5.078   1.00 7.16  ? 84  CYS A HB3  1 
ATOM   1341 N  N    . SER A 1 85 ? -7.166  -0.402  5.281   1.00 6.06  ? 85  SER A N    1 
ATOM   1342 C  CA   . SER A 1 85 ? -8.158  0.099   6.267   1.00 7.33  ? 85  SER A CA   1 
ATOM   1343 C  C    . SER A 1 85 ? -8.987  -0.933  6.967   1.00 5.86  ? 85  SER A C    1 
ATOM   1344 O  O    . SER A 1 85 ? -9.026  -0.901  8.213   1.00 7.58  ? 85  SER A O    1 
ATOM   1345 C  CB   . SER A 1 85 ? -8.953  1.301   5.787   1.00 9.60  ? 85  SER A CB   1 
ATOM   1346 O  OG   . SER A 1 85 ? -9.898  1.019   4.844   1.00 14.58 ? 85  SER A OG   1 
ATOM   1347 H  H    . SER A 1 85 ? -7.151  -0.019  4.476   1.00 7.42  ? 85  SER A H    1 
ATOM   1348 H  HA   . SER A 1 85 ? -7.556  0.562   6.981   1.00 4.54  ? 85  SER A HA   1 
ATOM   1349 H  HB2  . SER A 1 85 ? -9.457  1.722   6.597   1.00 2.33  ? 85  SER A HB2  1 
ATOM   1350 H  HB3  . SER A 1 85 ? -8.303  2.013   5.517   1.00 9.25  ? 85  SER A HB3  1 
ATOM   1351 H  HG   . SER A 1 85 ? -10.563 0.546   5.337   1.00 10.71 ? 85  SER A HG   1 
ATOM   1352 N  N    . PRO A 1 86 ? -9.610  -1.886  6.302   1.00 6.87  ? 86  PRO A N    1 
ATOM   1353 C  CA   . PRO A 1 86 ? -10.420 -2.897  7.024   1.00 8.95  ? 86  PRO A CA   1 
ATOM   1354 C  C    . PRO A 1 86 ? -9.611  -3.895  7.849   1.00 10.90 ? 86  PRO A C    1 
ATOM   1355 O  O    . PRO A 1 86 ? -10.154 -4.591  8.748   1.00 10.11 ? 86  PRO A O    1 
ATOM   1356 C  CB   . PRO A 1 86 ? -11.187 -3.587  5.878   1.00 8.54  ? 86  PRO A CB   1 
ATOM   1357 C  CG   . PRO A 1 86 ? -10.410 -3.363  4.601   1.00 11.13 ? 86  PRO A CG   1 
ATOM   1358 C  CD   . PRO A 1 86 ? -9.688  -2.052  4.838   1.00 6.36  ? 86  PRO A CD   1 
ATOM   1359 H  HA   . PRO A 1 86 ? -11.102 -2.227  7.430   1.00 3.95  ? 86  PRO A HA   1 
ATOM   1360 H  HB2  . PRO A 1 86 ? -11.300 -4.492  6.065   1.00 4.14  ? 86  PRO A HB2  1 
ATOM   1361 H  HB3  . PRO A 1 86 ? -12.021 -3.202  5.802   1.00 7.82  ? 86  PRO A HB3  1 
ATOM   1362 H  HG2  . PRO A 1 86 ? -9.754  -4.076  4.394   1.00 8.65  ? 86  PRO A HG2  1 
ATOM   1363 H  HG3  . PRO A 1 86 ? -10.914 -3.294  3.915   1.00 8.77  ? 86  PRO A HG3  1 
ATOM   1364 H  HD2  . PRO A 1 86 ? -8.902  -1.870  4.348   1.00 4.23  ? 86  PRO A HD2  1 
ATOM   1365 H  HD3  . PRO A 1 86 ? -10.346 -1.344  4.477   1.00 6.33  ? 86  PRO A HD3  1 
ATOM   1366 N  N    . HIS A 1 87 ? -8.312  -4.028  7.601   1.00 8.25  ? 87  HIS A N    1 
ATOM   1367 C  CA   . HIS A 1 87 ? -7.460  -5.002  8.257   1.00 7.41  ? 87  HIS A CA   1 
ATOM   1368 C  C    . HIS A 1 87 ? -6.296  -4.424  9.031   1.00 8.16  ? 87  HIS A C    1 
ATOM   1369 O  O    . HIS A 1 87 ? -5.331  -5.162  9.330   1.00 9.85  ? 87  HIS A O    1 
ATOM   1370 C  CB   . HIS A 1 87 ? -6.880  -5.932  7.165   1.00 6.49  ? 87  HIS A CB   1 
ATOM   1371 C  CG   . HIS A 1 87 ? -7.947  -6.689  6.420   1.00 10.59 ? 87  HIS A CG   1 
ATOM   1372 N  ND1  . HIS A 1 87 ? -7.832  -6.943  5.069   1.00 9.56  ? 87  HIS A ND1  1 
ATOM   1373 C  CD2  . HIS A 1 87 ? -9.089  -7.286  6.916   1.00 10.65 ? 87  HIS A CD2  1 
ATOM   1374 C  CE1  . HIS A 1 87 ? -8.909  -7.620  4.752   1.00 13.47 ? 87  HIS A CE1  1 
ATOM   1375 N  NE2  . HIS A 1 87 ? -9.684  -7.855  5.820   1.00 12.24 ? 87  HIS A NE2  1 
ATOM   1376 H  H    . HIS A 1 87 ? -7.928  -3.537  6.931   1.00 10.18 ? 87  HIS A H    1 
ATOM   1377 H  HA   . HIS A 1 87 ? -7.995  -5.615  8.817   1.00 6.21  ? 87  HIS A HA   1 
ATOM   1378 H  HB2  . HIS A 1 87 ? -6.257  -5.390  6.607   1.00 3.61  ? 87  HIS A HB2  1 
ATOM   1379 H  HB3  . HIS A 1 87 ? -6.275  -6.548  7.653   1.00 5.24  ? 87  HIS A HB3  1 
ATOM   1380 H  HD2  . HIS A 1 87 ? -9.447  -7.299  7.806   1.00 7.74  ? 87  HIS A HD2  1 
ATOM   1381 H  HE1  . HIS A 1 87 ? -9.122  -7.940  3.855   1.00 11.29 ? 87  HIS A HE1  1 
ATOM   1382 H  HE2  . HIS A 1 87 ? -10.505 -8.331  5.834   1.00 12.58 ? 87  HIS A HE2  1 
ATOM   1383 N  N    . GLN A 1 88 ? -6.383  -3.129  9.316   1.00 7.74  ? 88  GLN A N    1 
ATOM   1384 C  CA   . GLN A 1 88 ? -5.300  -2.444  10.026  1.00 8.62  ? 88  GLN A CA   1 
ATOM   1385 C  C    . GLN A 1 88 ? -5.024  -3.099  11.381  1.00 8.42  ? 88  GLN A C    1 
ATOM   1386 O  O    . GLN A 1 88 ? -3.877  -3.384  11.748  1.00 11.00 ? 88  GLN A O    1 
ATOM   1387 C  CB   . GLN A 1 88 ? -5.573  -0.954  10.118  1.00 10.56 ? 88  GLN A CB   1 
ATOM   1388 C  CG   . GLN A 1 88 ? -4.387  -0.160  10.652  1.00 13.15 ? 88  GLN A CG   1 
ATOM   1389 C  CD   . GLN A 1 88 ? -4.720  1.311   10.778  1.00 19.31 ? 88  GLN A CD   1 
ATOM   1390 O  OE1  . GLN A 1 88 ? -5.866  1.736   10.964  1.00 20.02 ? 88  GLN A OE1  1 
ATOM   1391 N  NE2  . GLN A 1 88 ? -3.641  2.090   10.630  1.00 23.87 ? 88  GLN A NE2  1 
ATOM   1392 H  H    . GLN A 1 88 ? -7.093  -2.645  9.061   1.00 8.14  ? 88  GLN A H    1 
ATOM   1393 H  HA   . GLN A 1 88 ? -4.489  -2.500  9.475   1.00 9.14  ? 88  GLN A HA   1 
ATOM   1394 H  HB2  . GLN A 1 88 ? -5.626  -0.670  9.068   1.00 11.80 ? 88  GLN A HB2  1 
ATOM   1395 H  HB3  . GLN A 1 88 ? -6.401  -0.650  10.437  1.00 10.95 ? 88  GLN A HB3  1 
ATOM   1396 H  HG2  . GLN A 1 88 ? -4.099  -0.492  11.525  1.00 10.35 ? 88  GLN A HG2  1 
ATOM   1397 H  HG3  . GLN A 1 88 ? -3.644  -0.207  10.011  1.00 11.65 ? 88  GLN A HG3  1 
ATOM   1398 H  HE21 . GLN A 1 88 ? -3.740  3.014   10.686  1.00 20.08 ? 88  GLN A HE21 1 
ATOM   1399 H  HE22 . GLN A 1 88 ? -2.813  1.762   10.488  1.00 19.92 ? 88  GLN A HE22 1 
ATOM   1400 N  N    . GLY A 1 89 ? -6.085  -3.334  12.129  1.00 10.35 ? 89  GLY A N    1 
ATOM   1401 C  CA   . GLY A 1 89 ? -6.022  -3.947  13.467  1.00 10.58 ? 89  GLY A CA   1 
ATOM   1402 C  C    . GLY A 1 89 ? -5.416  -5.323  13.434  1.00 11.47 ? 89  GLY A C    1 
ATOM   1403 O  O    . GLY A 1 89 ? -4.772  -5.726  14.425  1.00 17.09 ? 89  GLY A O    1 
ATOM   1404 H  H    . GLY A 1 89 ? -6.923  -3.118  11.851  1.00 10.78 ? 89  GLY A H    1 
ATOM   1405 H  HA2  . GLY A 1 89 ? -5.352  -3.380  14.004  1.00 10.01 ? 89  GLY A HA2  1 
ATOM   1406 H  HA3  . GLY A 1 89 ? -6.849  -3.860  13.950  1.00 11.49 ? 89  GLY A HA3  1 
ATOM   1407 N  N    . ALA A 1 90 ? -5.630  -6.079  12.376  1.00 10.78 ? 90  ALA A N    1 
ATOM   1408 C  CA   . ALA A 1 90 ? -5.112  -7.401  12.157  1.00 9.50  ? 90  ALA A CA   1 
ATOM   1409 C  C    . ALA A 1 90 ? -3.613  -7.365  11.827  1.00 11.02 ? 90  ALA A C    1 
ATOM   1410 O  O    . ALA A 1 90 ? -2.956  -8.413  11.799  1.00 10.54 ? 90  ALA A O    1 
ATOM   1411 C  CB   . ALA A 1 90 ? -5.863  -8.108  11.027  1.00 13.13 ? 90  ALA A CB   1 
ATOM   1412 H  H    . ALA A 1 90 ? -6.120  -5.723  11.668  1.00 13.35 ? 90  ALA A H    1 
ATOM   1413 H  HA   . ALA A 1 90 ? -5.262  -7.946  12.953  1.00 10.12 ? 90  ALA A HA   1 
ATOM   1414 H  HB1  . ALA A 1 90 ? -6.222  -7.391  10.401  1.00 11.80 ? 90  ALA A HB1  1 
ATOM   1415 H  HB2  . ALA A 1 90 ? -5.198  -8.577  10.430  1.00 10.29 ? 90  ALA A HB2  1 
ATOM   1416 H  HB3  . ALA A 1 90 ? -6.552  -8.643  11.358  1.00 10.41 ? 90  ALA A HB3  1 
ATOM   1417 N  N    . GLY A 1 91 ? -3.089  -6.166  11.561  1.00 10.05 ? 91  GLY A N    1 
ATOM   1418 C  CA   . GLY A 1 91 ? -1.643  -6.028  11.279  1.00 8.38  ? 91  GLY A CA   1 
ATOM   1419 C  C    . GLY A 1 91 ? -1.259  -5.921  9.841   1.00 7.12  ? 91  GLY A C    1 
ATOM   1420 O  O    . GLY A 1 91 ? -0.064  -6.082  9.502   1.00 7.48  ? 91  GLY A O    1 
ATOM   1421 H  H    . GLY A 1 91 ? -3.600  -5.420  11.607  1.00 9.12  ? 91  GLY A H    1 
ATOM   1422 H  HA2  . GLY A 1 91 ? -1.292  -5.238  11.712  1.00 5.34  ? 91  GLY A HA2  1 
ATOM   1423 H  HA3  . GLY A 1 91 ? -1.187  -6.821  11.689  1.00 8.23  ? 91  GLY A HA3  1 
ATOM   1424 N  N    . MET A 1 92 ? -2.285  -5.644  9.011   1.00 3.70  ? 92  MET A N    1 
ATOM   1425 C  CA   . MET A 1 92 ? -2.007  -5.454  7.558   1.00 4.21  ? 92  MET A CA   1 
ATOM   1426 C  C    . MET A 1 92 ? -1.555  -3.995  7.308   1.00 5.06  ? 92  MET A C    1 
ATOM   1427 O  O    . MET A 1 92 ? -2.331  -3.119  6.905   1.00 5.86  ? 92  MET A O    1 
ATOM   1428 C  CB   . MET A 1 92 ? -3.231  -5.846  6.736   1.00 6.73  ? 92  MET A CB   1 
ATOM   1429 C  CG   . MET A 1 92 ? -2.888  -5.943  5.267   1.00 7.63  ? 92  MET A CG   1 
ATOM   1430 S  SD   . MET A 1 92 ? -4.125  -6.777  4.307   1.00 7.49  ? 92  MET A SD   1 
ATOM   1431 C  CE   . MET A 1 92 ? -3.415  -6.465  2.646   1.00 7.95  ? 92  MET A CE   1 
ATOM   1432 H  H    . MET A 1 92 ? -3.101  -5.516  9.282   1.00 5.42  ? 92  MET A H    1 
ATOM   1433 H  HA   . MET A 1 92 ? -1.241  -6.015  7.350   1.00 2.00  ? 92  MET A HA   1 
ATOM   1434 H  HB2  . MET A 1 92 ? -3.568  -6.706  7.063   1.00 10.27 ? 92  MET A HB2  1 
ATOM   1435 H  HB3  . MET A 1 92 ? -4.006  -5.216  6.856   1.00 5.99  ? 92  MET A HB3  1 
ATOM   1436 H  HG2  . MET A 1 92 ? -2.782  -5.087  4.763   1.00 6.82  ? 92  MET A HG2  1 
ATOM   1437 H  HG3  . MET A 1 92 ? -2.032  -6.482  5.147   1.00 5.97  ? 92  MET A HG3  1 
ATOM   1438 H  HE1  . MET A 1 92 ? -2.947  -5.578  2.745   1.00 3.95  ? 92  MET A HE1  1 
ATOM   1439 H  HE2  . MET A 1 92 ? -2.963  -7.230  2.435   1.00 5.15  ? 92  MET A HE2  1 
ATOM   1440 H  HE3  . MET A 1 92 ? -4.210  -6.187  2.071   1.00 6.02  ? 92  MET A HE3  1 
ATOM   1441 N  N    . VAL A 1 93 ? -0.300  -3.753  7.592   1.00 4.95  ? 93  VAL A N    1 
ATOM   1442 C  CA   . VAL A 1 93 ? 0.439   -2.502  7.529   1.00 5.81  ? 93  VAL A CA   1 
ATOM   1443 C  C    . VAL A 1 93 ? 1.779   -2.716  6.823   1.00 3.80  ? 93  VAL A C    1 
ATOM   1444 O  O    . VAL A 1 93 ? 2.274   -3.833  6.689   1.00 5.64  ? 93  VAL A O    1 
ATOM   1445 C  CB   . VAL A 1 93 ? 0.638   -1.972  8.984   1.00 6.59  ? 93  VAL A CB   1 
ATOM   1446 C  CG1  . VAL A 1 93 ? -0.690  -1.721  9.705   1.00 8.12  ? 93  VAL A CG1  1 
ATOM   1447 C  CG2  . VAL A 1 93 ? 1.541   -2.931  9.783   1.00 9.17  ? 93  VAL A CG2  1 
ATOM   1448 H  H    . VAL A 1 93 ? 0.246   -4.484  7.928   1.00 6.34  ? 93  VAL A H    1 
ATOM   1449 H  HA   . VAL A 1 93 ? -0.039  -1.792  7.090   1.00 5.25  ? 93  VAL A HA   1 
ATOM   1450 H  HB   . VAL A 1 93 ? 1.123   -1.103  8.914   1.00 3.93  ? 93  VAL A HB   1 
ATOM   1451 H  HG11 . VAL A 1 93 ? -1.366  -1.187  9.259   1.00 2.00  ? 93  VAL A HG11 1 
ATOM   1452 H  HG12 . VAL A 1 93 ? -1.196  -2.516  9.998   1.00 2.00  ? 93  VAL A HG12 1 
ATOM   1453 H  HG13 . VAL A 1 93 ? -0.485  -1.292  10.571  1.00 2.07  ? 93  VAL A HG13 1 
ATOM   1454 H  HG21 . VAL A 1 93 ? 2.360   -3.178  9.277   1.00 2.00  ? 93  VAL A HG21 1 
ATOM   1455 H  HG22 . VAL A 1 93 ? 1.787   -2.624  10.632  1.00 3.41  ? 93  VAL A HG22 1 
ATOM   1456 H  HG23 . VAL A 1 93 ? 1.066   -3.820  9.905   1.00 2.00  ? 93  VAL A HG23 1 
ATOM   1457 N  N    . GLY A 1 94 ? 2.382   -1.667  6.370   1.00 3.82  ? 94  GLY A N    1 
ATOM   1458 C  CA   . GLY A 1 94 ? 3.667   -1.689  5.680   1.00 5.11  ? 94  GLY A CA   1 
ATOM   1459 C  C    . GLY A 1 94 ? 4.335   -0.326  5.698   1.00 5.78  ? 94  GLY A C    1 
ATOM   1460 O  O    . GLY A 1 94 ? 3.783   0.661   6.169   1.00 5.48  ? 94  GLY A O    1 
ATOM   1461 H  H    . GLY A 1 94 ? 2.017   -0.824  6.472   1.00 7.48  ? 94  GLY A H    1 
ATOM   1462 H  HA2  . GLY A 1 94 ? 4.277   -2.334  6.112   1.00 4.46  ? 94  GLY A HA2  1 
ATOM   1463 H  HA3  . GLY A 1 94 ? 3.512   -2.043  4.755   1.00 3.88  ? 94  GLY A HA3  1 
ATOM   1464 N  N    . LYS A 1 95 ? 5.551   -0.352  5.171   1.00 6.64  ? 95  LYS A N    1 
ATOM   1465 C  CA   . LYS A 1 95 ? 6.342   0.893   5.086   1.00 6.25  ? 95  LYS A CA   1 
ATOM   1466 C  C    . LYS A 1 95 ? 7.306   0.779   3.909   1.00 8.27  ? 95  LYS A C    1 
ATOM   1467 O  O    . LYS A 1 95 ? 8.017   -0.219  3.760   1.00 8.45  ? 95  LYS A O    1 
ATOM   1468 C  CB   . LYS A 1 95 ? 7.113   1.134   6.396   1.00 12.02 ? 95  LYS A CB   1 
ATOM   1469 C  CG   . LYS A 1 95 ? 7.902   2.424   6.451   1.00 14.37 ? 95  LYS A CG   1 
ATOM   1470 C  CD   . LYS A 1 95 ? 8.527   2.723   7.796   1.00 25.81 ? 95  LYS A CD   1 
ATOM   1471 C  CE   . LYS A 1 95 ? 9.373   1.572   8.294   1.00 30.21 ? 95  LYS A CE   1 
ATOM   1472 N  NZ   . LYS A 1 95 ? 10.526  2.064   9.089   1.00 36.98 ? 95  LYS A NZ   1 
ATOM   1473 H  H    . LYS A 1 95 ? 5.946   -1.070  4.820   1.00 2.67  ? 95  LYS A H    1 
ATOM   1474 H  HA   . LYS A 1 95 ? 5.742   1.639   4.963   1.00 4.80  ? 95  LYS A HA   1 
ATOM   1475 H  HB2  . LYS A 1 95 ? 6.562   1.057   7.204   1.00 8.19  ? 95  LYS A HB2  1 
ATOM   1476 H  HB3  . LYS A 1 95 ? 7.770   0.360   6.423   1.00 7.27  ? 95  LYS A HB3  1 
ATOM   1477 H  HG2  . LYS A 1 95 ? 8.519   2.566   5.728   1.00 19.38 ? 95  LYS A HG2  1 
ATOM   1478 H  HG3  . LYS A 1 95 ? 7.198   3.206   6.341   1.00 20.29 ? 95  LYS A HG3  1 
ATOM   1479 H  HD2  . LYS A 1 95 ? 9.150   3.514   7.641   1.00 23.64 ? 95  LYS A HD2  1 
ATOM   1480 H  HD3  . LYS A 1 95 ? 7.850   3.002   8.447   1.00 22.47 ? 95  LYS A HD3  1 
ATOM   1481 H  HE2  . LYS A 1 95 ? 8.852   0.938   8.825   1.00 30.99 ? 95  LYS A HE2  1 
ATOM   1482 H  HE3  . LYS A 1 95 ? 9.814   1.093   7.525   1.00 31.80 ? 95  LYS A HE3  1 
ATOM   1483 H  HZ1  . LYS A 1 95 ? 10.607  2.952   9.138   1.00 35.18 ? 95  LYS A HZ1  1 
ATOM   1484 H  HZ2  . LYS A 1 95 ? 10.462  1.718   9.950   1.00 36.27 ? 95  LYS A HZ2  1 
ATOM   1485 H  HZ3  . LYS A 1 95 ? 11.328  1.708   8.682   1.00 35.11 ? 95  LYS A HZ3  1 
ATOM   1486 N  N    . VAL A 1 96 ? 7.296   1.806   3.071   1.00 6.07  ? 96  VAL A N    1 
ATOM   1487 C  CA   . VAL A 1 96 ? 8.201   1.888   1.928   1.00 5.53  ? 96  VAL A CA   1 
ATOM   1488 C  C    . VAL A 1 96 ? 9.096   3.134   2.151   1.00 6.30  ? 96  VAL A C    1 
ATOM   1489 O  O    . VAL A 1 96 ? 8.626   4.216   2.559   1.00 7.63  ? 96  VAL A O    1 
ATOM   1490 C  CB   . VAL A 1 96 ? 7.439   1.915   0.602   1.00 6.94  ? 96  VAL A CB   1 
ATOM   1491 C  CG1  . VAL A 1 96 ? 6.358   2.980   0.581   1.00 8.77  ? 96  VAL A CG1  1 
ATOM   1492 C  CG2  . VAL A 1 96 ? 8.306   2.129   -0.640  1.00 9.53  ? 96  VAL A CG2  1 
ATOM   1493 H  H    . VAL A 1 96 ? 6.771   2.546   3.223   1.00 7.51  ? 96  VAL A H    1 
ATOM   1494 H  HA   . VAL A 1 96 ? 8.770   1.118   1.983   1.00 2.00  ? 96  VAL A HA   1 
ATOM   1495 H  HB   . VAL A 1 96 ? 7.022   1.019   0.487   1.00 6.53  ? 96  VAL A HB   1 
ATOM   1496 H  HG11 . VAL A 1 96 ? 5.845   3.075   1.351   1.00 6.01  ? 96  VAL A HG11 1 
ATOM   1497 H  HG12 . VAL A 1 96 ? 6.914   3.886   0.493   1.00 7.32  ? 96  VAL A HG12 1 
ATOM   1498 H  HG13 . VAL A 1 96 ? 5.890   3.033   -0.268  1.00 4.93  ? 96  VAL A HG13 1 
ATOM   1499 H  HG21 . VAL A 1 96 ? 8.991   2.725   -0.507  1.00 6.01  ? 96  VAL A HG21 1 
ATOM   1500 H  HG22 . VAL A 1 96 ? 8.527   1.298   -1.098  1.00 6.10  ? 96  VAL A HG22 1 
ATOM   1501 H  HG23 . VAL A 1 96 ? 7.663   2.569   -1.363  1.00 2.53  ? 96  VAL A HG23 1 
ATOM   1502 N  N    . THR A 1 97 ? 10.359  2.924   1.832   1.00 6.76  ? 97  THR A N    1 
ATOM   1503 C  CA   . THR A 1 97 ? 11.388  3.948   1.904   1.00 6.56  ? 97  THR A CA   1 
ATOM   1504 C  C    . THR A 1 97 ? 11.811  4.308   0.462   1.00 6.91  ? 97  THR A C    1 
ATOM   1505 O  O    . THR A 1 97 ? 12.157  3.414   -0.294  1.00 10.18 ? 97  THR A O    1 
ATOM   1506 C  CB   . THR A 1 97 ? 12.627  3.509   2.699   1.00 10.10 ? 97  THR A CB   1 
ATOM   1507 O  OG1  . THR A 1 97 ? 12.187  3.168   3.991   1.00 12.66 ? 97  THR A OG1  1 
ATOM   1508 C  CG2  . THR A 1 97 ? 13.654  4.613   2.840   1.00 13.14 ? 97  THR A CG2  1 
ATOM   1509 H  H    . THR A 1 97 ? 10.653  2.112   1.504   1.00 5.66  ? 97  THR A H    1 
ATOM   1510 H  HA   . THR A 1 97 ? 11.029  4.741   2.323   1.00 8.34  ? 97  THR A HA   1 
ATOM   1511 H  HB   . THR A 1 97 ? 13.007  2.710   2.223   1.00 9.25  ? 97  THR A HB   1 
ATOM   1512 H  HG1  . THR A 1 97 ? 11.692  2.403   4.009   1.00 12.30 ? 97  THR A HG1  1 
ATOM   1513 H  HG21 . THR A 1 97 ? 13.255  5.406   3.338   1.00 11.77 ? 97  THR A HG21 1 
ATOM   1514 H  HG22 . THR A 1 97 ? 14.398  4.325   3.444   1.00 12.00 ? 97  THR A HG22 1 
ATOM   1515 H  HG23 . THR A 1 97 ? 13.983  4.855   1.967   1.00 13.75 ? 97  THR A HG23 1 
ATOM   1516 N  N    . VAL A 1 98 ? 11.723  5.570   0.165   1.00 6.54  ? 98  VAL A N    1 
ATOM   1517 C  CA   . VAL A 1 98 ? 12.110  6.105   -1.167  1.00 11.00 ? 98  VAL A CA   1 
ATOM   1518 C  C    . VAL A 1 98 ? 13.523  6.698   -0.911  1.00 10.11 ? 98  VAL A C    1 
ATOM   1519 O  O    . VAL A 1 98 ? 13.611  7.670   -0.177  1.00 8.82  ? 98  VAL A O    1 
ATOM   1520 C  CB   . VAL A 1 98 ? 11.096  7.085   -1.763  1.00 8.54  ? 98  VAL A CB   1 
ATOM   1521 C  CG1  . VAL A 1 98 ? 11.580  7.658   -3.099  1.00 10.67 ? 98  VAL A CG1  1 
ATOM   1522 C  CG2  . VAL A 1 98 ? 9.719   6.475   -1.895  1.00 12.21 ? 98  VAL A CG2  1 
ATOM   1523 H  H    . VAL A 1 98 ? 11.462  6.197   0.771   1.00 10.15 ? 98  VAL A H    1 
ATOM   1524 H  HA   . VAL A 1 98 ? 12.190  5.359   -1.764  1.00 8.60  ? 98  VAL A HA   1 
ATOM   1525 H  HB   . VAL A 1 98 ? 11.005  7.871   -1.128  1.00 8.68  ? 98  VAL A HB   1 
ATOM   1526 H  HG11 . VAL A 1 98 ? 12.600  7.676   -3.102  1.00 7.81  ? 98  VAL A HG11 1 
ATOM   1527 H  HG12 . VAL A 1 98 ? 11.249  7.339   -3.847  1.00 5.28  ? 98  VAL A HG12 1 
ATOM   1528 H  HG13 . VAL A 1 98 ? 11.426  8.678   -2.990  1.00 7.80  ? 98  VAL A HG13 1 
ATOM   1529 H  HG21 . VAL A 1 98 ? 9.688   5.541   -2.116  1.00 9.36  ? 98  VAL A HG21 1 
ATOM   1530 H  HG22 . VAL A 1 98 ? 9.293   6.472   -0.935  1.00 11.04 ? 98  VAL A HG22 1 
ATOM   1531 H  HG23 . VAL A 1 98 ? 9.135   6.998   -2.428  1.00 11.96 ? 98  VAL A HG23 1 
ATOM   1532 N  N    . ASN A 1 99 ? 14.525  6.058   -1.500  1.00 12.86 ? 99  ASN A N    1 
ATOM   1533 C  CA   . ASN A 1 99 ? 15.918  6.511   -1.284  1.00 17.59 ? 99  ASN A CA   1 
ATOM   1534 C  C    . ASN A 1 99 ? 16.630  6.738   -2.616  1.00 24.92 ? 99  ASN A C    1 
ATOM   1535 O  O    . ASN A 1 99 ? 16.026  6.412   -3.659  1.00 27.96 ? 99  ASN A O    1 
ATOM   1536 C  CB   . ASN A 1 99 ? 16.684  5.548   -0.346  1.00 25.68 ? 99  ASN A CB   1 
ATOM   1537 C  CG   . ASN A 1 99 ? 16.723  4.137   -0.887  1.00 27.89 ? 99  ASN A CG   1 
ATOM   1538 O  OD1  . ASN A 1 99 ? 16.337  3.922   -2.053  1.00 33.45 ? 99  ASN A OD1  1 
ATOM   1539 N  ND2  . ASN A 1 99 ? 17.150  3.177   -0.075  1.00 31.51 ? 99  ASN A ND2  1 
ATOM   1540 O  OXT  . ASN A 1 99 ? 17.771  7.272   -2.567  1.00 32.10 ? 99  ASN A OXT  1 
ATOM   1541 H  H    . ASN A 1 99 ? 14.388  5.336   -2.015  1.00 11.45 ? 99  ASN A H    1 
ATOM   1542 H  HA   . ASN A 1 99 ? 15.866  7.329   -0.756  1.00 18.40 ? 99  ASN A HA   1 
ATOM   1543 H  HB2  . ASN A 1 99 ? 17.641  5.832   -0.238  1.00 24.02 ? 99  ASN A HB2  1 
ATOM   1544 H  HB3  . ASN A 1 99 ? 16.336  5.565   0.570   1.00 22.17 ? 99  ASN A HB3  1 
ATOM   1545 H  HD21 . ASN A 1 99 ? 17.177  2.302   -0.374  1.00 29.75 ? 99  ASN A HD21 1 
ATOM   1546 H  HD22 . ASN A 1 99 ? 17.411  3.380   0.773   1.00 30.04 ? 99  ASN A HD22 1 
HETATM 1547 CU CU   . CU  B 2 .  ? -6.725  -5.848  3.722   1.00 8.78  ? 100 CU  A CU   1 
HETATM 1548 O  O    . HOH C 3 .  ? -1.846  14.996  2.530   1.00 20.28 ? 101 HOH A O    1 
HETATM 1549 O  O    . HOH C 3 .  ? 2.497   15.367  3.948   1.00 22.16 ? 102 HOH A O    1 
HETATM 1550 O  O    . HOH C 3 .  ? 10.875  0.713   4.399   1.00 16.99 ? 103 HOH A O    1 
HETATM 1551 O  O    . HOH C 3 .  ? 1.423   -6.430  6.299   0.94 6.45  ? 104 HOH A O    1 
HETATM 1552 O  O    . HOH C 3 .  ? 5.457   -9.841  -3.824  1.00 21.68 ? 105 HOH A O    1 
HETATM 1553 O  O    . HOH C 3 .  ? -12.351 -12.622 -7.264  1.00 20.74 ? 106 HOH A O    1 
HETATM 1554 O  O    . HOH C 3 .  ? -8.617  -5.798  11.365  1.00 15.10 ? 107 HOH A O    1 
HETATM 1555 O  O    . HOH C 3 .  ? 5.814   11.144  -3.660  1.00 16.07 ? 108 HOH A O    1 
HETATM 1556 O  O    . HOH C 3 .  ? 1.895   1.631   8.958   1.00 17.51 ? 109 HOH A O    1 
HETATM 1557 O  O    . HOH C 3 .  ? -3.771  -13.170 8.915   1.00 27.53 ? 110 HOH A O    1 
HETATM 1558 O  O    . HOH C 3 .  ? -9.752  8.062   -3.866  0.59 29.47 ? 111 HOH A O    1 
HETATM 1559 O  O    . HOH C 3 .  ? 15.453  8.428   1.666   0.88 22.20 ? 112 HOH A O    1 
HETATM 1560 O  O    . HOH C 3 .  ? -6.918  8.318   1.555   0.66 20.03 ? 113 HOH A O    1 
HETATM 1561 O  O    . HOH C 3 .  ? 15.350  7.524   -9.847  1.00 19.73 ? 114 HOH A O    1 
HETATM 1562 O  O    . HOH C 3 .  ? 3.602   -16.139 -4.099  0.64 16.18 ? 115 HOH A O    1 
HETATM 1563 O  O    . HOH C 3 .  ? -8.928  -15.333 -0.405  0.69 17.97 ? 116 HOH A O    1 
HETATM 1564 O  O    . HOH C 3 .  ? -4.946  13.972  -5.849  1.00 33.42 ? 117 HOH A O    1 
HETATM 1565 O  O    . HOH C 3 .  ? -7.351  9.146   -2.444  0.87 25.98 ? 118 HOH A O    1 
HETATM 1566 O  O    . HOH C 3 .  ? -4.880  8.180   -5.979  0.93 36.20 ? 119 HOH A O    1 
HETATM 1567 O  O    . HOH C 3 .  ? -14.114 -11.830 -5.399  0.52 14.88 ? 120 HOH A O    1 
HETATM 1568 O  O    . HOH C 3 .  ? -7.114  0.651   -8.827  0.64 20.69 ? 121 HOH A O    1 
HETATM 1569 O  O    . HOH C 3 .  ? -7.134  -3.961  -11.910 0.84 35.87 ? 122 HOH A O    1 
HETATM 1570 O  O    . HOH C 3 .  ? -4.836  9.193   3.447   0.92 28.03 ? 123 HOH A O    1 
HETATM 1571 O  O    . HOH C 3 .  ? -4.009  2.141   -10.258 0.98 30.52 ? 124 HOH A O    1 
HETATM 1572 O  O    . HOH C 3 .  ? 2.490   15.719  -3.431  1.00 23.67 ? 125 HOH A O    1 
HETATM 1573 O  O    . HOH C 3 .  ? -8.201  1.256   9.745   0.93 28.69 ? 126 HOH A O    1 
HETATM 1574 O  O    . HOH C 3 .  ? -0.102  14.860  4.483   0.74 23.14 ? 127 HOH A O    1 
HETATM 1575 O  O    . HOH C 3 .  ? 2.716   17.901  4.803   0.73 20.71 ? 128 HOH A O    1 
HETATM 1576 O  O    . HOH C 3 .  ? 4.813   16.802  -2.869  1.00 32.67 ? 129 HOH A O    1 
HETATM 1577 O  O    . HOH C 3 .  ? -8.410  -2.674  -10.073 1.00 54.84 ? 130 HOH A O    1 
HETATM 1578 O  O    . HOH C 3 .  ? -0.419  2.248   9.734   1.00 24.64 ? 131 HOH A O    1 
HETATM 1579 O  O    . HOH C 3 .  ? 6.579   10.007  -10.054 0.76 50.63 ? 132 HOH A O    1 
HETATM 1580 O  O    . HOH C 3 .  ? 9.366   14.654  5.838   0.65 13.23 ? 133 HOH A O    1 
HETATM 1581 O  O    . HOH C 3 .  ? 7.625   9.805   7.198   1.00 26.20 ? 134 HOH A O    1 
HETATM 1582 O  O    . HOH C 3 .  ? 12.836  14.241  -2.410  0.81 13.74 ? 135 HOH A O    1 
HETATM 1583 O  O    . HOH C 3 .  ? -3.790  -10.060 14.412  1.00 36.86 ? 136 HOH A O    1 
HETATM 1584 O  O    . HOH C 3 .  ? 12.483  6.326   -12.054 0.90 28.59 ? 137 HOH A O    1 
HETATM 1585 O  O    . HOH C 3 .  ? 6.620   6.322   7.942   0.91 18.90 ? 138 HOH A O    1 
HETATM 1586 O  O    . HOH C 3 .  ? 8.267   -8.446  -4.923  0.73 22.49 ? 139 HOH A O    1 
HETATM 1587 O  O    . HOH C 3 .  ? 4.565   -9.552  5.557   0.64 19.83 ? 140 HOH A O    1 
HETATM 1588 O  O    . HOH C 3 .  ? -14.784 -10.081 -2.360  1.00 34.52 ? 141 HOH A O    1 
HETATM 1589 O  O    . HOH C 3 .  ? 2.431   -16.887 5.859   0.68 25.65 ? 142 HOH A O    1 
HETATM 1590 O  O    . HOH C 3 .  ? 15.532  0.719   -7.944  0.89 31.27 ? 143 HOH A O    1 
HETATM 1591 O  O    . HOH C 3 .  ? -4.348  14.588  3.243   1.00 30.05 ? 144 HOH A O    1 
HETATM 1592 O  O    . HOH C 3 .  ? -6.634  11.893  -5.956  1.00 45.08 ? 145 HOH A O    1 
HETATM 1593 O  O    . HOH C 3 .  ? -8.489  -9.850  -12.164 0.53 22.42 ? 146 HOH A O    1 
HETATM 1594 O  O    . HOH C 3 .  ? -4.544  -17.676 -0.890  1.00 37.76 ? 147 HOH A O    1 
HETATM 1595 O  O    . HOH C 3 .  ? -9.314  7.908   3.606   0.98 37.63 ? 148 HOH A O    1 
HETATM 1596 O  O    . HOH C 3 .  ? -11.341 -13.150 0.239   0.76 28.28 ? 149 HOH A O    1 
HETATM 1597 O  O    . HOH C 3 .  ? 3.579   10.631  -6.721  1.00 26.95 ? 150 HOH A O    1 
HETATM 1598 O  O    . HOH C 3 .  ? -3.432  -9.113  -11.861 0.61 23.97 ? 151 HOH A O    1 
HETATM 1599 O  O    . HOH C 3 .  ? -2.419  9.563   11.202  0.98 32.56 ? 152 HOH A O    1 
HETATM 1600 O  O    . HOH C 3 .  ? 10.319  -7.961  -3.314  0.43 19.21 ? 153 HOH A O    1 
HETATM 1601 O  O    . HOH C 3 .  ? 3.255   13.965  6.742   1.00 33.94 ? 154 HOH A O    1 
HETATM 1602 O  O    . HOH C 3 .  ? -7.385  -16.340 -2.972  0.86 36.21 ? 155 HOH A O    1 
HETATM 1603 O  O    . HOH C 3 .  ? -7.660  -14.334 5.392   0.53 21.87 ? 156 HOH A O    1 
HETATM 1604 O  O    . HOH C 3 .  ? 19.765  6.898   -0.198  0.68 57.69 ? 157 HOH A O    1 
HETATM 1605 O  O    . HOH C 3 .  ? 8.786   1.914   -12.772 0.85 33.28 ? 158 HOH A O    1 
HETATM 1606 O  O    . HOH C 3 .  ? 12.809  -2.456  -5.350  0.63 27.70 ? 159 HOH A O    1 
HETATM 1607 O  O    . HOH C 3 .  ? -1.460  -12.583 -7.129  0.77 29.50 ? 160 HOH A O    1 
HETATM 1608 O  O    . HOH C 3 .  ? -1.438  -9.718  9.763   0.74 22.72 ? 161 HOH A O    1 
HETATM 1609 O  O    . HOH C 3 .  ? 0.399   -15.285 -5.622  1.00 26.27 ? 162 HOH A O    1 
HETATM 1610 O  O    . HOH C 3 .  ? 9.222   11.708  6.806   0.84 25.81 ? 163 HOH A O    1 
HETATM 1611 O  O    . HOH C 3 .  ? 3.086   4.628   11.661  0.48 45.67 ? 164 HOH A O    1 
HETATM 1612 O  O    . HOH C 3 .  ? 8.475   -7.455  4.781   1.00 39.08 ? 165 HOH A O    1 
HETATM 1613 O  O    . HOH C 3 .  ? 1.767   13.205  -3.972  0.49 19.93 ? 166 HOH A O    1 
HETATM 1614 O  O    . HOH C 3 .  ? 16.833  2.093   2.915   0.75 38.78 ? 167 HOH A O    1 
HETATM 1615 O  O    . HOH C 3 .  ? -3.794  -12.273 -7.788  1.00 37.09 ? 168 HOH A O    1 
HETATM 1616 O  O    . HOH C 3 .  ? -2.763  -17.707 -4.055  1.00 57.06 ? 169 HOH A O    1 
HETATM 1617 O  O    . HOH C 3 .  ? -5.298  -4.514  17.659  1.00 77.63 ? 170 HOH A O    1 
HETATM 1618 O  O    . HOH C 3 .  ? 13.095  12.630  -5.791  0.62 22.98 ? 171 HOH A O    1 
HETATM 1619 O  O    . HOH C 3 .  ? -5.715  16.502  2.315   0.69 27.13 ? 172 HOH A O    1 
HETATM 1620 O  O    . HOH C 3 .  ? 2.390   -15.202 -7.423  0.69 30.37 ? 173 HOH A O    1 
HETATM 1621 O  O    . HOH C 3 .  ? 10.138  -2.453  -9.568  0.45 17.71 ? 174 HOH A O    1 
HETATM 1622 O  O    . HOH C 3 .  ? 5.322   -11.058 -5.996  0.62 25.62 ? 175 HOH A O    1 
HETATM 1623 O  O    . HOH C 3 .  ? 8.441   -7.594  -7.835  1.00 30.88 ? 176 HOH A O    1 
HETATM 1624 O  O    . HOH C 3 .  ? -11.331 0.065   -6.779  0.58 20.78 ? 177 HOH A O    1 
HETATM 1625 O  O    . HOH C 3 .  ? 14.133  3.052   6.020   0.55 23.07 ? 178 HOH A O    1 
HETATM 1626 O  O    . HOH C 3 .  ? 18.088  4.479   2.445   0.53 32.69 ? 179 HOH A O    1 
HETATM 1627 O  O    . HOH C 3 .  ? 12.095  -3.303  10.421  0.74 35.90 ? 180 HOH A O    1 
HETATM 1628 O  O    . HOH C 3 .  ? -1.910  6.784   -7.564  1.00 55.01 ? 181 HOH A O    1 
HETATM 1629 O  O    . HOH C 3 .  ? -7.754  -13.800 9.985   0.73 48.58 ? 182 HOH A O    1 
HETATM 1630 O  O    . HOH C 3 .  ? -10.222 -12.902 5.265   0.43 27.23 ? 183 HOH A O    1 
HETATM 1631 O  O    . HOH C 3 .  ? 6.097   15.648  -5.701  0.34 20.26 ? 184 HOH A O    1 
HETATM 1632 O  O    . HOH C 3 .  ? -13.795 8.138   -1.606  1.00 23.32 ? 185 HOH A O    1 
HETATM 1633 O  O    . HOH C 3 .  ? 7.187   17.045  -0.404  0.64 38.93 ? 186 HOH A O    1 
HETATM 1634 O  O    . HOH C 3 .  ? -10.644 -11.202 4.969   0.52 17.29 ? 187 HOH A O    1 
HETATM 1635 O  O    . HOH C 3 .  ? -17.009 -6.340  -0.051  0.95 57.93 ? 188 HOH A O    1 
HETATM 1636 O  O    . HOH C 3 .  ? -4.218  8.776   5.745   1.00 44.83 ? 189 HOH A O    1 
HETATM 1637 O  O    . HOH C 3 .  ? -6.376  -14.615 7.395   0.50 23.27 ? 190 HOH A O    1 
HETATM 1638 O  O    . HOH C 3 .  ? 6.467   -4.019  -10.737 0.41 14.21 ? 191 HOH A O    1 
HETATM 1639 O  O    . HOH C 3 .  ? 1.647   -17.614 -8.770  1.00 41.27 ? 192 HOH A O    1 
HETATM 1640 O  O    . HOH C 3 .  ? -7.983  15.100  0.299   0.70 31.09 ? 193 HOH A O    1 
HETATM 1641 O  O    . HOH C 3 .  ? 1.684   -6.741  11.236  1.00 14.54 ? 194 HOH A O    1 
HETATM 1642 O  O    . HOH C 3 .  ? 7.513   -10.646 -7.003  0.58 33.37 ? 195 HOH A O    1 
HETATM 1643 O  O    . HOH C 3 .  ? -1.316  -19.892 7.531   0.37 18.77 ? 196 HOH A O    1 
HETATM 1644 O  O    . HOH C 3 .  ? 0.036   18.973  5.923   0.41 16.88 ? 197 HOH A O    1 
HETATM 1645 O  O    . HOH C 3 .  ? -8.352  16.282  3.617   0.38 12.99 ? 198 HOH A O    1 
HETATM 1646 O  O    . HOH C 3 .  ? 12.989  -1.309  3.283   0.75 32.55 ? 199 HOH A O    1 
HETATM 1647 O  O    . HOH C 3 .  ? -6.162  1.727   -12.013 0.90 57.13 ? 200 HOH A O    1 
HETATM 1648 O  O    . HOH C 3 .  ? -1.175  -12.310 9.965   0.45 23.16 ? 201 HOH A O    1 
HETATM 1649 O  O    . HOH C 3 .  ? -4.183  7.579   8.037   0.74 27.01 ? 202 HOH A O    1 
HETATM 1650 O  O    . HOH C 3 .  ? 17.049  2.088   -4.469  1.00 53.19 ? 203 HOH A O    1 
HETATM 1651 O  O    . HOH C 3 .  ? 8.183   7.167   9.722   0.85 45.25 ? 204 HOH A O    1 
HETATM 1652 O  O    . HOH C 3 .  ? 12.337  -5.771  -0.278  1.00 47.05 ? 205 HOH A O    1 
HETATM 1653 O  O    . HOH C 3 .  ? 8.772   -5.675  -11.759 0.40 26.88 ? 206 HOH A O    1 
HETATM 1654 O  O    . HOH C 3 .  ? -4.126  10.266  -8.076  0.64 39.41 ? 207 HOH A O    1 
HETATM 1655 O  O    . HOH C 3 .  ? 17.995  7.557   -5.751  0.59 38.12 ? 208 HOH A O    1 
HETATM 1656 O  O    . HOH C 3 .  ? -5.511  4.544   12.489  0.82 48.17 ? 209 HOH A O    1 
HETATM 1657 O  O    . HOH C 3 .  ? -2.697  5.568   -9.966  1.00 59.97 ? 210 HOH A O    1 
# 
